data_2ROB
#
_entry.id   2ROB
#
loop_
_entity.id
_entity.type
_entity.pdbx_description
1 polymer Calmodulin
2 non-polymer 'CALCIUM ION'
#
_entity_poly.entity_id   1
_entity_poly.type   'polypeptide(L)'
_entity_poly.pdbx_seq_one_letter_code
;DAEEELKEAFKVFDKDQNGYISASELRHVMINLGEKLTDEEVEQMIKEADLDGDGQVNYEEFVKMMMTVR
;
_entity_poly.pdbx_strand_id   A
#
# COMPACT_ATOMS: atom_id res chain seq x y z
N ASP A 1 -4.94 -7.52 -18.00
CA ASP A 1 -3.63 -6.88 -17.73
C ASP A 1 -3.67 -6.11 -16.41
N ALA A 2 -4.83 -5.57 -16.08
CA ALA A 2 -4.97 -4.82 -14.83
C ALA A 2 -4.46 -5.67 -13.67
N GLU A 3 -4.89 -6.92 -13.60
CA GLU A 3 -4.47 -7.80 -12.53
C GLU A 3 -2.96 -8.04 -12.59
N GLU A 4 -2.41 -8.00 -13.80
CA GLU A 4 -0.97 -8.18 -13.96
C GLU A 4 -0.25 -6.96 -13.43
N GLU A 5 -0.42 -5.82 -14.10
CA GLU A 5 0.23 -4.59 -13.67
C GLU A 5 0.04 -4.40 -12.17
N LEU A 6 -1.18 -4.61 -11.67
CA LEU A 6 -1.44 -4.45 -10.24
C LEU A 6 -0.62 -5.45 -9.44
N LYS A 7 -0.60 -6.70 -9.89
CA LYS A 7 0.16 -7.72 -9.20
C LYS A 7 1.65 -7.40 -9.23
N GLU A 8 2.12 -6.91 -10.37
CA GLU A 8 3.53 -6.56 -10.49
C GLU A 8 3.89 -5.46 -9.51
N ALA A 9 3.19 -4.33 -9.60
CA ALA A 9 3.46 -3.21 -8.70
C ALA A 9 3.44 -3.71 -7.25
N PHE A 10 2.44 -4.52 -6.92
CA PHE A 10 2.33 -5.07 -5.58
C PHE A 10 3.60 -5.81 -5.20
N LYS A 11 4.11 -6.60 -6.14
CA LYS A 11 5.32 -7.37 -5.89
C LYS A 11 6.49 -6.42 -5.60
N VAL A 12 6.49 -5.25 -6.23
CA VAL A 12 7.56 -4.29 -6.00
C VAL A 12 7.48 -3.70 -4.59
N PHE A 13 6.28 -3.30 -4.18
CA PHE A 13 6.11 -2.73 -2.84
C PHE A 13 6.39 -3.78 -1.78
N ASP A 14 6.06 -5.03 -2.08
CA ASP A 14 6.28 -6.10 -1.13
C ASP A 14 7.77 -6.41 -0.99
N LYS A 15 8.55 -5.41 -0.59
CA LYS A 15 9.99 -5.61 -0.45
C LYS A 15 10.27 -6.89 0.33
N ASP A 16 9.56 -7.10 1.43
CA ASP A 16 9.75 -8.29 2.24
C ASP A 16 9.18 -9.51 1.52
N GLN A 17 8.47 -9.27 0.44
CA GLN A 17 7.87 -10.36 -0.32
C GLN A 17 7.04 -11.25 0.61
N ASN A 18 6.45 -10.65 1.64
CA ASN A 18 5.66 -11.43 2.60
C ASN A 18 4.20 -11.53 2.16
N GLY A 19 3.91 -11.07 0.94
CA GLY A 19 2.54 -11.12 0.43
C GLY A 19 1.69 -10.00 1.01
N TYR A 20 2.24 -9.24 1.95
CA TYR A 20 1.52 -8.13 2.58
C TYR A 20 2.39 -6.87 2.57
N ILE A 21 1.81 -5.73 2.19
CA ILE A 21 2.58 -4.49 2.18
C ILE A 21 2.57 -3.88 3.58
N SER A 22 3.76 -3.57 4.10
CA SER A 22 3.88 -2.99 5.44
C SER A 22 3.91 -1.47 5.38
N ALA A 23 3.54 -0.81 6.48
CA ALA A 23 3.55 0.64 6.49
C ALA A 23 4.90 1.17 6.05
N SER A 24 5.97 0.55 6.53
CA SER A 24 7.32 0.98 6.16
C SER A 24 7.51 0.87 4.64
N GLU A 25 7.01 -0.20 4.04
CA GLU A 25 7.14 -0.37 2.61
C GLU A 25 6.37 0.73 1.87
N LEU A 26 5.20 1.09 2.38
CA LEU A 26 4.41 2.15 1.75
C LEU A 26 5.15 3.48 1.83
N ARG A 27 5.74 3.77 2.97
CA ARG A 27 6.46 5.02 3.13
C ARG A 27 7.58 5.11 2.11
N HIS A 28 8.40 4.07 2.02
CA HIS A 28 9.50 4.05 1.07
C HIS A 28 8.98 4.37 -0.33
N VAL A 29 7.84 3.80 -0.67
CA VAL A 29 7.24 4.04 -1.97
C VAL A 29 6.89 5.52 -2.11
N MET A 30 6.31 6.10 -1.07
CA MET A 30 5.93 7.51 -1.12
C MET A 30 7.15 8.37 -1.43
N ILE A 31 8.28 8.04 -0.82
CA ILE A 31 9.51 8.79 -1.06
C ILE A 31 9.95 8.62 -2.51
N ASN A 32 9.88 7.38 -3.00
CA ASN A 32 10.26 7.10 -4.37
C ASN A 32 9.40 7.91 -5.33
N LEU A 33 8.13 8.09 -5.00
CA LEU A 33 7.23 8.86 -5.83
C LEU A 33 7.47 10.35 -5.66
N GLY A 34 8.36 10.71 -4.75
CA GLY A 34 8.66 12.12 -4.52
C GLY A 34 7.57 12.77 -3.66
N GLU A 35 6.81 11.95 -2.95
CA GLU A 35 5.74 12.43 -2.07
C GLU A 35 6.05 12.05 -0.63
N LYS A 36 5.80 12.98 0.30
CA LYS A 36 6.06 12.71 1.72
C LYS A 36 4.90 13.25 2.58
N LEU A 37 4.15 12.36 3.20
CA LEU A 37 3.03 12.76 4.04
C LEU A 37 3.43 12.65 5.51
N THR A 38 2.67 13.29 6.39
CA THR A 38 2.99 13.24 7.82
C THR A 38 2.75 11.82 8.34
N ASP A 39 3.32 11.50 9.49
CA ASP A 39 3.14 10.16 10.06
C ASP A 39 1.66 9.90 10.33
N GLU A 40 0.95 10.91 10.78
CA GLU A 40 -0.47 10.77 11.05
C GLU A 40 -1.23 10.51 9.76
N GLU A 41 -0.76 11.07 8.66
CA GLU A 41 -1.42 10.86 7.38
C GLU A 41 -1.22 9.43 6.90
N VAL A 42 0.02 8.97 6.93
CA VAL A 42 0.32 7.62 6.51
C VAL A 42 -0.37 6.61 7.43
N GLU A 43 -0.25 6.82 8.74
CA GLU A 43 -0.86 5.91 9.70
C GLU A 43 -2.37 5.82 9.44
N GLN A 44 -2.98 6.94 9.10
CA GLN A 44 -4.42 6.95 8.82
C GLN A 44 -4.71 6.16 7.54
N MET A 45 -3.84 6.28 6.55
CA MET A 45 -4.04 5.58 5.30
C MET A 45 -4.02 4.07 5.52
N ILE A 46 -3.06 3.61 6.31
CA ILE A 46 -2.97 2.18 6.60
C ILE A 46 -4.22 1.71 7.31
N LYS A 47 -4.62 2.44 8.34
CA LYS A 47 -5.81 2.10 9.09
C LYS A 47 -7.06 2.21 8.23
N GLU A 48 -7.16 3.29 7.47
CA GLU A 48 -8.30 3.51 6.61
C GLU A 48 -8.36 2.48 5.49
N ALA A 49 -7.19 2.14 4.97
CA ALA A 49 -7.12 1.18 3.87
C ALA A 49 -7.33 -0.25 4.36
N ASP A 50 -6.94 -0.50 5.60
CA ASP A 50 -7.06 -1.84 6.16
C ASP A 50 -8.49 -2.15 6.54
N LEU A 51 -9.07 -3.13 5.86
CA LEU A 51 -10.45 -3.52 6.13
C LEU A 51 -10.52 -4.53 7.27
N ASP A 52 -9.45 -5.30 7.46
CA ASP A 52 -9.43 -6.32 8.52
C ASP A 52 -8.66 -5.83 9.74
N GLY A 53 -8.36 -4.54 9.80
CA GLY A 53 -7.64 -4.00 10.94
C GLY A 53 -6.46 -4.90 11.34
N ASP A 54 -5.93 -5.65 10.36
CA ASP A 54 -4.80 -6.52 10.64
C ASP A 54 -3.53 -5.72 10.85
N GLY A 55 -3.56 -4.45 10.42
CA GLY A 55 -2.42 -3.57 10.56
C GLY A 55 -1.57 -3.58 9.31
N GLN A 56 -1.88 -4.53 8.43
CA GLN A 56 -1.14 -4.68 7.18
C GLN A 56 -2.04 -4.45 5.99
N VAL A 57 -1.52 -3.76 4.98
CA VAL A 57 -2.31 -3.52 3.78
C VAL A 57 -2.22 -4.75 2.88
N ASN A 58 -3.34 -5.42 2.65
CA ASN A 58 -3.36 -6.61 1.80
C ASN A 58 -3.69 -6.22 0.36
N TYR A 59 -3.45 -7.13 -0.58
CA TYR A 59 -3.71 -6.83 -1.98
C TYR A 59 -5.11 -6.25 -2.18
N GLU A 60 -6.12 -6.90 -1.59
CA GLU A 60 -7.49 -6.43 -1.73
C GLU A 60 -7.63 -4.99 -1.22
N GLU A 61 -6.99 -4.70 -0.11
CA GLU A 61 -7.07 -3.36 0.45
C GLU A 61 -6.30 -2.40 -0.44
N PHE A 62 -5.15 -2.84 -0.96
CA PHE A 62 -4.35 -1.98 -1.81
C PHE A 62 -5.11 -1.61 -3.07
N VAL A 63 -5.56 -2.64 -3.79
CA VAL A 63 -6.30 -2.40 -5.02
C VAL A 63 -7.52 -1.56 -4.72
N LYS A 64 -8.21 -1.89 -3.63
CA LYS A 64 -9.39 -1.15 -3.23
C LYS A 64 -9.02 0.30 -2.95
N MET A 65 -7.97 0.49 -2.16
CA MET A 65 -7.51 1.84 -1.84
C MET A 65 -7.06 2.53 -3.11
N MET A 66 -6.42 1.77 -3.97
CA MET A 66 -5.94 2.32 -5.24
C MET A 66 -7.13 2.74 -6.10
N MET A 67 -8.19 1.94 -6.07
CA MET A 67 -9.38 2.26 -6.85
C MET A 67 -10.00 3.57 -6.34
N THR A 68 -9.95 3.77 -5.04
CA THR A 68 -10.52 4.98 -4.44
C THR A 68 -9.80 6.21 -4.97
N VAL A 69 -8.56 6.40 -4.54
CA VAL A 69 -7.77 7.55 -4.98
C VAL A 69 -7.49 7.46 -6.48
N ARG A 70 -7.10 6.27 -6.94
CA ARG A 70 -6.82 6.08 -8.37
C ARG A 70 -5.91 7.19 -8.88
N ASP A 1 -2.12 -6.99 -18.26
CA ASP A 1 -3.54 -6.61 -17.95
C ASP A 1 -3.58 -5.87 -16.62
N ALA A 2 -4.75 -5.32 -16.29
CA ALA A 2 -4.90 -4.58 -15.05
C ALA A 2 -4.42 -5.43 -13.88
N GLU A 3 -4.89 -6.68 -13.83
CA GLU A 3 -4.50 -7.57 -12.75
C GLU A 3 -2.98 -7.83 -12.81
N GLU A 4 -2.43 -7.81 -14.00
CA GLU A 4 -0.99 -8.02 -14.14
C GLU A 4 -0.25 -6.86 -13.50
N GLU A 5 -0.35 -5.68 -14.10
CA GLU A 5 0.33 -4.51 -13.57
C GLU A 5 0.12 -4.41 -12.06
N LEU A 6 -1.12 -4.62 -11.61
CA LEU A 6 -1.40 -4.54 -10.17
C LEU A 6 -0.61 -5.60 -9.42
N LYS A 7 -0.59 -6.82 -9.94
CA LYS A 7 0.15 -7.89 -9.30
C LYS A 7 1.64 -7.58 -9.28
N GLU A 8 2.15 -7.07 -10.40
CA GLU A 8 3.55 -6.74 -10.48
C GLU A 8 3.89 -5.61 -9.52
N ALA A 9 3.17 -4.50 -9.64
CA ALA A 9 3.42 -3.37 -8.75
C ALA A 9 3.40 -3.83 -7.30
N PHE A 10 2.41 -4.64 -6.96
CA PHE A 10 2.30 -5.15 -5.60
C PHE A 10 3.60 -5.86 -5.19
N LYS A 11 4.10 -6.71 -6.08
CA LYS A 11 5.34 -7.43 -5.80
C LYS A 11 6.49 -6.45 -5.55
N VAL A 12 6.45 -5.30 -6.21
CA VAL A 12 7.50 -4.30 -6.02
C VAL A 12 7.41 -3.68 -4.61
N PHE A 13 6.21 -3.29 -4.22
CA PHE A 13 6.01 -2.70 -2.89
C PHE A 13 6.31 -3.71 -1.81
N ASP A 14 5.98 -4.96 -2.07
CA ASP A 14 6.21 -6.02 -1.09
C ASP A 14 7.70 -6.33 -0.99
N LYS A 15 8.50 -5.34 -0.58
CA LYS A 15 9.94 -5.55 -0.47
C LYS A 15 10.23 -6.82 0.34
N ASP A 16 9.54 -6.97 1.47
CA ASP A 16 9.74 -8.14 2.32
C ASP A 16 9.19 -9.38 1.64
N GLN A 17 8.53 -9.18 0.51
CA GLN A 17 7.94 -10.30 -0.22
C GLN A 17 7.12 -11.17 0.73
N ASN A 18 6.62 -10.57 1.80
CA ASN A 18 5.82 -11.32 2.78
C ASN A 18 4.39 -11.49 2.31
N GLY A 19 4.09 -11.01 1.11
CA GLY A 19 2.74 -11.12 0.56
C GLY A 19 1.84 -9.98 1.06
N TYR A 20 2.36 -9.17 1.98
CA TYR A 20 1.60 -8.04 2.53
C TYR A 20 2.45 -6.78 2.52
N ILE A 21 1.86 -5.64 2.12
CA ILE A 21 2.61 -4.40 2.09
C ILE A 21 2.61 -3.80 3.50
N SER A 22 3.80 -3.55 4.04
CA SER A 22 3.93 -3.00 5.39
C SER A 22 3.93 -1.47 5.35
N ALA A 23 3.53 -0.83 6.45
CA ALA A 23 3.50 0.61 6.49
C ALA A 23 4.86 1.18 6.11
N SER A 24 5.93 0.57 6.62
CA SER A 24 7.27 1.02 6.30
C SER A 24 7.53 0.95 4.80
N GLU A 25 7.08 -0.13 4.14
CA GLU A 25 7.26 -0.26 2.73
C GLU A 25 6.48 0.82 1.98
N LEU A 26 5.29 1.16 2.48
CA LEU A 26 4.48 2.20 1.85
C LEU A 26 5.20 3.55 1.90
N ARG A 27 5.81 3.83 3.04
CA ARG A 27 6.53 5.09 3.19
C ARG A 27 7.66 5.17 2.18
N HIS A 28 8.43 4.09 2.06
CA HIS A 28 9.53 4.07 1.11
C HIS A 28 9.01 4.34 -0.30
N VAL A 29 7.88 3.72 -0.64
CA VAL A 29 7.29 3.93 -1.95
C VAL A 29 6.89 5.39 -2.13
N MET A 30 6.24 5.96 -1.12
CA MET A 30 5.83 7.36 -1.19
C MET A 30 7.04 8.26 -1.41
N ILE A 31 8.13 7.96 -0.70
CA ILE A 31 9.35 8.75 -0.86
C ILE A 31 9.90 8.59 -2.28
N ASN A 32 9.90 7.35 -2.77
CA ASN A 32 10.41 7.08 -4.11
C ASN A 32 9.58 7.84 -5.14
N LEU A 33 8.28 7.96 -4.87
CA LEU A 33 7.40 8.68 -5.79
C LEU A 33 7.58 10.19 -5.65
N GLY A 34 8.42 10.60 -4.72
CA GLY A 34 8.65 12.02 -4.51
C GLY A 34 7.54 12.64 -3.68
N GLU A 35 6.75 11.80 -3.02
CA GLU A 35 5.64 12.27 -2.18
C GLU A 35 5.95 11.96 -0.72
N LYS A 36 5.77 12.95 0.16
CA LYS A 36 6.04 12.75 1.60
C LYS A 36 4.86 13.25 2.43
N LEU A 37 4.10 12.32 3.00
CA LEU A 37 2.94 12.68 3.82
C LEU A 37 3.30 12.57 5.29
N THR A 38 2.57 13.27 6.15
CA THR A 38 2.85 13.22 7.57
C THR A 38 2.60 11.81 8.09
N ASP A 39 3.18 11.47 9.24
CA ASP A 39 2.99 10.14 9.80
C ASP A 39 1.51 9.88 10.09
N GLU A 40 0.82 10.90 10.57
CA GLU A 40 -0.60 10.77 10.88
C GLU A 40 -1.39 10.42 9.61
N GLU A 41 -0.94 10.93 8.47
CA GLU A 41 -1.61 10.64 7.22
C GLU A 41 -1.35 9.20 6.79
N VAL A 42 -0.09 8.80 6.81
CA VAL A 42 0.26 7.42 6.43
C VAL A 42 -0.41 6.44 7.38
N GLU A 43 -0.30 6.69 8.69
CA GLU A 43 -0.91 5.80 9.67
C GLU A 43 -2.41 5.70 9.43
N GLN A 44 -3.04 6.81 9.06
CA GLN A 44 -4.46 6.81 8.79
C GLN A 44 -4.77 6.03 7.51
N MET A 45 -3.92 6.19 6.50
CA MET A 45 -4.13 5.50 5.25
C MET A 45 -4.10 3.99 5.46
N ILE A 46 -3.13 3.51 6.22
CA ILE A 46 -3.03 2.09 6.50
C ILE A 46 -4.27 1.60 7.23
N LYS A 47 -4.65 2.34 8.27
CA LYS A 47 -5.83 1.99 9.04
C LYS A 47 -7.09 2.11 8.19
N GLU A 48 -7.18 3.19 7.43
CA GLU A 48 -8.34 3.42 6.57
C GLU A 48 -8.39 2.38 5.46
N ALA A 49 -7.22 2.03 4.95
CA ALA A 49 -7.16 1.05 3.86
C ALA A 49 -7.38 -0.37 4.38
N ASP A 50 -7.02 -0.61 5.63
CA ASP A 50 -7.16 -1.93 6.22
C ASP A 50 -8.61 -2.20 6.61
N LEU A 51 -9.19 -3.19 5.97
CA LEU A 51 -10.58 -3.55 6.25
C LEU A 51 -10.68 -4.45 7.47
N ASP A 52 -9.61 -5.19 7.76
CA ASP A 52 -9.60 -6.11 8.91
C ASP A 52 -8.71 -5.59 10.03
N GLY A 53 -8.33 -4.32 9.98
CA GLY A 53 -7.48 -3.75 11.02
C GLY A 53 -6.40 -4.74 11.45
N ASP A 54 -5.65 -5.27 10.49
CA ASP A 54 -4.59 -6.23 10.81
C ASP A 54 -3.24 -5.52 10.91
N GLY A 55 -3.18 -4.31 10.34
CA GLY A 55 -1.95 -3.53 10.36
C GLY A 55 -1.20 -3.70 9.06
N GLN A 56 -1.62 -4.66 8.26
CA GLN A 56 -0.97 -4.95 6.99
C GLN A 56 -1.93 -4.70 5.84
N VAL A 57 -1.46 -3.97 4.84
CA VAL A 57 -2.30 -3.71 3.67
C VAL A 57 -2.22 -4.92 2.74
N ASN A 58 -3.36 -5.56 2.49
CA ASN A 58 -3.38 -6.73 1.59
C ASN A 58 -3.74 -6.29 0.17
N TYR A 59 -3.57 -7.20 -0.78
CA TYR A 59 -3.86 -6.87 -2.18
C TYR A 59 -5.25 -6.24 -2.33
N GLU A 60 -6.26 -6.84 -1.70
CA GLU A 60 -7.62 -6.32 -1.78
C GLU A 60 -7.68 -4.88 -1.26
N GLU A 61 -7.07 -4.63 -0.11
CA GLU A 61 -7.08 -3.29 0.44
C GLU A 61 -6.31 -2.34 -0.46
N PHE A 62 -5.19 -2.81 -0.99
CA PHE A 62 -4.39 -1.98 -1.88
C PHE A 62 -5.20 -1.64 -3.12
N VAL A 63 -5.79 -2.66 -3.73
CA VAL A 63 -6.61 -2.45 -4.92
C VAL A 63 -7.75 -1.50 -4.57
N LYS A 64 -8.41 -1.78 -3.45
CA LYS A 64 -9.52 -0.94 -3.01
C LYS A 64 -9.03 0.47 -2.74
N MET A 65 -7.93 0.57 -1.99
CA MET A 65 -7.35 1.87 -1.68
C MET A 65 -6.89 2.54 -2.97
N MET A 66 -6.34 1.73 -3.84
CA MET A 66 -5.86 2.24 -5.12
C MET A 66 -7.02 2.81 -5.92
N MET A 67 -8.17 2.15 -5.85
CA MET A 67 -9.34 2.62 -6.56
C MET A 67 -9.78 3.97 -6.00
N THR A 68 -9.72 4.11 -4.69
CA THR A 68 -10.11 5.36 -4.04
C THR A 68 -9.48 6.54 -4.75
N VAL A 69 -8.45 6.28 -5.55
CA VAL A 69 -7.77 7.34 -6.28
C VAL A 69 -8.57 7.72 -7.53
N ARG A 70 -9.68 7.04 -7.75
CA ARG A 70 -10.53 7.34 -8.90
C ARG A 70 -9.69 7.34 -10.18
N ASP A 1 -4.55 -7.49 -18.19
CA ASP A 1 -3.50 -6.44 -18.19
C ASP A 1 -3.50 -5.70 -16.86
N ALA A 2 -4.60 -5.01 -16.57
CA ALA A 2 -4.69 -4.26 -15.32
C ALA A 2 -4.29 -5.16 -14.16
N GLU A 3 -4.83 -6.38 -14.14
CA GLU A 3 -4.53 -7.32 -13.08
C GLU A 3 -3.05 -7.67 -13.10
N GLU A 4 -2.48 -7.71 -14.29
CA GLU A 4 -1.07 -8.03 -14.42
C GLU A 4 -0.24 -6.88 -13.86
N GLU A 5 -0.28 -5.74 -14.53
CA GLU A 5 0.47 -4.57 -14.08
C GLU A 5 0.26 -4.36 -12.59
N LEU A 6 -0.98 -4.48 -12.13
CA LEU A 6 -1.27 -4.29 -10.71
C LEU A 6 -0.55 -5.36 -9.88
N LYS A 7 -0.61 -6.61 -10.34
CA LYS A 7 0.03 -7.70 -9.63
C LYS A 7 1.53 -7.45 -9.53
N GLU A 8 2.11 -6.91 -10.60
CA GLU A 8 3.53 -6.62 -10.62
C GLU A 8 3.85 -5.52 -9.62
N ALA A 9 3.13 -4.41 -9.72
CA ALA A 9 3.38 -3.29 -8.82
C ALA A 9 3.33 -3.77 -7.37
N PHE A 10 2.31 -4.57 -7.05
CA PHE A 10 2.18 -5.09 -5.69
C PHE A 10 3.43 -5.85 -5.30
N LYS A 11 3.93 -6.68 -6.21
CA LYS A 11 5.14 -7.45 -5.95
C LYS A 11 6.32 -6.53 -5.67
N VAL A 12 6.33 -5.38 -6.33
CA VAL A 12 7.42 -4.43 -6.14
C VAL A 12 7.33 -3.79 -4.74
N PHE A 13 6.12 -3.45 -4.32
CA PHE A 13 5.92 -2.83 -3.02
C PHE A 13 6.36 -3.78 -1.90
N ASP A 14 6.14 -5.07 -2.11
CA ASP A 14 6.51 -6.04 -1.11
C ASP A 14 8.03 -6.20 -1.04
N LYS A 15 8.70 -5.20 -0.48
CA LYS A 15 10.15 -5.26 -0.38
C LYS A 15 10.59 -6.57 0.25
N ASP A 16 9.96 -6.93 1.37
CA ASP A 16 10.31 -8.17 2.07
C ASP A 16 9.65 -9.36 1.37
N GLN A 17 8.91 -9.09 0.32
CA GLN A 17 8.23 -10.15 -0.42
C GLN A 17 7.45 -11.06 0.54
N ASN A 18 6.84 -10.46 1.56
CA ASN A 18 6.08 -11.25 2.53
C ASN A 18 4.66 -11.49 2.06
N GLY A 19 4.32 -10.94 0.90
CA GLY A 19 2.97 -11.10 0.34
C GLY A 19 2.02 -9.99 0.81
N TYR A 20 2.51 -9.13 1.69
CA TYR A 20 1.71 -8.02 2.22
C TYR A 20 2.48 -6.72 2.08
N ILE A 21 1.83 -5.59 2.37
CA ILE A 21 2.50 -4.28 2.28
C ILE A 21 2.46 -3.61 3.66
N SER A 22 3.62 -3.14 4.12
CA SER A 22 3.72 -2.49 5.43
C SER A 22 3.90 -0.98 5.26
N ALA A 23 3.51 -0.22 6.28
CA ALA A 23 3.63 1.23 6.21
C ALA A 23 5.07 1.60 5.84
N SER A 24 6.03 0.88 6.40
CA SER A 24 7.44 1.15 6.11
C SER A 24 7.71 0.97 4.62
N GLU A 25 7.16 -0.08 4.03
CA GLU A 25 7.36 -0.32 2.62
C GLU A 25 6.59 0.70 1.79
N LEU A 26 5.36 0.99 2.20
CA LEU A 26 4.52 1.97 1.49
C LEU A 26 5.11 3.37 1.57
N ARG A 27 5.53 3.76 2.76
CA ARG A 27 6.11 5.09 2.95
C ARG A 27 7.42 5.21 2.16
N HIS A 28 8.28 4.20 2.29
CA HIS A 28 9.55 4.21 1.60
C HIS A 28 9.32 4.35 0.10
N VAL A 29 8.35 3.62 -0.40
CA VAL A 29 8.01 3.68 -1.82
C VAL A 29 7.47 5.07 -2.16
N MET A 30 6.61 5.59 -1.30
CA MET A 30 6.03 6.91 -1.53
C MET A 30 7.12 7.97 -1.59
N ILE A 31 8.12 7.85 -0.72
CA ILE A 31 9.21 8.80 -0.70
C ILE A 31 10.02 8.68 -2.00
N ASN A 32 10.28 7.44 -2.42
CA ASN A 32 11.04 7.22 -3.65
C ASN A 32 10.29 7.83 -4.83
N LEU A 33 8.97 7.93 -4.70
CA LEU A 33 8.15 8.51 -5.76
C LEU A 33 8.05 10.02 -5.63
N GLY A 34 8.71 10.57 -4.63
CA GLY A 34 8.70 12.01 -4.40
C GLY A 34 7.48 12.41 -3.59
N GLU A 35 6.77 11.42 -3.05
CA GLU A 35 5.58 11.67 -2.24
C GLU A 35 5.85 11.29 -0.79
N LYS A 36 5.67 12.24 0.12
CA LYS A 36 5.91 12.01 1.54
C LYS A 36 4.78 12.61 2.39
N LEU A 37 3.99 11.75 3.02
CA LEU A 37 2.88 12.20 3.85
C LEU A 37 3.28 12.13 5.32
N THR A 38 2.62 12.92 6.17
CA THR A 38 2.95 12.92 7.58
C THR A 38 2.66 11.55 8.17
N ASP A 39 3.22 11.25 9.34
CA ASP A 39 3.02 9.96 9.97
C ASP A 39 1.54 9.76 10.26
N GLU A 40 0.87 10.80 10.69
CA GLU A 40 -0.56 10.72 11.00
C GLU A 40 -1.36 10.43 9.74
N GLU A 41 -0.87 10.92 8.61
CA GLU A 41 -1.56 10.68 7.33
C GLU A 41 -1.41 9.22 6.92
N VAL A 42 -0.19 8.70 7.01
CA VAL A 42 0.04 7.30 6.65
C VAL A 42 -0.71 6.39 7.61
N GLU A 43 -0.61 6.68 8.90
CA GLU A 43 -1.29 5.85 9.90
C GLU A 43 -2.79 5.81 9.61
N GLN A 44 -3.33 6.94 9.16
CA GLN A 44 -4.76 7.00 8.83
C GLN A 44 -5.04 6.22 7.56
N MET A 45 -4.16 6.33 6.57
CA MET A 45 -4.35 5.62 5.31
C MET A 45 -4.34 4.12 5.54
N ILE A 46 -3.38 3.64 6.31
CA ILE A 46 -3.29 2.21 6.60
C ILE A 46 -4.52 1.76 7.36
N LYS A 47 -4.87 2.52 8.38
CA LYS A 47 -6.03 2.20 9.20
C LYS A 47 -7.31 2.32 8.39
N GLU A 48 -7.39 3.39 7.60
CA GLU A 48 -8.57 3.62 6.77
C GLU A 48 -8.65 2.59 5.65
N ALA A 49 -7.50 2.23 5.11
CA ALA A 49 -7.45 1.25 4.03
C ALA A 49 -7.62 -0.17 4.53
N ASP A 50 -7.18 -0.41 5.75
CA ASP A 50 -7.28 -1.74 6.34
C ASP A 50 -8.69 -2.04 6.81
N LEU A 51 -9.27 -3.08 6.25
CA LEU A 51 -10.62 -3.47 6.61
C LEU A 51 -10.62 -4.37 7.85
N ASP A 52 -9.47 -5.01 8.13
CA ASP A 52 -9.37 -5.91 9.29
C ASP A 52 -8.48 -5.33 10.38
N GLY A 53 -8.14 -4.05 10.26
CA GLY A 53 -7.29 -3.40 11.26
C GLY A 53 -6.15 -4.32 11.70
N ASP A 54 -5.70 -5.18 10.79
CA ASP A 54 -4.62 -6.11 11.11
C ASP A 54 -3.29 -5.35 11.21
N GLY A 55 -3.26 -4.15 10.64
CA GLY A 55 -2.06 -3.32 10.66
C GLY A 55 -1.29 -3.47 9.36
N GLN A 56 -1.73 -4.40 8.53
CA GLN A 56 -1.07 -4.67 7.26
C GLN A 56 -2.04 -4.48 6.12
N VAL A 57 -1.59 -3.81 5.07
CA VAL A 57 -2.43 -3.60 3.90
C VAL A 57 -2.33 -4.82 3.00
N ASN A 58 -3.47 -5.50 2.79
CA ASN A 58 -3.48 -6.69 1.93
C ASN A 58 -3.87 -6.29 0.51
N TYR A 59 -3.75 -7.23 -0.43
CA TYR A 59 -4.06 -6.94 -1.83
C TYR A 59 -5.47 -6.36 -1.97
N GLU A 60 -6.43 -6.96 -1.29
CA GLU A 60 -7.82 -6.49 -1.38
C GLU A 60 -7.92 -5.03 -0.95
N GLU A 61 -7.27 -4.67 0.16
CA GLU A 61 -7.32 -3.30 0.62
C GLU A 61 -6.49 -2.42 -0.31
N PHE A 62 -5.37 -2.98 -0.79
CA PHE A 62 -4.51 -2.21 -1.69
C PHE A 62 -5.25 -1.86 -2.97
N VAL A 63 -5.79 -2.88 -3.65
CA VAL A 63 -6.52 -2.65 -4.89
C VAL A 63 -7.70 -1.73 -4.61
N LYS A 64 -8.39 -1.99 -3.50
CA LYS A 64 -9.52 -1.16 -3.12
C LYS A 64 -9.07 0.28 -2.89
N MET A 65 -8.03 0.43 -2.10
CA MET A 65 -7.48 1.75 -1.81
C MET A 65 -7.03 2.41 -3.09
N MET A 66 -6.45 1.60 -3.95
CA MET A 66 -5.97 2.09 -5.25
C MET A 66 -7.16 2.51 -6.11
N MET A 67 -8.24 1.74 -6.05
CA MET A 67 -9.43 2.06 -6.84
C MET A 67 -9.98 3.42 -6.41
N THR A 68 -9.90 3.70 -5.12
CA THR A 68 -10.40 4.96 -4.59
C THR A 68 -9.69 6.14 -5.27
N VAL A 69 -8.42 6.32 -4.93
CA VAL A 69 -7.63 7.41 -5.50
C VAL A 69 -7.53 7.26 -7.01
N ARG A 70 -7.30 6.03 -7.46
CA ARG A 70 -7.18 5.76 -8.90
C ARG A 70 -7.59 4.32 -9.22
N ASP A 1 -4.45 -8.25 -17.77
CA ASP A 1 -3.60 -7.03 -17.90
C ASP A 1 -3.64 -6.25 -16.59
N ALA A 2 -4.79 -5.67 -16.29
CA ALA A 2 -4.91 -4.89 -15.06
C ALA A 2 -4.42 -5.70 -13.87
N GLU A 3 -4.85 -6.95 -13.80
CA GLU A 3 -4.44 -7.81 -12.70
C GLU A 3 -2.94 -8.08 -12.76
N GLU A 4 -2.41 -8.17 -13.98
CA GLU A 4 -0.98 -8.40 -14.14
C GLU A 4 -0.21 -7.24 -13.54
N GLU A 5 -0.28 -6.09 -14.19
CA GLU A 5 0.43 -4.90 -13.71
C GLU A 5 0.26 -4.75 -12.20
N LEU A 6 -0.92 -5.07 -11.68
CA LEU A 6 -1.15 -4.95 -10.25
C LEU A 6 -0.21 -5.89 -9.48
N LYS A 7 -0.07 -7.12 -9.97
CA LYS A 7 0.81 -8.07 -9.32
C LYS A 7 2.25 -7.55 -9.34
N GLU A 8 2.66 -6.98 -10.46
CA GLU A 8 4.01 -6.45 -10.57
C GLU A 8 4.19 -5.28 -9.60
N ALA A 9 3.31 -4.29 -9.68
CA ALA A 9 3.40 -3.14 -8.80
C ALA A 9 3.42 -3.59 -7.34
N PHE A 10 2.46 -4.45 -6.99
CA PHE A 10 2.39 -4.96 -5.62
C PHE A 10 3.70 -5.64 -5.25
N LYS A 11 4.24 -6.42 -6.18
CA LYS A 11 5.50 -7.12 -5.93
C LYS A 11 6.62 -6.13 -5.63
N VAL A 12 6.58 -4.96 -6.25
CA VAL A 12 7.60 -3.94 -6.02
C VAL A 12 7.50 -3.40 -4.60
N PHE A 13 6.28 -3.05 -4.18
CA PHE A 13 6.07 -2.51 -2.84
C PHE A 13 6.32 -3.59 -1.79
N ASP A 14 5.97 -4.82 -2.12
CA ASP A 14 6.15 -5.93 -1.20
C ASP A 14 7.64 -6.27 -1.06
N LYS A 15 8.42 -5.30 -0.59
CA LYS A 15 9.84 -5.51 -0.43
C LYS A 15 10.10 -6.80 0.36
N ASP A 16 9.38 -6.96 1.47
CA ASP A 16 9.55 -8.14 2.30
C ASP A 16 9.00 -9.37 1.59
N GLN A 17 8.34 -9.14 0.46
CA GLN A 17 7.77 -10.24 -0.31
C GLN A 17 6.93 -11.14 0.61
N ASN A 18 6.31 -10.54 1.62
CA ASN A 18 5.51 -11.32 2.56
C ASN A 18 4.05 -11.40 2.12
N GLY A 19 3.75 -10.87 0.93
CA GLY A 19 2.40 -10.90 0.40
C GLY A 19 1.55 -9.77 0.97
N TYR A 20 2.10 -9.03 1.94
CA TYR A 20 1.38 -7.92 2.57
C TYR A 20 2.26 -6.67 2.57
N ILE A 21 1.69 -5.53 2.19
CA ILE A 21 2.45 -4.28 2.19
C ILE A 21 2.43 -3.68 3.59
N SER A 22 3.61 -3.32 4.10
CA SER A 22 3.72 -2.74 5.44
C SER A 22 3.81 -1.23 5.36
N ALA A 23 3.45 -0.56 6.45
CA ALA A 23 3.49 0.90 6.47
C ALA A 23 4.87 1.37 6.03
N SER A 24 5.91 0.69 6.50
CA SER A 24 7.27 1.07 6.13
C SER A 24 7.45 1.00 4.62
N GLU A 25 6.90 -0.04 3.99
CA GLU A 25 7.01 -0.17 2.56
C GLU A 25 6.19 0.91 1.84
N LEU A 26 5.02 1.21 2.37
CA LEU A 26 4.15 2.22 1.77
C LEU A 26 4.86 3.57 1.76
N ARG A 27 5.52 3.90 2.86
CA ARG A 27 6.23 5.17 2.96
C ARG A 27 7.37 5.19 1.92
N HIS A 28 8.10 4.08 1.85
CA HIS A 28 9.23 4.01 0.92
C HIS A 28 8.76 4.40 -0.47
N VAL A 29 7.58 3.92 -0.83
CA VAL A 29 7.01 4.25 -2.13
C VAL A 29 6.70 5.74 -2.20
N MET A 30 6.16 6.30 -1.12
CA MET A 30 5.81 7.72 -1.12
C MET A 30 7.05 8.59 -1.38
N ILE A 31 8.15 8.28 -0.72
CA ILE A 31 9.40 9.03 -0.93
C ILE A 31 9.91 8.79 -2.35
N ASN A 32 9.86 7.55 -2.80
CA ASN A 32 10.33 7.21 -4.14
C ASN A 32 9.51 7.95 -5.20
N LEU A 33 8.22 8.10 -4.94
CA LEU A 33 7.33 8.79 -5.87
C LEU A 33 7.48 10.30 -5.75
N GLY A 34 8.31 10.73 -4.82
CA GLY A 34 8.54 12.16 -4.61
C GLY A 34 7.48 12.75 -3.69
N GLU A 35 6.78 11.88 -2.96
CA GLU A 35 5.74 12.32 -2.02
C GLU A 35 6.17 12.02 -0.60
N LYS A 36 6.09 13.03 0.27
CA LYS A 36 6.50 12.86 1.66
C LYS A 36 5.43 13.42 2.60
N LEU A 37 4.73 12.53 3.30
CA LEU A 37 3.68 12.93 4.23
C LEU A 37 4.05 12.49 5.64
N THR A 38 3.36 13.02 6.64
CA THR A 38 3.64 12.64 8.02
C THR A 38 3.09 11.24 8.28
N ASP A 39 3.53 10.64 9.38
CA ASP A 39 3.07 9.29 9.72
C ASP A 39 1.56 9.28 9.95
N GLU A 40 1.05 10.34 10.57
CA GLU A 40 -0.38 10.42 10.83
C GLU A 40 -1.18 10.28 9.55
N GLU A 41 -0.69 10.87 8.47
CA GLU A 41 -1.38 10.76 7.18
C GLU A 41 -1.22 9.34 6.62
N VAL A 42 0.01 8.85 6.60
CA VAL A 42 0.27 7.51 6.08
C VAL A 42 -0.43 6.47 6.96
N GLU A 43 -0.28 6.62 8.27
CA GLU A 43 -0.91 5.69 9.20
C GLU A 43 -2.42 5.70 9.02
N GLN A 44 -2.98 6.88 8.75
CA GLN A 44 -4.42 7.01 8.57
C GLN A 44 -4.85 6.19 7.35
N MET A 45 -4.11 6.30 6.25
CA MET A 45 -4.45 5.57 5.06
C MET A 45 -4.29 4.07 5.30
N ILE A 46 -3.25 3.69 6.04
CA ILE A 46 -3.02 2.28 6.33
C ILE A 46 -4.18 1.73 7.15
N LYS A 47 -4.58 2.50 8.16
CA LYS A 47 -5.70 2.11 9.00
C LYS A 47 -7.01 2.13 8.23
N GLU A 48 -7.18 3.16 7.42
CA GLU A 48 -8.39 3.29 6.63
C GLU A 48 -8.44 2.25 5.53
N ALA A 49 -7.30 1.98 4.94
CA ALA A 49 -7.22 1.00 3.85
C ALA A 49 -7.44 -0.41 4.36
N ASP A 50 -7.05 -0.64 5.61
CA ASP A 50 -7.18 -1.97 6.20
C ASP A 50 -8.60 -2.25 6.64
N LEU A 51 -9.19 -3.24 6.01
CA LEU A 51 -10.56 -3.63 6.31
C LEU A 51 -10.62 -4.61 7.48
N ASP A 52 -9.52 -5.35 7.70
CA ASP A 52 -9.48 -6.34 8.78
C ASP A 52 -8.67 -5.83 9.97
N GLY A 53 -8.34 -4.56 9.97
CA GLY A 53 -7.57 -3.98 11.08
C GLY A 53 -6.42 -4.90 11.50
N ASP A 54 -5.88 -5.66 10.54
CA ASP A 54 -4.78 -6.58 10.84
C ASP A 54 -3.48 -5.80 11.03
N GLY A 55 -3.46 -4.55 10.55
CA GLY A 55 -2.30 -3.69 10.67
C GLY A 55 -1.49 -3.73 9.39
N GLN A 56 -1.88 -4.62 8.48
CA GLN A 56 -1.18 -4.80 7.22
C GLN A 56 -2.14 -4.60 6.06
N VAL A 57 -1.66 -3.93 5.03
CA VAL A 57 -2.50 -3.71 3.85
C VAL A 57 -2.44 -4.96 2.99
N ASN A 58 -3.61 -5.57 2.73
CA ASN A 58 -3.67 -6.77 1.90
C ASN A 58 -3.97 -6.38 0.45
N TYR A 59 -3.75 -7.31 -0.47
CA TYR A 59 -3.97 -7.04 -1.89
C TYR A 59 -5.31 -6.33 -2.11
N GLU A 60 -6.37 -6.90 -1.55
CA GLU A 60 -7.70 -6.31 -1.71
C GLU A 60 -7.74 -4.89 -1.14
N GLU A 61 -7.12 -4.70 0.02
CA GLU A 61 -7.09 -3.38 0.62
C GLU A 61 -6.29 -2.42 -0.24
N PHE A 62 -5.16 -2.89 -0.75
CA PHE A 62 -4.33 -2.05 -1.62
C PHE A 62 -5.12 -1.67 -2.86
N VAL A 63 -5.71 -2.67 -3.50
CA VAL A 63 -6.50 -2.45 -4.71
C VAL A 63 -7.65 -1.50 -4.38
N LYS A 64 -8.32 -1.78 -3.27
CA LYS A 64 -9.43 -0.95 -2.85
C LYS A 64 -8.95 0.47 -2.60
N MET A 65 -7.86 0.59 -1.85
CA MET A 65 -7.27 1.90 -1.55
C MET A 65 -6.82 2.55 -2.83
N MET A 66 -6.23 1.73 -3.70
CA MET A 66 -5.74 2.21 -4.98
C MET A 66 -6.90 2.75 -5.81
N MET A 67 -8.05 2.07 -5.74
CA MET A 67 -9.22 2.51 -6.48
C MET A 67 -9.70 3.86 -5.98
N THR A 68 -9.62 4.06 -4.66
CA THR A 68 -10.06 5.31 -4.05
C THR A 68 -9.56 6.50 -4.85
N VAL A 69 -8.61 6.26 -5.74
CA VAL A 69 -8.04 7.32 -6.56
C VAL A 69 -8.95 7.62 -7.74
N ARG A 70 -9.97 6.79 -7.93
CA ARG A 70 -10.91 6.98 -9.03
C ARG A 70 -11.77 8.22 -8.80
N ASP A 1 -4.09 -7.61 -18.29
CA ASP A 1 -3.03 -6.57 -18.17
C ASP A 1 -3.12 -5.88 -16.81
N ALA A 2 -4.30 -5.39 -16.48
CA ALA A 2 -4.47 -4.70 -15.20
C ALA A 2 -4.04 -5.61 -14.06
N GLU A 3 -4.53 -6.85 -14.07
CA GLU A 3 -4.19 -7.79 -13.03
C GLU A 3 -2.68 -8.05 -13.01
N GLU A 4 -2.06 -7.96 -14.17
CA GLU A 4 -0.62 -8.15 -14.25
C GLU A 4 0.09 -6.97 -13.61
N GLU A 5 -0.03 -5.80 -14.23
CA GLU A 5 0.61 -4.61 -13.71
C GLU A 5 0.38 -4.49 -12.20
N LEU A 6 -0.87 -4.66 -11.78
CA LEU A 6 -1.18 -4.56 -10.36
C LEU A 6 -0.42 -5.65 -9.58
N LYS A 7 -0.44 -6.87 -10.09
CA LYS A 7 0.25 -7.96 -9.41
C LYS A 7 1.75 -7.67 -9.34
N GLU A 8 2.30 -7.15 -10.43
CA GLU A 8 3.72 -6.84 -10.47
C GLU A 8 4.03 -5.69 -9.52
N ALA A 9 3.32 -4.59 -9.65
CA ALA A 9 3.55 -3.44 -8.80
C ALA A 9 3.50 -3.86 -7.33
N PHE A 10 2.50 -4.65 -6.98
CA PHE A 10 2.36 -5.12 -5.61
C PHE A 10 3.62 -5.86 -5.18
N LYS A 11 4.12 -6.72 -6.06
CA LYS A 11 5.33 -7.47 -5.76
C LYS A 11 6.51 -6.54 -5.52
N VAL A 12 6.51 -5.40 -6.20
CA VAL A 12 7.60 -4.44 -6.03
C VAL A 12 7.51 -3.77 -4.64
N PHE A 13 6.31 -3.30 -4.29
CA PHE A 13 6.13 -2.66 -2.99
C PHE A 13 6.39 -3.64 -1.87
N ASP A 14 6.06 -4.90 -2.11
CA ASP A 14 6.26 -5.92 -1.09
C ASP A 14 7.74 -6.21 -0.89
N LYS A 15 8.49 -5.22 -0.39
CA LYS A 15 9.92 -5.40 -0.19
C LYS A 15 10.19 -6.72 0.54
N ASP A 16 9.46 -6.95 1.62
CA ASP A 16 9.65 -8.18 2.39
C ASP A 16 9.05 -9.37 1.63
N GLN A 17 8.38 -9.08 0.53
CA GLN A 17 7.76 -10.14 -0.26
C GLN A 17 6.95 -11.07 0.65
N ASN A 18 6.30 -10.50 1.66
CA ASN A 18 5.51 -11.32 2.59
C ASN A 18 4.06 -11.41 2.16
N GLY A 19 3.74 -10.83 1.00
CA GLY A 19 2.37 -10.87 0.49
C GLY A 19 1.54 -9.71 1.03
N TYR A 20 2.09 -8.98 1.99
CA TYR A 20 1.39 -7.84 2.59
C TYR A 20 2.27 -6.59 2.55
N ILE A 21 1.72 -5.46 2.11
CA ILE A 21 2.51 -4.22 2.06
C ILE A 21 2.49 -3.57 3.44
N SER A 22 3.67 -3.22 3.96
CA SER A 22 3.77 -2.60 5.28
C SER A 22 3.86 -1.08 5.15
N ALA A 23 3.44 -0.37 6.17
CA ALA A 23 3.48 1.10 6.13
C ALA A 23 4.88 1.57 5.70
N SER A 24 5.91 0.90 6.20
CA SER A 24 7.28 1.27 5.84
C SER A 24 7.53 1.01 4.35
N GLU A 25 6.94 -0.05 3.81
CA GLU A 25 7.11 -0.35 2.41
C GLU A 25 6.38 0.71 1.56
N LEU A 26 5.17 1.08 1.97
CA LEU A 26 4.40 2.09 1.25
C LEU A 26 5.10 3.44 1.37
N ARG A 27 5.62 3.74 2.55
CA ARG A 27 6.32 5.01 2.76
C ARG A 27 7.50 5.10 1.79
N HIS A 28 8.32 4.06 1.73
CA HIS A 28 9.47 4.06 0.84
C HIS A 28 9.01 4.36 -0.58
N VAL A 29 7.88 3.77 -0.97
CA VAL A 29 7.35 4.01 -2.30
C VAL A 29 6.91 5.47 -2.44
N MET A 30 6.25 5.99 -1.41
CA MET A 30 5.79 7.38 -1.47
C MET A 30 6.96 8.33 -1.67
N ILE A 31 8.05 8.10 -0.94
CA ILE A 31 9.23 8.93 -1.11
C ILE A 31 9.82 8.75 -2.50
N ASN A 32 9.87 7.51 -2.95
CA ASN A 32 10.42 7.21 -4.27
C ASN A 32 9.64 7.95 -5.34
N LEU A 33 8.34 8.12 -5.10
CA LEU A 33 7.49 8.82 -6.05
C LEU A 33 7.61 10.34 -5.88
N GLY A 34 8.39 10.75 -4.91
CA GLY A 34 8.57 12.19 -4.65
C GLY A 34 7.45 12.73 -3.78
N GLU A 35 6.74 11.84 -3.10
CA GLU A 35 5.63 12.24 -2.23
C GLU A 35 5.90 11.75 -0.81
N LYS A 36 5.67 12.61 0.18
CA LYS A 36 5.91 12.24 1.59
C LYS A 36 4.79 12.80 2.47
N LEU A 37 4.07 11.92 3.15
CA LEU A 37 2.98 12.34 4.03
C LEU A 37 3.42 12.22 5.48
N THR A 38 2.79 12.96 6.38
CA THR A 38 3.17 12.89 7.79
C THR A 38 2.89 11.48 8.32
N ASP A 39 3.46 11.15 9.47
CA ASP A 39 3.25 9.82 10.04
C ASP A 39 1.77 9.60 10.36
N GLU A 40 1.12 10.63 10.88
CA GLU A 40 -0.30 10.51 11.22
C GLU A 40 -1.12 10.23 9.97
N GLU A 41 -0.72 10.78 8.84
CA GLU A 41 -1.44 10.53 7.60
C GLU A 41 -1.25 9.10 7.13
N VAL A 42 -0.02 8.62 7.18
CA VAL A 42 0.26 7.26 6.76
C VAL A 42 -0.45 6.27 7.67
N GLU A 43 -0.35 6.48 8.98
CA GLU A 43 -1.01 5.59 9.94
C GLU A 43 -2.51 5.54 9.67
N GLN A 44 -3.09 6.68 9.33
CA GLN A 44 -4.52 6.74 9.04
C GLN A 44 -4.83 5.99 7.74
N MET A 45 -3.96 6.12 6.75
CA MET A 45 -4.19 5.45 5.48
C MET A 45 -4.20 3.94 5.66
N ILE A 46 -3.25 3.42 6.42
CA ILE A 46 -3.19 1.98 6.67
C ILE A 46 -4.45 1.52 7.40
N LYS A 47 -4.80 2.25 8.45
CA LYS A 47 -5.98 1.91 9.22
C LYS A 47 -7.25 2.04 8.38
N GLU A 48 -7.33 3.12 7.62
CA GLU A 48 -8.49 3.35 6.76
C GLU A 48 -8.53 2.34 5.63
N ALA A 49 -7.36 2.00 5.10
CA ALA A 49 -7.29 1.05 3.99
C ALA A 49 -7.49 -0.37 4.49
N ASP A 50 -7.09 -0.63 5.73
CA ASP A 50 -7.22 -1.97 6.29
C ASP A 50 -8.67 -2.28 6.64
N LEU A 51 -9.23 -3.25 5.94
CA LEU A 51 -10.60 -3.65 6.19
C LEU A 51 -10.71 -4.51 7.44
N ASP A 52 -9.65 -5.26 7.75
CA ASP A 52 -9.65 -6.13 8.92
C ASP A 52 -8.81 -5.58 10.06
N GLY A 53 -8.48 -4.29 10.01
CA GLY A 53 -7.67 -3.69 11.05
C GLY A 53 -6.58 -4.64 11.53
N ASP A 54 -5.76 -5.15 10.60
CA ASP A 54 -4.69 -6.08 10.98
C ASP A 54 -3.37 -5.32 11.08
N GLY A 55 -3.33 -4.11 10.54
CA GLY A 55 -2.13 -3.29 10.59
C GLY A 55 -1.34 -3.42 9.30
N GLN A 56 -1.74 -4.39 8.48
CA GLN A 56 -1.06 -4.66 7.22
C GLN A 56 -2.01 -4.45 6.05
N VAL A 57 -1.54 -3.78 5.02
CA VAL A 57 -2.37 -3.55 3.84
C VAL A 57 -2.35 -4.81 2.99
N ASN A 58 -3.52 -5.40 2.73
CA ASN A 58 -3.60 -6.62 1.92
C ASN A 58 -3.88 -6.26 0.47
N TYR A 59 -3.65 -7.20 -0.44
CA TYR A 59 -3.88 -6.94 -1.85
C TYR A 59 -5.22 -6.25 -2.08
N GLU A 60 -6.30 -6.82 -1.54
CA GLU A 60 -7.62 -6.23 -1.72
C GLU A 60 -7.66 -4.80 -1.18
N GLU A 61 -7.06 -4.58 -0.03
CA GLU A 61 -7.04 -3.24 0.54
C GLU A 61 -6.23 -2.30 -0.33
N PHE A 62 -5.10 -2.77 -0.83
CA PHE A 62 -4.27 -1.95 -1.69
C PHE A 62 -5.05 -1.58 -2.95
N VAL A 63 -5.62 -2.60 -3.59
CA VAL A 63 -6.39 -2.37 -4.80
C VAL A 63 -7.56 -1.44 -4.48
N LYS A 64 -8.23 -1.72 -3.37
CA LYS A 64 -9.35 -0.90 -2.95
C LYS A 64 -8.89 0.54 -2.70
N MET A 65 -7.81 0.68 -1.93
CA MET A 65 -7.26 2.00 -1.63
C MET A 65 -6.84 2.67 -2.93
N MET A 66 -6.28 1.88 -3.81
CA MET A 66 -5.83 2.39 -5.10
C MET A 66 -7.03 2.84 -5.93
N MET A 67 -8.12 2.08 -5.84
CA MET A 67 -9.32 2.43 -6.59
C MET A 67 -9.85 3.77 -6.11
N THR A 68 -9.79 4.00 -4.80
CA THR A 68 -10.28 5.25 -4.23
C THR A 68 -9.53 6.45 -4.85
N VAL A 69 -8.28 6.61 -4.47
CA VAL A 69 -7.47 7.70 -4.99
C VAL A 69 -7.30 7.56 -6.51
N ARG A 70 -7.36 6.32 -6.99
CA ARG A 70 -7.22 6.08 -8.43
C ARG A 70 -7.96 4.82 -8.83
N ASP A 1 -4.01 -6.58 -18.69
CA ASP A 1 -2.75 -5.84 -18.40
C ASP A 1 -2.83 -5.19 -17.03
N ALA A 2 -3.94 -4.54 -16.73
CA ALA A 2 -4.09 -3.88 -15.44
C ALA A 2 -3.86 -4.89 -14.32
N GLU A 3 -4.51 -6.05 -14.42
CA GLU A 3 -4.38 -7.07 -13.40
C GLU A 3 -2.95 -7.61 -13.37
N GLU A 4 -2.35 -7.75 -14.55
CA GLU A 4 -0.98 -8.24 -14.63
C GLU A 4 -0.05 -7.23 -13.95
N GLU A 5 0.14 -6.09 -14.60
CA GLU A 5 1.00 -5.05 -14.05
C GLU A 5 0.72 -4.86 -12.56
N LEU A 6 -0.54 -4.96 -12.16
CA LEU A 6 -0.89 -4.80 -10.76
C LEU A 6 -0.17 -5.85 -9.91
N LYS A 7 -0.17 -7.09 -10.39
CA LYS A 7 0.49 -8.16 -9.65
C LYS A 7 1.97 -7.88 -9.52
N GLU A 8 2.56 -7.35 -10.58
CA GLU A 8 3.98 -7.05 -10.57
C GLU A 8 4.24 -5.85 -9.65
N ALA A 9 3.47 -4.79 -9.83
CA ALA A 9 3.66 -3.60 -9.00
C ALA A 9 3.55 -3.96 -7.52
N PHE A 10 2.51 -4.72 -7.17
CA PHE A 10 2.32 -5.12 -5.79
C PHE A 10 3.54 -5.87 -5.28
N LYS A 11 4.05 -6.79 -6.08
CA LYS A 11 5.22 -7.56 -5.67
C LYS A 11 6.42 -6.64 -5.41
N VAL A 12 6.46 -5.51 -6.11
CA VAL A 12 7.57 -4.58 -5.96
C VAL A 12 7.49 -3.90 -4.59
N PHE A 13 6.31 -3.43 -4.26
CA PHE A 13 6.10 -2.76 -2.96
C PHE A 13 6.36 -3.74 -1.83
N ASP A 14 6.09 -5.01 -2.07
CA ASP A 14 6.30 -6.02 -1.04
C ASP A 14 7.79 -6.28 -0.82
N LYS A 15 8.49 -5.28 -0.31
CA LYS A 15 9.93 -5.44 -0.08
C LYS A 15 10.20 -6.71 0.72
N ASP A 16 9.45 -6.91 1.80
CA ASP A 16 9.63 -8.08 2.64
C ASP A 16 9.09 -9.32 1.92
N GLN A 17 8.46 -9.10 0.78
CA GLN A 17 7.89 -10.21 0.01
C GLN A 17 7.05 -11.09 0.92
N ASN A 18 6.39 -10.49 1.92
CA ASN A 18 5.58 -11.26 2.85
C ASN A 18 4.13 -11.35 2.37
N GLY A 19 3.86 -10.82 1.17
CA GLY A 19 2.51 -10.86 0.61
C GLY A 19 1.65 -9.72 1.15
N TYR A 20 2.23 -8.91 2.02
CA TYR A 20 1.50 -7.77 2.61
C TYR A 20 2.35 -6.50 2.55
N ILE A 21 1.74 -5.37 2.21
CA ILE A 21 2.49 -4.11 2.15
C ILE A 21 2.41 -3.43 3.52
N SER A 22 3.58 -3.09 4.06
CA SER A 22 3.65 -2.44 5.37
C SER A 22 3.80 -0.93 5.23
N ALA A 23 3.47 -0.19 6.28
CA ALA A 23 3.58 1.26 6.22
C ALA A 23 5.00 1.65 5.80
N SER A 24 6.00 0.96 6.36
CA SER A 24 7.39 1.25 6.02
C SER A 24 7.62 1.09 4.52
N GLU A 25 7.03 0.07 3.93
CA GLU A 25 7.18 -0.15 2.50
C GLU A 25 6.36 0.88 1.71
N LEU A 26 5.17 1.19 2.20
CA LEU A 26 4.30 2.16 1.52
C LEU A 26 4.94 3.54 1.47
N ARG A 27 5.50 3.96 2.60
CA ARG A 27 6.15 5.26 2.66
C ARG A 27 7.37 5.29 1.74
N HIS A 28 8.17 4.22 1.76
CA HIS A 28 9.34 4.17 0.92
C HIS A 28 8.95 4.34 -0.54
N VAL A 29 7.89 3.65 -0.95
CA VAL A 29 7.42 3.75 -2.32
C VAL A 29 6.90 5.16 -2.59
N MET A 30 6.14 5.71 -1.64
CA MET A 30 5.60 7.05 -1.81
C MET A 30 6.73 8.08 -1.94
N ILE A 31 7.75 7.94 -1.09
CA ILE A 31 8.87 8.87 -1.15
C ILE A 31 9.59 8.75 -2.50
N ASN A 32 9.80 7.51 -2.93
CA ASN A 32 10.45 7.28 -4.21
C ASN A 32 9.64 7.88 -5.33
N LEU A 33 8.33 7.96 -5.12
CA LEU A 33 7.43 8.53 -6.13
C LEU A 33 7.41 10.04 -6.05
N GLY A 34 8.14 10.59 -5.10
CA GLY A 34 8.19 12.04 -4.93
C GLY A 34 7.06 12.52 -4.02
N GLU A 35 6.41 11.58 -3.33
CA GLU A 35 5.32 11.90 -2.41
C GLU A 35 5.71 11.53 -0.98
N LYS A 36 5.59 12.49 -0.06
CA LYS A 36 5.94 12.25 1.34
C LYS A 36 4.87 12.84 2.27
N LEU A 37 4.18 11.98 3.00
CA LEU A 37 3.14 12.43 3.93
C LEU A 37 3.61 12.25 5.36
N THR A 38 2.94 12.90 6.31
CA THR A 38 3.33 12.77 7.71
C THR A 38 2.96 11.37 8.21
N ASP A 39 3.47 11.00 9.39
CA ASP A 39 3.17 9.68 9.93
C ASP A 39 1.68 9.55 10.24
N GLU A 40 1.10 10.58 10.82
CA GLU A 40 -0.32 10.54 11.15
C GLU A 40 -1.16 10.29 9.90
N GLU A 41 -0.71 10.80 8.76
CA GLU A 41 -1.44 10.58 7.52
C GLU A 41 -1.26 9.15 7.04
N VAL A 42 -0.02 8.68 7.05
CA VAL A 42 0.27 7.31 6.62
C VAL A 42 -0.38 6.31 7.58
N GLU A 43 -0.25 6.57 8.88
CA GLU A 43 -0.83 5.68 9.88
C GLU A 43 -2.36 5.66 9.75
N GLN A 44 -2.94 6.81 9.48
CA GLN A 44 -4.39 6.90 9.31
C GLN A 44 -4.82 6.19 8.03
N MET A 45 -4.07 6.37 6.96
CA MET A 45 -4.38 5.75 5.70
C MET A 45 -4.26 4.23 5.82
N ILE A 46 -3.22 3.77 6.49
CA ILE A 46 -3.02 2.33 6.67
C ILE A 46 -4.15 1.76 7.50
N LYS A 47 -4.46 2.43 8.60
CA LYS A 47 -5.53 1.99 9.49
C LYS A 47 -6.88 2.08 8.78
N GLU A 48 -7.06 3.14 8.00
CA GLU A 48 -8.30 3.33 7.27
C GLU A 48 -8.39 2.38 6.09
N ALA A 49 -7.24 2.13 5.47
CA ALA A 49 -7.21 1.24 4.30
C ALA A 49 -7.34 -0.22 4.72
N ASP A 50 -6.87 -0.53 5.92
CA ASP A 50 -6.93 -1.91 6.41
C ASP A 50 -8.34 -2.33 6.72
N LEU A 51 -8.85 -3.24 5.91
CA LEU A 51 -10.21 -3.75 6.12
C LEU A 51 -10.22 -4.96 7.07
N ASP A 52 -9.10 -5.68 7.11
CA ASP A 52 -9.02 -6.86 7.96
C ASP A 52 -8.77 -6.49 9.42
N GLY A 53 -8.44 -5.23 9.68
CA GLY A 53 -8.18 -4.80 11.04
C GLY A 53 -6.86 -5.36 11.56
N ASP A 54 -5.97 -5.74 10.64
CA ASP A 54 -4.66 -6.30 11.05
C ASP A 54 -3.60 -5.20 11.08
N GLY A 55 -3.94 -4.04 10.51
CA GLY A 55 -3.02 -2.92 10.48
C GLY A 55 -2.08 -3.02 9.29
N GLN A 56 -2.40 -3.94 8.39
CA GLN A 56 -1.57 -4.17 7.21
C GLN A 56 -2.40 -3.96 5.94
N VAL A 57 -1.75 -3.47 4.90
CA VAL A 57 -2.44 -3.27 3.63
C VAL A 57 -2.35 -4.56 2.84
N ASN A 58 -3.50 -5.17 2.56
CA ASN A 58 -3.53 -6.43 1.78
C ASN A 58 -3.97 -6.14 0.34
N TYR A 59 -3.84 -7.13 -0.52
CA TYR A 59 -4.21 -6.95 -1.92
C TYR A 59 -5.56 -6.24 -2.05
N GLU A 60 -6.58 -6.77 -1.37
CA GLU A 60 -7.91 -6.17 -1.43
C GLU A 60 -7.90 -4.73 -0.93
N GLU A 61 -7.23 -4.49 0.19
CA GLU A 61 -7.17 -3.13 0.72
C GLU A 61 -6.37 -2.23 -0.20
N PHE A 62 -5.24 -2.73 -0.69
CA PHE A 62 -4.43 -1.94 -1.60
C PHE A 62 -5.23 -1.60 -2.84
N VAL A 63 -5.86 -2.62 -3.43
CA VAL A 63 -6.67 -2.40 -4.61
C VAL A 63 -7.79 -1.43 -4.27
N LYS A 64 -8.45 -1.66 -3.16
CA LYS A 64 -9.54 -0.80 -2.74
C LYS A 64 -9.03 0.61 -2.48
N MET A 65 -7.95 0.69 -1.71
CA MET A 65 -7.35 1.99 -1.40
C MET A 65 -6.78 2.61 -2.67
N MET A 66 -6.12 1.78 -3.43
CA MET A 66 -5.52 2.24 -4.68
C MET A 66 -6.59 2.76 -5.61
N MET A 67 -7.74 2.09 -5.61
CA MET A 67 -8.85 2.51 -6.46
C MET A 67 -9.46 3.82 -5.93
N THR A 68 -9.58 3.90 -4.60
CA THR A 68 -10.16 5.09 -3.98
C THR A 68 -9.58 6.35 -4.58
N VAL A 69 -8.48 6.20 -5.30
CA VAL A 69 -7.83 7.34 -5.93
C VAL A 69 -8.70 7.94 -7.02
N ARG A 70 -9.97 7.52 -7.06
CA ARG A 70 -10.91 8.02 -8.06
C ARG A 70 -10.74 9.54 -8.22
N ASP A 1 -4.64 -6.97 -18.22
CA ASP A 1 -3.53 -5.98 -18.13
C ASP A 1 -3.51 -5.33 -16.74
N ALA A 2 -4.51 -4.51 -16.45
CA ALA A 2 -4.57 -3.86 -15.15
C ALA A 2 -4.36 -4.89 -14.05
N GLU A 3 -5.05 -6.02 -14.15
CA GLU A 3 -4.92 -7.07 -13.15
C GLU A 3 -3.50 -7.62 -13.14
N GLU A 4 -2.87 -7.66 -14.31
CA GLU A 4 -1.50 -8.15 -14.39
C GLU A 4 -0.58 -7.17 -13.70
N GLU A 5 -0.42 -5.98 -14.27
CA GLU A 5 0.46 -4.98 -13.67
C GLU A 5 0.21 -4.89 -12.17
N LEU A 6 -1.04 -5.06 -11.74
CA LEU A 6 -1.35 -4.99 -10.32
C LEU A 6 -0.65 -6.11 -9.56
N LYS A 7 -0.69 -7.32 -10.12
CA LYS A 7 -0.03 -8.45 -9.48
C LYS A 7 1.48 -8.22 -9.41
N GLU A 8 2.05 -7.67 -10.48
CA GLU A 8 3.48 -7.40 -10.49
C GLU A 8 3.80 -6.21 -9.59
N ALA A 9 3.06 -5.12 -9.77
CA ALA A 9 3.30 -3.94 -8.95
C ALA A 9 3.24 -4.30 -7.47
N PHE A 10 2.22 -5.05 -7.09
CA PHE A 10 2.09 -5.48 -5.71
C PHE A 10 3.30 -6.30 -5.28
N LYS A 11 3.74 -7.21 -6.16
CA LYS A 11 4.89 -8.04 -5.85
C LYS A 11 6.14 -7.18 -5.64
N VAL A 12 6.22 -6.05 -6.34
CA VAL A 12 7.37 -5.17 -6.19
C VAL A 12 7.23 -4.33 -4.91
N PHE A 13 6.00 -4.01 -4.54
CA PHE A 13 5.78 -3.22 -3.33
C PHE A 13 6.20 -4.01 -2.09
N ASP A 14 5.99 -5.32 -2.13
CA ASP A 14 6.34 -6.15 -0.99
C ASP A 14 7.85 -6.38 -0.93
N LYS A 15 8.60 -5.37 -0.50
CA LYS A 15 10.04 -5.51 -0.41
C LYS A 15 10.41 -6.77 0.38
N ASP A 16 9.76 -6.97 1.52
CA ASP A 16 10.03 -8.15 2.32
C ASP A 16 9.48 -9.40 1.64
N GLN A 17 8.79 -9.20 0.53
CA GLN A 17 8.22 -10.32 -0.19
C GLN A 17 7.41 -11.21 0.76
N ASN A 18 6.86 -10.61 1.81
CA ASN A 18 6.08 -11.39 2.78
C ASN A 18 4.63 -11.56 2.32
N GLY A 19 4.31 -11.00 1.16
CA GLY A 19 2.94 -11.12 0.63
C GLY A 19 2.05 -10.01 1.17
N TYR A 20 2.57 -9.25 2.15
CA TYR A 20 1.80 -8.14 2.74
C TYR A 20 2.61 -6.86 2.70
N ILE A 21 2.00 -5.76 2.27
CA ILE A 21 2.73 -4.49 2.24
C ILE A 21 2.70 -3.85 3.63
N SER A 22 3.88 -3.48 4.14
CA SER A 22 3.98 -2.87 5.46
C SER A 22 4.00 -1.35 5.36
N ALA A 23 3.54 -0.66 6.40
CA ALA A 23 3.52 0.80 6.38
C ALA A 23 4.90 1.33 5.95
N SER A 24 5.97 0.69 6.42
CA SER A 24 7.32 1.10 6.05
C SER A 24 7.52 0.96 4.53
N GLU A 25 6.99 -0.09 3.95
CA GLU A 25 7.13 -0.30 2.52
C GLU A 25 6.29 0.73 1.76
N LEU A 26 5.07 0.99 2.22
CA LEU A 26 4.21 1.97 1.56
C LEU A 26 4.82 3.36 1.67
N ARG A 27 5.32 3.70 2.86
CA ARG A 27 5.93 5.00 3.05
C ARG A 27 7.14 5.16 2.13
N HIS A 28 8.00 4.15 2.09
CA HIS A 28 9.17 4.20 1.24
C HIS A 28 8.78 4.52 -0.19
N VAL A 29 7.67 3.92 -0.63
CA VAL A 29 7.19 4.18 -1.98
C VAL A 29 6.83 5.65 -2.15
N MET A 30 6.18 6.24 -1.14
CA MET A 30 5.82 7.64 -1.22
C MET A 30 7.06 8.51 -1.40
N ILE A 31 8.13 8.17 -0.68
CA ILE A 31 9.37 8.94 -0.81
C ILE A 31 9.92 8.78 -2.23
N ASN A 32 9.92 7.56 -2.74
CA ASN A 32 10.41 7.31 -4.09
C ASN A 32 9.61 8.13 -5.10
N LEU A 33 8.33 8.32 -4.81
CA LEU A 33 7.48 9.10 -5.70
C LEU A 33 7.67 10.60 -5.46
N GLY A 34 8.47 10.95 -4.47
CA GLY A 34 8.71 12.35 -4.16
C GLY A 34 7.58 12.93 -3.30
N GLU A 35 6.85 12.04 -2.62
CA GLU A 35 5.74 12.47 -1.76
C GLU A 35 6.09 12.16 -0.30
N LYS A 36 5.95 13.15 0.58
CA LYS A 36 6.26 12.94 2.00
C LYS A 36 5.10 13.43 2.87
N LEU A 37 4.37 12.50 3.46
CA LEU A 37 3.24 12.86 4.34
C LEU A 37 3.57 12.54 5.78
N THR A 38 2.86 13.16 6.72
CA THR A 38 3.15 12.91 8.13
C THR A 38 2.72 11.48 8.49
N ASP A 39 3.22 10.95 9.60
CA ASP A 39 2.85 9.59 9.99
C ASP A 39 1.35 9.50 10.27
N GLU A 40 0.79 10.53 10.88
CA GLU A 40 -0.64 10.53 11.17
C GLU A 40 -1.45 10.32 9.89
N GLU A 41 -1.00 10.92 8.78
CA GLU A 41 -1.71 10.75 7.53
C GLU A 41 -1.53 9.33 7.01
N VAL A 42 -0.30 8.84 7.04
CA VAL A 42 -0.03 7.48 6.56
C VAL A 42 -0.76 6.47 7.44
N GLU A 43 -0.62 6.61 8.75
CA GLU A 43 -1.29 5.69 9.67
C GLU A 43 -2.79 5.67 9.40
N GLN A 44 -3.35 6.83 9.08
CA GLN A 44 -4.77 6.92 8.79
C GLN A 44 -5.09 6.18 7.49
N MET A 45 -4.24 6.32 6.48
CA MET A 45 -4.46 5.65 5.22
C MET A 45 -4.40 4.14 5.39
N ILE A 46 -3.40 3.67 6.13
CA ILE A 46 -3.28 2.24 6.37
C ILE A 46 -4.49 1.72 7.13
N LYS A 47 -4.84 2.43 8.20
CA LYS A 47 -6.00 2.05 9.00
C LYS A 47 -7.28 2.15 8.19
N GLU A 48 -7.41 3.23 7.43
CA GLU A 48 -8.59 3.43 6.60
C GLU A 48 -8.63 2.42 5.46
N ALA A 49 -7.47 2.09 4.93
CA ALA A 49 -7.40 1.14 3.82
C ALA A 49 -7.53 -0.29 4.31
N ASP A 50 -7.10 -0.53 5.55
CA ASP A 50 -7.17 -1.87 6.10
C ASP A 50 -8.56 -2.20 6.61
N LEU A 51 -9.12 -3.28 6.10
CA LEU A 51 -10.46 -3.69 6.52
C LEU A 51 -10.41 -4.54 7.77
N ASP A 52 -9.23 -5.08 8.10
CA ASP A 52 -9.09 -5.92 9.28
C ASP A 52 -8.19 -5.26 10.32
N GLY A 53 -7.92 -3.97 10.18
CA GLY A 53 -7.08 -3.28 11.13
C GLY A 53 -5.88 -4.14 11.54
N ASP A 54 -5.38 -4.96 10.61
CA ASP A 54 -4.23 -5.81 10.91
C ASP A 54 -2.94 -4.98 10.93
N GLY A 55 -2.99 -3.82 10.30
CA GLY A 55 -1.82 -2.94 10.26
C GLY A 55 -1.06 -3.13 8.97
N GLN A 56 -1.48 -4.13 8.19
CA GLN A 56 -0.82 -4.44 6.94
C GLN A 56 -1.78 -4.25 5.77
N VAL A 57 -1.32 -3.55 4.74
CA VAL A 57 -2.16 -3.34 3.57
C VAL A 57 -2.09 -4.59 2.70
N ASN A 58 -3.22 -5.26 2.48
CA ASN A 58 -3.23 -6.47 1.64
C ASN A 58 -3.59 -6.11 0.21
N TYR A 59 -3.44 -7.07 -0.70
CA TYR A 59 -3.75 -6.80 -2.11
C TYR A 59 -5.15 -6.20 -2.26
N GLU A 60 -6.16 -6.81 -1.64
CA GLU A 60 -7.52 -6.31 -1.75
C GLU A 60 -7.61 -4.86 -1.28
N GLU A 61 -6.98 -4.55 -0.16
CA GLU A 61 -7.00 -3.19 0.33
C GLU A 61 -6.20 -2.28 -0.59
N PHE A 62 -5.09 -2.78 -1.12
CA PHE A 62 -4.28 -1.98 -2.02
C PHE A 62 -5.10 -1.67 -3.26
N VAL A 63 -5.69 -2.69 -3.85
CA VAL A 63 -6.52 -2.50 -5.03
C VAL A 63 -7.67 -1.56 -4.70
N LYS A 64 -8.32 -1.83 -3.59
CA LYS A 64 -9.42 -0.98 -3.15
C LYS A 64 -8.93 0.43 -2.88
N MET A 65 -7.83 0.53 -2.13
CA MET A 65 -7.24 1.84 -1.84
C MET A 65 -6.79 2.49 -3.12
N MET A 66 -6.20 1.67 -3.99
CA MET A 66 -5.71 2.18 -5.25
C MET A 66 -6.88 2.70 -6.08
N MET A 67 -8.00 1.98 -6.05
CA MET A 67 -9.18 2.41 -6.80
C MET A 67 -9.66 3.74 -6.29
N THR A 68 -9.59 3.94 -4.98
CA THR A 68 -10.04 5.19 -4.38
C THR A 68 -9.25 6.37 -4.94
N VAL A 69 -7.98 6.48 -4.56
CA VAL A 69 -7.14 7.56 -5.05
C VAL A 69 -6.96 7.45 -6.55
N ARG A 70 -6.77 6.23 -7.05
CA ARG A 70 -6.60 6.02 -8.48
C ARG A 70 -7.53 4.93 -8.98
N ASP A 1 -4.15 -6.68 -18.24
CA ASP A 1 -3.24 -5.49 -18.24
C ASP A 1 -3.23 -4.84 -16.86
N ALA A 2 -4.17 -3.94 -16.60
CA ALA A 2 -4.22 -3.28 -15.31
C ALA A 2 -4.05 -4.30 -14.19
N GLU A 3 -4.76 -5.42 -14.31
CA GLU A 3 -4.67 -6.46 -13.29
C GLU A 3 -3.27 -7.06 -13.26
N GLU A 4 -2.67 -7.23 -14.44
CA GLU A 4 -1.33 -7.78 -14.51
C GLU A 4 -0.36 -6.81 -13.84
N GLU A 5 -0.12 -5.67 -14.47
CA GLU A 5 0.78 -4.67 -13.92
C GLU A 5 0.52 -4.48 -12.42
N LEU A 6 -0.74 -4.59 -12.02
CA LEU A 6 -1.08 -4.44 -10.61
C LEU A 6 -0.38 -5.51 -9.77
N LYS A 7 -0.43 -6.75 -10.24
CA LYS A 7 0.21 -7.83 -9.51
C LYS A 7 1.71 -7.60 -9.42
N GLU A 8 2.30 -7.12 -10.52
CA GLU A 8 3.74 -6.85 -10.52
C GLU A 8 4.06 -5.69 -9.59
N ALA A 9 3.34 -4.59 -9.76
CA ALA A 9 3.55 -3.41 -8.91
C ALA A 9 3.49 -3.84 -7.44
N PHE A 10 2.48 -4.63 -7.10
CA PHE A 10 2.32 -5.10 -5.73
C PHE A 10 3.61 -5.79 -5.28
N LYS A 11 4.14 -6.65 -6.13
CA LYS A 11 5.36 -7.37 -5.81
C LYS A 11 6.51 -6.40 -5.56
N VAL A 12 6.51 -5.27 -6.25
CA VAL A 12 7.56 -4.27 -6.07
C VAL A 12 7.45 -3.62 -4.69
N PHE A 13 6.24 -3.19 -4.32
CA PHE A 13 6.04 -2.57 -3.01
C PHE A 13 6.34 -3.56 -1.90
N ASP A 14 6.06 -4.83 -2.16
CA ASP A 14 6.29 -5.85 -1.15
C ASP A 14 7.79 -6.10 -0.99
N LYS A 15 8.51 -5.08 -0.51
CA LYS A 15 9.95 -5.23 -0.33
C LYS A 15 10.25 -6.49 0.49
N ASP A 16 9.56 -6.64 1.61
CA ASP A 16 9.78 -7.81 2.47
C ASP A 16 9.32 -9.07 1.75
N GLN A 17 8.68 -8.89 0.60
CA GLN A 17 8.20 -10.03 -0.17
C GLN A 17 7.39 -10.97 0.73
N ASN A 18 6.64 -10.41 1.67
CA ASN A 18 5.84 -11.22 2.60
C ASN A 18 4.40 -11.36 2.12
N GLY A 19 4.12 -10.87 0.92
CA GLY A 19 2.77 -10.96 0.37
C GLY A 19 1.88 -9.85 0.90
N TYR A 20 2.37 -9.11 1.89
CA TYR A 20 1.60 -8.01 2.48
C TYR A 20 2.43 -6.73 2.50
N ILE A 21 1.84 -5.60 2.12
CA ILE A 21 2.57 -4.34 2.12
C ILE A 21 2.54 -3.75 3.54
N SER A 22 3.71 -3.40 4.06
CA SER A 22 3.81 -2.85 5.42
C SER A 22 3.80 -1.33 5.38
N ALA A 23 3.48 -0.69 6.51
CA ALA A 23 3.45 0.76 6.57
C ALA A 23 4.81 1.31 6.14
N SER A 24 5.89 0.72 6.65
CA SER A 24 7.23 1.18 6.32
C SER A 24 7.43 1.15 4.79
N GLU A 25 6.90 0.13 4.13
CA GLU A 25 7.04 0.02 2.69
C GLU A 25 6.16 1.08 2.00
N LEU A 26 4.99 1.35 2.56
CA LEU A 26 4.07 2.33 1.97
C LEU A 26 4.74 3.69 1.89
N ARG A 27 5.41 4.08 2.96
CA ARG A 27 6.09 5.38 2.97
C ARG A 27 7.32 5.33 2.06
N HIS A 28 8.03 4.20 2.07
CA HIS A 28 9.21 4.06 1.23
C HIS A 28 8.82 4.28 -0.24
N VAL A 29 7.70 3.72 -0.63
CA VAL A 29 7.22 3.88 -2.00
C VAL A 29 6.88 5.34 -2.26
N MET A 30 6.21 5.97 -1.30
CA MET A 30 5.83 7.38 -1.47
C MET A 30 7.08 8.24 -1.63
N ILE A 31 8.11 7.95 -0.86
CA ILE A 31 9.36 8.72 -0.96
C ILE A 31 9.98 8.49 -2.34
N ASN A 32 10.02 7.23 -2.78
CA ASN A 32 10.59 6.91 -4.08
C ASN A 32 9.83 7.64 -5.18
N LEU A 33 8.54 7.86 -4.96
CA LEU A 33 7.72 8.56 -5.94
C LEU A 33 7.87 10.07 -5.80
N GLY A 34 8.66 10.50 -4.82
CA GLY A 34 8.86 11.93 -4.60
C GLY A 34 7.76 12.52 -3.74
N GLU A 35 7.06 11.66 -3.00
CA GLU A 35 5.98 12.09 -2.12
C GLU A 35 6.34 11.80 -0.67
N LYS A 36 6.19 12.80 0.20
CA LYS A 36 6.50 12.64 1.62
C LYS A 36 5.32 13.06 2.48
N LEU A 37 4.65 12.09 3.09
CA LEU A 37 3.49 12.38 3.94
C LEU A 37 3.86 12.15 5.40
N THR A 38 3.17 12.83 6.30
CA THR A 38 3.46 12.67 7.73
C THR A 38 3.00 11.29 8.19
N ASP A 39 3.47 10.86 9.36
CA ASP A 39 3.08 9.55 9.87
C ASP A 39 1.56 9.49 10.10
N GLU A 40 1.01 10.59 10.58
CA GLU A 40 -0.43 10.64 10.85
C GLU A 40 -1.22 10.33 9.57
N GLU A 41 -0.71 10.80 8.43
CA GLU A 41 -1.38 10.53 7.17
C GLU A 41 -1.21 9.07 6.78
N VAL A 42 0.03 8.58 6.85
CA VAL A 42 0.29 7.18 6.50
C VAL A 42 -0.47 6.26 7.45
N GLU A 43 -0.37 6.52 8.75
CA GLU A 43 -1.06 5.70 9.73
C GLU A 43 -2.56 5.70 9.46
N GLN A 44 -3.09 6.84 9.03
CA GLN A 44 -4.50 6.94 8.72
C GLN A 44 -4.84 6.13 7.47
N MET A 45 -3.97 6.18 6.46
CA MET A 45 -4.21 5.45 5.24
C MET A 45 -4.22 3.94 5.50
N ILE A 46 -3.27 3.48 6.30
CA ILE A 46 -3.21 2.06 6.63
C ILE A 46 -4.47 1.64 7.38
N LYS A 47 -4.81 2.43 8.39
CA LYS A 47 -6.01 2.15 9.18
C LYS A 47 -7.27 2.29 8.34
N GLU A 48 -7.32 3.35 7.55
CA GLU A 48 -8.48 3.59 6.70
C GLU A 48 -8.55 2.56 5.59
N ALA A 49 -7.39 2.16 5.08
CA ALA A 49 -7.34 1.19 3.99
C ALA A 49 -7.54 -0.23 4.52
N ASP A 50 -7.12 -0.47 5.75
CA ASP A 50 -7.25 -1.79 6.34
C ASP A 50 -8.68 -2.07 6.77
N LEU A 51 -9.26 -3.11 6.19
CA LEU A 51 -10.63 -3.47 6.51
C LEU A 51 -10.69 -4.25 7.83
N ASP A 52 -9.58 -4.90 8.19
CA ASP A 52 -9.54 -5.69 9.42
C ASP A 52 -8.59 -5.10 10.45
N GLY A 53 -8.20 -3.83 10.25
CA GLY A 53 -7.28 -3.18 11.19
C GLY A 53 -6.21 -4.15 11.68
N ASP A 54 -5.70 -5.00 10.78
CA ASP A 54 -4.66 -5.95 11.17
C ASP A 54 -3.30 -5.27 11.26
N GLY A 55 -3.21 -4.09 10.65
CA GLY A 55 -1.97 -3.32 10.66
C GLY A 55 -1.20 -3.54 9.38
N GLN A 56 -1.65 -4.52 8.59
CA GLN A 56 -0.99 -4.87 7.34
C GLN A 56 -1.95 -4.66 6.18
N VAL A 57 -1.47 -3.98 5.14
CA VAL A 57 -2.30 -3.76 3.97
C VAL A 57 -2.26 -5.02 3.10
N ASN A 58 -3.42 -5.61 2.85
CA ASN A 58 -3.50 -6.82 2.02
C ASN A 58 -3.89 -6.45 0.59
N TYR A 59 -3.71 -7.39 -0.34
CA TYR A 59 -4.05 -7.12 -1.74
C TYR A 59 -5.45 -6.54 -1.88
N GLU A 60 -6.41 -7.12 -1.17
CA GLU A 60 -7.79 -6.65 -1.25
C GLU A 60 -7.88 -5.18 -0.86
N GLU A 61 -7.24 -4.80 0.22
CA GLU A 61 -7.29 -3.41 0.64
C GLU A 61 -6.51 -2.53 -0.35
N PHE A 62 -5.39 -3.06 -0.85
CA PHE A 62 -4.58 -2.30 -1.78
C PHE A 62 -5.37 -2.05 -3.07
N VAL A 63 -5.83 -3.13 -3.69
CA VAL A 63 -6.60 -3.00 -4.93
C VAL A 63 -7.81 -2.12 -4.69
N LYS A 64 -8.48 -2.36 -3.57
CA LYS A 64 -9.66 -1.57 -3.21
C LYS A 64 -9.27 -0.11 -3.01
N MET A 65 -8.24 0.09 -2.20
CA MET A 65 -7.74 1.46 -1.94
C MET A 65 -7.27 2.08 -3.23
N MET A 66 -6.62 1.26 -4.03
CA MET A 66 -6.12 1.73 -5.33
C MET A 66 -7.28 2.19 -6.19
N MET A 67 -8.38 1.46 -6.15
CA MET A 67 -9.55 1.81 -6.94
C MET A 67 -10.11 3.15 -6.46
N THR A 68 -10.11 3.35 -5.14
CA THR A 68 -10.63 4.59 -4.57
C THR A 68 -10.01 5.79 -5.28
N VAL A 69 -8.94 5.55 -6.04
CA VAL A 69 -8.27 6.61 -6.77
C VAL A 69 -9.04 6.96 -8.03
N ARG A 70 -10.13 6.24 -8.28
CA ARG A 70 -10.95 6.47 -9.47
C ARG A 70 -12.08 7.45 -9.14
N ASP A 1 -4.74 -5.89 -18.23
CA ASP A 1 -3.42 -5.23 -18.00
C ASP A 1 -3.40 -4.61 -16.60
N ALA A 2 -4.45 -3.89 -16.26
CA ALA A 2 -4.51 -3.25 -14.94
C ALA A 2 -4.21 -4.29 -13.86
N GLU A 3 -4.86 -5.43 -13.94
CA GLU A 3 -4.64 -6.48 -12.96
C GLU A 3 -3.19 -6.95 -12.99
N GLU A 4 -2.59 -6.94 -14.17
CA GLU A 4 -1.20 -7.36 -14.30
C GLU A 4 -0.31 -6.34 -13.60
N GLU A 5 -0.23 -5.14 -14.15
CA GLU A 5 0.60 -4.10 -13.54
C GLU A 5 0.37 -4.03 -12.04
N LEU A 6 -0.90 -4.04 -11.62
CA LEU A 6 -1.20 -4.00 -10.19
C LEU A 6 -0.63 -5.22 -9.49
N LYS A 7 -0.82 -6.39 -10.08
CA LYS A 7 -0.29 -7.61 -9.47
C LYS A 7 1.23 -7.56 -9.41
N GLU A 8 1.86 -7.07 -10.48
CA GLU A 8 3.31 -6.98 -10.51
C GLU A 8 3.78 -5.92 -9.51
N ALA A 9 3.22 -4.72 -9.61
CA ALA A 9 3.61 -3.65 -8.71
C ALA A 9 3.50 -4.12 -7.26
N PHE A 10 2.40 -4.80 -6.94
CA PHE A 10 2.22 -5.31 -5.59
C PHE A 10 3.36 -6.26 -5.22
N LYS A 11 3.72 -7.15 -6.15
CA LYS A 11 4.81 -8.08 -5.90
C LYS A 11 6.14 -7.34 -5.74
N VAL A 12 6.30 -6.24 -6.48
CA VAL A 12 7.54 -5.46 -6.39
C VAL A 12 7.51 -4.54 -5.17
N PHE A 13 6.31 -4.05 -4.82
CA PHE A 13 6.20 -3.16 -3.67
C PHE A 13 6.65 -3.87 -2.41
N ASP A 14 6.40 -5.18 -2.33
CA ASP A 14 6.78 -5.93 -1.15
C ASP A 14 8.30 -6.06 -1.05
N LYS A 15 8.94 -5.08 -0.42
CA LYS A 15 10.39 -5.11 -0.28
C LYS A 15 10.83 -6.41 0.39
N ASP A 16 10.25 -6.69 1.55
CA ASP A 16 10.62 -7.91 2.28
C ASP A 16 9.99 -9.13 1.62
N GLN A 17 9.26 -8.90 0.54
CA GLN A 17 8.62 -10.00 -0.16
C GLN A 17 7.86 -10.89 0.83
N ASN A 18 7.30 -10.30 1.86
CA ASN A 18 6.56 -11.08 2.88
C ASN A 18 5.17 -11.45 2.38
N GLY A 19 4.72 -10.83 1.29
CA GLY A 19 3.40 -11.12 0.73
C GLY A 19 2.37 -10.11 1.21
N TYR A 20 2.80 -9.14 2.02
CA TYR A 20 1.90 -8.11 2.54
C TYR A 20 2.54 -6.73 2.43
N ILE A 21 1.76 -5.70 2.10
CA ILE A 21 2.33 -4.36 2.02
C ILE A 21 2.40 -3.76 3.42
N SER A 22 3.63 -3.52 3.90
CA SER A 22 3.82 -2.96 5.24
C SER A 22 3.82 -1.43 5.20
N ALA A 23 3.48 -0.79 6.31
CA ALA A 23 3.47 0.67 6.35
C ALA A 23 4.84 1.23 5.99
N SER A 24 5.88 0.65 6.58
CA SER A 24 7.24 1.11 6.29
C SER A 24 7.56 0.96 4.81
N GLU A 25 7.18 -0.17 4.21
CA GLU A 25 7.43 -0.38 2.81
C GLU A 25 6.65 0.63 1.96
N LEU A 26 5.44 0.97 2.40
CA LEU A 26 4.63 1.95 1.68
C LEU A 26 5.28 3.33 1.75
N ARG A 27 5.78 3.69 2.93
CA ARG A 27 6.40 4.99 3.10
C ARG A 27 7.62 5.12 2.17
N HIS A 28 8.49 4.10 2.18
CA HIS A 28 9.67 4.12 1.33
C HIS A 28 9.26 4.35 -0.12
N VAL A 29 8.20 3.66 -0.54
CA VAL A 29 7.70 3.83 -1.90
C VAL A 29 7.18 5.26 -2.09
N MET A 30 6.46 5.78 -1.10
CA MET A 30 5.92 7.13 -1.21
C MET A 30 7.04 8.14 -1.43
N ILE A 31 8.14 7.98 -0.70
CA ILE A 31 9.27 8.89 -0.87
C ILE A 31 9.89 8.69 -2.24
N ASN A 32 10.03 7.43 -2.65
CA ASN A 32 10.62 7.13 -3.96
C ASN A 32 9.78 7.74 -5.07
N LEU A 33 8.47 7.79 -4.85
CA LEU A 33 7.57 8.37 -5.84
C LEU A 33 7.55 9.88 -5.74
N GLY A 34 8.31 10.44 -4.81
CA GLY A 34 8.35 11.89 -4.64
C GLY A 34 7.21 12.36 -3.76
N GLU A 35 6.52 11.42 -3.12
CA GLU A 35 5.40 11.75 -2.22
C GLU A 35 5.82 11.55 -0.77
N LYS A 36 5.73 12.61 0.04
CA LYS A 36 6.12 12.52 1.45
C LYS A 36 4.98 13.01 2.33
N LEU A 37 4.27 12.08 2.96
CA LEU A 37 3.16 12.45 3.85
C LEU A 37 3.55 12.20 5.30
N THR A 38 2.90 12.89 6.23
CA THR A 38 3.24 12.71 7.65
C THR A 38 2.86 11.30 8.08
N ASP A 39 3.44 10.82 9.19
CA ASP A 39 3.13 9.48 9.66
C ASP A 39 1.63 9.35 9.97
N GLU A 40 1.03 10.43 10.47
CA GLU A 40 -0.39 10.42 10.77
C GLU A 40 -1.21 10.23 9.50
N GLU A 41 -0.75 10.79 8.38
CA GLU A 41 -1.46 10.65 7.13
C GLU A 41 -1.36 9.22 6.63
N VAL A 42 -0.14 8.68 6.61
CA VAL A 42 0.06 7.31 6.16
C VAL A 42 -0.64 6.33 7.10
N GLU A 43 -0.42 6.51 8.40
CA GLU A 43 -1.04 5.63 9.39
C GLU A 43 -2.56 5.68 9.26
N GLN A 44 -3.09 6.89 9.07
CA GLN A 44 -4.54 7.03 8.93
C GLN A 44 -5.03 6.38 7.63
N MET A 45 -4.26 6.53 6.55
CA MET A 45 -4.65 5.95 5.29
C MET A 45 -4.64 4.42 5.38
N ILE A 46 -3.62 3.87 6.03
CA ILE A 46 -3.53 2.42 6.19
C ILE A 46 -4.69 1.92 7.05
N LYS A 47 -4.93 2.64 8.13
CA LYS A 47 -6.03 2.27 9.04
C LYS A 47 -7.37 2.35 8.32
N GLU A 48 -7.54 3.39 7.51
CA GLU A 48 -8.78 3.56 6.76
C GLU A 48 -8.88 2.51 5.65
N ALA A 49 -7.75 2.19 5.06
CA ALA A 49 -7.73 1.21 3.97
C ALA A 49 -7.89 -0.20 4.51
N ASP A 50 -7.40 -0.43 5.72
CA ASP A 50 -7.47 -1.76 6.30
C ASP A 50 -8.89 -2.10 6.74
N LEU A 51 -9.47 -3.10 6.09
CA LEU A 51 -10.83 -3.51 6.43
C LEU A 51 -10.84 -4.49 7.60
N ASP A 52 -9.74 -5.23 7.76
CA ASP A 52 -9.65 -6.21 8.84
C ASP A 52 -8.85 -5.67 10.03
N GLY A 53 -8.56 -4.38 10.03
CA GLY A 53 -7.80 -3.79 11.13
C GLY A 53 -6.68 -4.73 11.58
N ASP A 54 -5.85 -5.20 10.64
CA ASP A 54 -4.76 -6.09 10.98
C ASP A 54 -3.46 -5.29 11.12
N GLY A 55 -3.45 -4.07 10.60
CA GLY A 55 -2.27 -3.22 10.68
C GLY A 55 -1.45 -3.38 9.41
N GLN A 56 -1.79 -4.37 8.60
CA GLN A 56 -1.08 -4.64 7.38
C GLN A 56 -1.97 -4.35 6.16
N VAL A 57 -1.41 -3.65 5.18
CA VAL A 57 -2.17 -3.36 3.98
C VAL A 57 -2.14 -4.58 3.07
N ASN A 58 -3.27 -5.27 2.92
CA ASN A 58 -3.31 -6.47 2.07
C ASN A 58 -3.66 -6.09 0.63
N TYR A 59 -3.53 -7.03 -0.29
CA TYR A 59 -3.83 -6.75 -1.69
C TYR A 59 -5.27 -6.24 -1.85
N GLU A 60 -6.23 -6.89 -1.21
CA GLU A 60 -7.63 -6.48 -1.32
C GLU A 60 -7.80 -5.02 -0.90
N GLU A 61 -7.18 -4.65 0.21
CA GLU A 61 -7.27 -3.28 0.66
C GLU A 61 -6.44 -2.37 -0.23
N PHE A 62 -5.32 -2.89 -0.73
CA PHE A 62 -4.46 -2.09 -1.58
C PHE A 62 -5.21 -1.75 -2.87
N VAL A 63 -5.69 -2.78 -3.55
CA VAL A 63 -6.41 -2.57 -4.80
C VAL A 63 -7.63 -1.71 -4.55
N LYS A 64 -8.34 -2.02 -3.47
CA LYS A 64 -9.53 -1.26 -3.11
C LYS A 64 -9.15 0.19 -2.87
N MET A 65 -8.13 0.42 -2.05
CA MET A 65 -7.67 1.78 -1.77
C MET A 65 -7.19 2.41 -3.05
N MET A 66 -6.56 1.61 -3.89
CA MET A 66 -6.05 2.10 -5.15
C MET A 66 -7.21 2.48 -6.06
N MET A 67 -8.27 1.67 -6.05
CA MET A 67 -9.43 1.95 -6.89
C MET A 67 -10.05 3.27 -6.47
N THR A 68 -9.99 3.57 -5.18
CA THR A 68 -10.56 4.80 -4.66
C THR A 68 -9.95 6.01 -5.36
N VAL A 69 -8.70 6.31 -5.04
CA VAL A 69 -8.00 7.44 -5.66
C VAL A 69 -7.90 7.24 -7.16
N ARG A 70 -7.51 6.03 -7.59
CA ARG A 70 -7.39 5.75 -9.00
C ARG A 70 -8.60 4.96 -9.50
N ASP A 1 -3.99 -7.06 -18.50
CA ASP A 1 -2.78 -6.19 -18.31
C ASP A 1 -2.83 -5.52 -16.94
N ALA A 2 -3.95 -4.88 -16.63
CA ALA A 2 -4.07 -4.21 -15.34
C ALA A 2 -3.74 -5.19 -14.21
N GLU A 3 -4.33 -6.38 -14.26
CA GLU A 3 -4.07 -7.37 -13.23
C GLU A 3 -2.60 -7.74 -13.21
N GLU A 4 -1.95 -7.65 -14.36
CA GLU A 4 -0.51 -7.96 -14.42
C GLU A 4 0.25 -6.79 -13.80
N GLU A 5 0.17 -5.63 -14.43
CA GLU A 5 0.86 -4.45 -13.91
C GLU A 5 0.63 -4.32 -12.40
N LEU A 6 -0.62 -4.49 -11.96
CA LEU A 6 -0.91 -4.38 -10.54
C LEU A 6 -0.12 -5.43 -9.74
N LYS A 7 -0.12 -6.66 -10.23
CA LYS A 7 0.61 -7.73 -9.54
C LYS A 7 2.09 -7.37 -9.46
N GLU A 8 2.63 -6.80 -10.54
CA GLU A 8 4.03 -6.42 -10.55
C GLU A 8 4.27 -5.28 -9.57
N ALA A 9 3.47 -4.22 -9.66
CA ALA A 9 3.62 -3.09 -8.78
C ALA A 9 3.57 -3.55 -7.32
N PHE A 10 2.54 -4.34 -7.00
CA PHE A 10 2.40 -4.85 -5.64
C PHE A 10 3.66 -5.62 -5.24
N LYS A 11 4.16 -6.45 -6.15
CA LYS A 11 5.35 -7.22 -5.87
C LYS A 11 6.54 -6.31 -5.56
N VAL A 12 6.57 -5.14 -6.19
CA VAL A 12 7.66 -4.19 -5.95
C VAL A 12 7.56 -3.60 -4.54
N PHE A 13 6.36 -3.21 -4.15
CA PHE A 13 6.17 -2.62 -2.82
C PHE A 13 6.47 -3.65 -1.73
N ASP A 14 6.14 -4.90 -2.01
CA ASP A 14 6.37 -5.95 -1.03
C ASP A 14 7.87 -6.24 -0.90
N LYS A 15 8.62 -5.25 -0.44
CA LYS A 15 10.07 -5.44 -0.29
C LYS A 15 10.37 -6.76 0.41
N ASP A 16 9.68 -7.02 1.51
CA ASP A 16 9.89 -8.26 2.25
C ASP A 16 9.27 -9.44 1.50
N GLN A 17 8.60 -9.15 0.41
CA GLN A 17 7.96 -10.20 -0.37
C GLN A 17 7.12 -11.10 0.55
N ASN A 18 6.47 -10.52 1.55
CA ASN A 18 5.67 -11.30 2.48
C ASN A 18 4.23 -11.44 2.00
N GLY A 19 3.95 -10.98 0.78
CA GLY A 19 2.61 -11.08 0.23
C GLY A 19 1.72 -9.95 0.75
N TYR A 20 2.24 -9.16 1.69
CA TYR A 20 1.48 -8.05 2.27
C TYR A 20 2.28 -6.75 2.13
N ILE A 21 1.64 -5.61 2.42
CA ILE A 21 2.36 -4.33 2.33
C ILE A 21 2.32 -3.65 3.70
N SER A 22 3.49 -3.21 4.18
CA SER A 22 3.58 -2.55 5.48
C SER A 22 3.76 -1.04 5.31
N ALA A 23 3.35 -0.27 6.33
CA ALA A 23 3.48 1.17 6.24
C ALA A 23 4.92 1.55 5.87
N SER A 24 5.89 0.82 6.42
CA SER A 24 7.29 1.10 6.11
C SER A 24 7.55 0.91 4.62
N GLU A 25 7.01 -0.14 4.02
CA GLU A 25 7.21 -0.37 2.62
C GLU A 25 6.45 0.68 1.79
N LEU A 26 5.25 1.03 2.22
CA LEU A 26 4.45 2.03 1.51
C LEU A 26 5.14 3.40 1.56
N ARG A 27 5.64 3.76 2.73
CA ARG A 27 6.30 5.04 2.88
C ARG A 27 7.51 5.12 1.95
N HIS A 28 8.32 4.06 1.95
CA HIS A 28 9.52 4.04 1.13
C HIS A 28 9.12 4.25 -0.33
N VAL A 29 8.05 3.59 -0.75
CA VAL A 29 7.57 3.74 -2.12
C VAL A 29 7.10 5.17 -2.35
N MET A 30 6.35 5.72 -1.39
CA MET A 30 5.86 7.09 -1.52
C MET A 30 7.03 8.06 -1.65
N ILE A 31 8.07 7.86 -0.85
CA ILE A 31 9.24 8.73 -0.92
C ILE A 31 9.90 8.60 -2.29
N ASN A 32 10.03 7.36 -2.77
CA ASN A 32 10.64 7.12 -4.07
C ASN A 32 9.80 7.76 -5.16
N LEU A 33 8.48 7.78 -4.95
CA LEU A 33 7.58 8.37 -5.93
C LEU A 33 7.63 9.89 -5.88
N GLY A 34 8.39 10.42 -4.95
CA GLY A 34 8.51 11.87 -4.81
C GLY A 34 7.39 12.43 -3.95
N GLU A 35 6.65 11.54 -3.28
CA GLU A 35 5.54 11.93 -2.42
C GLU A 35 5.92 11.72 -0.95
N LYS A 36 5.82 12.77 -0.14
CA LYS A 36 6.18 12.69 1.28
C LYS A 36 5.01 13.16 2.14
N LEU A 37 4.29 12.21 2.73
CA LEU A 37 3.16 12.55 3.59
C LEU A 37 3.53 12.35 5.05
N THR A 38 2.87 13.08 5.94
CA THR A 38 3.18 12.94 7.37
C THR A 38 2.78 11.54 7.84
N ASP A 39 3.31 11.12 8.99
CA ASP A 39 2.99 9.80 9.50
C ASP A 39 1.50 9.68 9.79
N GLU A 40 0.91 10.74 10.31
CA GLU A 40 -0.51 10.73 10.62
C GLU A 40 -1.33 10.40 9.37
N GLU A 41 -0.86 10.85 8.21
CA GLU A 41 -1.56 10.56 6.97
C GLU A 41 -1.35 9.10 6.57
N VAL A 42 -0.09 8.66 6.59
CA VAL A 42 0.21 7.28 6.25
C VAL A 42 -0.42 6.33 7.26
N GLU A 43 -0.29 6.66 8.54
CA GLU A 43 -0.86 5.82 9.59
C GLU A 43 -2.37 5.78 9.46
N GLN A 44 -2.97 6.91 9.11
CA GLN A 44 -4.42 6.98 8.94
C GLN A 44 -4.85 6.22 7.70
N MET A 45 -4.10 6.37 6.61
CA MET A 45 -4.44 5.69 5.37
C MET A 45 -4.31 4.18 5.55
N ILE A 46 -3.26 3.75 6.24
CA ILE A 46 -3.06 2.33 6.48
C ILE A 46 -4.21 1.78 7.34
N LYS A 47 -4.53 2.52 8.39
CA LYS A 47 -5.62 2.13 9.28
C LYS A 47 -6.96 2.19 8.55
N GLU A 48 -7.15 3.23 7.76
CA GLU A 48 -8.38 3.39 7.02
C GLU A 48 -8.47 2.41 5.87
N ALA A 49 -7.32 2.13 5.26
CA ALA A 49 -7.29 1.21 4.13
C ALA A 49 -7.52 -0.23 4.58
N ASP A 50 -7.08 -0.54 5.78
CA ASP A 50 -7.22 -1.90 6.29
C ASP A 50 -8.65 -2.19 6.71
N LEU A 51 -9.24 -3.19 6.07
CA LEU A 51 -10.61 -3.57 6.38
C LEU A 51 -10.67 -4.55 7.54
N ASP A 52 -9.58 -5.29 7.76
CA ASP A 52 -9.55 -6.28 8.83
C ASP A 52 -8.76 -5.78 10.03
N GLY A 53 -8.40 -4.51 10.04
CA GLY A 53 -7.64 -3.95 11.15
C GLY A 53 -6.50 -4.90 11.56
N ASP A 54 -5.97 -5.67 10.61
CA ASP A 54 -4.88 -6.58 10.92
C ASP A 54 -3.58 -5.81 11.12
N GLY A 55 -3.55 -4.57 10.64
CA GLY A 55 -2.37 -3.72 10.77
C GLY A 55 -1.56 -3.75 9.49
N GLN A 56 -1.96 -4.62 8.57
CA GLN A 56 -1.27 -4.77 7.31
C GLN A 56 -2.22 -4.56 6.14
N VAL A 57 -1.74 -3.91 5.09
CA VAL A 57 -2.58 -3.70 3.93
C VAL A 57 -2.58 -4.97 3.08
N ASN A 58 -3.75 -5.55 2.85
CA ASN A 58 -3.85 -6.78 2.04
C ASN A 58 -4.19 -6.42 0.59
N TYR A 59 -4.04 -7.39 -0.31
CA TYR A 59 -4.32 -7.13 -1.72
C TYR A 59 -5.66 -6.41 -1.89
N GLU A 60 -6.72 -6.94 -1.30
CA GLU A 60 -8.04 -6.32 -1.42
C GLU A 60 -8.03 -4.89 -0.89
N GLU A 61 -7.40 -4.68 0.25
CA GLU A 61 -7.36 -3.36 0.83
C GLU A 61 -6.57 -2.42 -0.09
N PHE A 62 -5.48 -2.92 -0.65
CA PHE A 62 -4.68 -2.10 -1.57
C PHE A 62 -5.52 -1.76 -2.79
N VAL A 63 -6.14 -2.78 -3.37
CA VAL A 63 -6.96 -2.58 -4.55
C VAL A 63 -8.07 -1.58 -4.21
N LYS A 64 -8.73 -1.81 -3.09
CA LYS A 64 -9.80 -0.93 -2.65
C LYS A 64 -9.25 0.45 -2.36
N MET A 65 -8.16 0.50 -1.60
CA MET A 65 -7.52 1.78 -1.28
C MET A 65 -7.03 2.44 -2.55
N MET A 66 -6.42 1.64 -3.39
CA MET A 66 -5.89 2.14 -4.65
C MET A 66 -7.03 2.69 -5.51
N MET A 67 -8.17 2.02 -5.47
CA MET A 67 -9.32 2.46 -6.25
C MET A 67 -9.82 3.80 -5.71
N THR A 68 -9.84 3.94 -4.38
CA THR A 68 -10.31 5.16 -3.76
C THR A 68 -9.51 6.36 -4.27
N VAL A 69 -8.36 6.09 -4.87
CA VAL A 69 -7.51 7.17 -5.37
C VAL A 69 -8.29 8.02 -6.37
N ARG A 70 -8.99 7.38 -7.29
CA ARG A 70 -9.77 8.12 -8.28
C ARG A 70 -10.66 7.17 -9.07
N ASP A 1 -4.51 -6.62 -18.42
CA ASP A 1 -3.17 -6.04 -18.13
C ASP A 1 -3.19 -5.33 -16.78
N ALA A 2 -4.29 -4.66 -16.47
CA ALA A 2 -4.39 -3.95 -15.20
C ALA A 2 -4.08 -4.90 -14.05
N GLU A 3 -4.69 -6.07 -14.09
CA GLU A 3 -4.46 -7.06 -13.04
C GLU A 3 -3.00 -7.52 -13.04
N GLU A 4 -2.41 -7.58 -14.21
CA GLU A 4 -1.00 -7.98 -14.31
C GLU A 4 -0.13 -6.85 -13.76
N GLU A 5 -0.09 -5.73 -14.47
CA GLU A 5 0.71 -4.61 -14.04
C GLU A 5 0.48 -4.32 -12.56
N LEU A 6 -0.77 -4.37 -12.12
CA LEU A 6 -1.08 -4.13 -10.72
C LEU A 6 -0.43 -5.19 -9.84
N LYS A 7 -0.53 -6.45 -10.25
CA LYS A 7 0.07 -7.54 -9.48
C LYS A 7 1.58 -7.34 -9.39
N GLU A 8 2.19 -6.82 -10.45
CA GLU A 8 3.63 -6.58 -10.45
C GLU A 8 3.96 -5.47 -9.46
N ALA A 9 3.26 -4.34 -9.56
CA ALA A 9 3.52 -3.22 -8.67
C ALA A 9 3.45 -3.71 -7.22
N PHE A 10 2.41 -4.49 -6.90
CA PHE A 10 2.26 -5.02 -5.56
C PHE A 10 3.52 -5.79 -5.16
N LYS A 11 4.05 -6.60 -6.07
CA LYS A 11 5.25 -7.36 -5.80
C LYS A 11 6.43 -6.43 -5.52
N VAL A 12 6.45 -5.27 -6.17
CA VAL A 12 7.52 -4.31 -5.95
C VAL A 12 7.45 -3.70 -4.55
N PHE A 13 6.25 -3.25 -4.16
CA PHE A 13 6.08 -2.66 -2.84
C PHE A 13 6.31 -3.70 -1.77
N ASP A 14 5.98 -4.94 -2.07
CA ASP A 14 6.15 -6.02 -1.10
C ASP A 14 7.62 -6.42 -1.00
N LYS A 15 8.49 -5.46 -0.67
CA LYS A 15 9.92 -5.76 -0.56
C LYS A 15 10.13 -6.96 0.36
N ASP A 16 9.45 -6.97 1.50
CA ASP A 16 9.59 -8.07 2.43
C ASP A 16 9.04 -9.36 1.82
N GLN A 17 8.39 -9.23 0.67
CA GLN A 17 7.84 -10.39 -0.01
C GLN A 17 6.94 -11.18 0.95
N ASN A 18 6.47 -10.53 2.02
CA ASN A 18 5.63 -11.20 3.00
C ASN A 18 4.20 -11.33 2.49
N GLY A 19 3.94 -10.83 1.29
CA GLY A 19 2.59 -10.92 0.71
C GLY A 19 1.70 -9.79 1.20
N TYR A 20 2.25 -8.93 2.06
CA TYR A 20 1.48 -7.81 2.62
C TYR A 20 2.32 -6.53 2.58
N ILE A 21 1.70 -5.40 2.23
CA ILE A 21 2.45 -4.13 2.20
C ILE A 21 2.40 -3.50 3.59
N SER A 22 3.55 -3.07 4.10
CA SER A 22 3.62 -2.47 5.44
C SER A 22 3.76 -0.95 5.33
N ALA A 23 3.42 -0.24 6.40
CA ALA A 23 3.52 1.22 6.38
C ALA A 23 4.92 1.63 5.93
N SER A 24 5.95 0.93 6.42
CA SER A 24 7.32 1.26 6.04
C SER A 24 7.48 1.19 4.52
N GLU A 25 6.86 0.21 3.88
CA GLU A 25 6.95 0.10 2.44
C GLU A 25 6.11 1.19 1.78
N LEU A 26 4.95 1.49 2.34
CA LEU A 26 4.08 2.51 1.76
C LEU A 26 4.79 3.87 1.73
N ARG A 27 5.41 4.22 2.84
CA ARG A 27 6.11 5.50 2.91
C ARG A 27 7.34 5.48 2.02
N HIS A 28 8.08 4.38 2.04
CA HIS A 28 9.28 4.26 1.22
C HIS A 28 8.92 4.49 -0.24
N VAL A 29 7.80 3.94 -0.66
CA VAL A 29 7.36 4.12 -2.04
C VAL A 29 7.02 5.59 -2.29
N MET A 30 6.34 6.22 -1.34
CA MET A 30 5.97 7.62 -1.50
C MET A 30 7.23 8.48 -1.67
N ILE A 31 8.27 8.18 -0.89
CA ILE A 31 9.51 8.93 -1.00
C ILE A 31 10.15 8.70 -2.38
N ASN A 32 10.15 7.44 -2.82
CA ASN A 32 10.73 7.11 -4.12
C ASN A 32 10.00 7.88 -5.22
N LEU A 33 8.73 8.16 -5.00
CA LEU A 33 7.94 8.90 -5.98
C LEU A 33 8.16 10.40 -5.83
N GLY A 34 9.00 10.78 -4.88
CA GLY A 34 9.27 12.20 -4.66
C GLY A 34 8.18 12.84 -3.80
N GLU A 35 7.40 12.00 -3.11
CA GLU A 35 6.32 12.49 -2.25
C GLU A 35 6.58 12.06 -0.81
N LYS A 36 6.36 12.96 0.15
CA LYS A 36 6.58 12.64 1.57
C LYS A 36 5.31 12.91 2.36
N LEU A 37 4.63 11.83 2.78
CA LEU A 37 3.40 11.98 3.55
C LEU A 37 3.72 12.00 5.04
N THR A 38 2.87 12.64 5.84
CA THR A 38 3.11 12.70 7.27
C THR A 38 2.89 11.32 7.89
N ASP A 39 3.48 11.06 9.06
CA ASP A 39 3.31 9.76 9.70
C ASP A 39 1.85 9.53 10.06
N GLU A 40 1.19 10.57 10.56
CA GLU A 40 -0.22 10.44 10.93
C GLU A 40 -1.09 10.26 9.69
N GLU A 41 -0.65 10.81 8.56
CA GLU A 41 -1.41 10.67 7.33
C GLU A 41 -1.26 9.26 6.77
N VAL A 42 -0.02 8.78 6.71
CA VAL A 42 0.22 7.44 6.20
C VAL A 42 -0.46 6.41 7.10
N GLU A 43 -0.28 6.54 8.41
CA GLU A 43 -0.91 5.63 9.34
C GLU A 43 -2.42 5.66 9.18
N GLN A 44 -2.97 6.85 8.88
CA GLN A 44 -4.40 6.97 8.69
C GLN A 44 -4.86 6.12 7.51
N MET A 45 -4.16 6.23 6.37
CA MET A 45 -4.52 5.45 5.21
C MET A 45 -4.31 3.96 5.47
N ILE A 46 -3.24 3.63 6.18
CA ILE A 46 -2.97 2.23 6.50
C ILE A 46 -4.08 1.69 7.39
N LYS A 47 -4.45 2.47 8.40
CA LYS A 47 -5.53 2.06 9.30
C LYS A 47 -6.88 2.11 8.59
N GLU A 48 -7.06 3.12 7.76
CA GLU A 48 -8.31 3.25 7.02
C GLU A 48 -8.40 2.25 5.89
N ALA A 49 -7.27 1.96 5.27
CA ALA A 49 -7.26 1.01 4.16
C ALA A 49 -7.38 -0.42 4.66
N ASP A 50 -6.92 -0.67 5.88
CA ASP A 50 -6.96 -2.01 6.43
C ASP A 50 -8.37 -2.42 6.80
N LEU A 51 -8.91 -3.38 6.06
CA LEU A 51 -10.26 -3.87 6.34
C LEU A 51 -10.26 -5.00 7.37
N ASP A 52 -9.12 -5.69 7.47
CA ASP A 52 -9.02 -6.81 8.41
C ASP A 52 -8.55 -6.34 9.79
N GLY A 53 -8.35 -5.04 9.96
CA GLY A 53 -7.91 -4.53 11.24
C GLY A 53 -6.58 -5.16 11.66
N ASP A 54 -5.99 -5.97 10.78
CA ASP A 54 -4.71 -6.61 11.09
C ASP A 54 -3.60 -5.57 11.18
N GLY A 55 -3.86 -4.39 10.63
CA GLY A 55 -2.87 -3.32 10.65
C GLY A 55 -1.96 -3.42 9.45
N GLN A 56 -2.30 -4.33 8.54
CA GLN A 56 -1.51 -4.56 7.34
C GLN A 56 -2.35 -4.34 6.09
N VAL A 57 -1.74 -3.78 5.05
CA VAL A 57 -2.46 -3.56 3.81
C VAL A 57 -2.43 -4.85 3.00
N ASN A 58 -3.60 -5.46 2.78
CA ASN A 58 -3.67 -6.71 2.00
C ASN A 58 -4.02 -6.41 0.55
N TYR A 59 -3.86 -7.40 -0.33
CA TYR A 59 -4.15 -7.19 -1.74
C TYR A 59 -5.51 -6.51 -1.92
N GLU A 60 -6.56 -7.06 -1.32
CA GLU A 60 -7.90 -6.48 -1.45
C GLU A 60 -7.92 -5.05 -0.95
N GLU A 61 -7.30 -4.80 0.18
CA GLU A 61 -7.28 -3.45 0.73
C GLU A 61 -6.48 -2.54 -0.18
N PHE A 62 -5.37 -3.02 -0.71
CA PHE A 62 -4.55 -2.21 -1.60
C PHE A 62 -5.34 -1.89 -2.86
N VAL A 63 -5.91 -2.92 -3.46
CA VAL A 63 -6.69 -2.74 -4.68
C VAL A 63 -7.85 -1.80 -4.38
N LYS A 64 -8.52 -2.06 -3.27
CA LYS A 64 -9.65 -1.24 -2.87
C LYS A 64 -9.19 0.21 -2.65
N MET A 65 -8.12 0.38 -1.89
CA MET A 65 -7.57 1.71 -1.63
C MET A 65 -7.10 2.31 -2.93
N MET A 66 -6.50 1.47 -3.77
CA MET A 66 -6.02 1.94 -5.05
C MET A 66 -7.19 2.32 -5.94
N MET A 67 -8.25 1.53 -5.91
CA MET A 67 -9.42 1.82 -6.71
C MET A 67 -10.02 3.16 -6.30
N THR A 68 -9.97 3.45 -5.01
CA THR A 68 -10.52 4.70 -4.50
C THR A 68 -9.86 5.89 -5.18
N VAL A 69 -8.62 6.16 -4.83
CA VAL A 69 -7.88 7.26 -5.43
C VAL A 69 -7.63 7.00 -6.92
N ARG A 70 -7.83 5.75 -7.35
CA ARG A 70 -7.62 5.40 -8.73
C ARG A 70 -6.21 5.75 -9.16
N ASP A 1 -4.46 -6.29 -18.43
CA ASP A 1 -3.28 -5.39 -18.49
C ASP A 1 -3.17 -4.59 -17.19
N ALA A 2 -4.06 -3.61 -17.03
CA ALA A 2 -4.02 -2.79 -15.82
C ALA A 2 -3.94 -3.68 -14.59
N GLU A 3 -4.72 -4.76 -14.58
CA GLU A 3 -4.69 -5.70 -13.46
C GLU A 3 -3.37 -6.44 -13.40
N GLU A 4 -2.87 -6.85 -14.57
CA GLU A 4 -1.59 -7.54 -14.62
C GLU A 4 -0.55 -6.70 -13.90
N GLU A 5 -0.18 -5.57 -14.50
CA GLU A 5 0.79 -4.69 -13.88
C GLU A 5 0.48 -4.49 -12.39
N LEU A 6 -0.81 -4.50 -12.04
CA LEU A 6 -1.18 -4.33 -10.64
C LEU A 6 -0.61 -5.46 -9.79
N LYS A 7 -0.72 -6.69 -10.26
CA LYS A 7 -0.17 -7.83 -9.53
C LYS A 7 1.34 -7.70 -9.41
N GLU A 8 1.99 -7.26 -10.48
CA GLU A 8 3.44 -7.10 -10.46
C GLU A 8 3.82 -5.96 -9.53
N ALA A 9 3.22 -4.80 -9.73
CA ALA A 9 3.52 -3.65 -8.89
C ALA A 9 3.36 -4.03 -7.42
N PHE A 10 2.26 -4.72 -7.10
CA PHE A 10 2.02 -5.15 -5.73
C PHE A 10 3.17 -6.01 -5.25
N LYS A 11 3.64 -6.92 -6.08
CA LYS A 11 4.75 -7.80 -5.72
C LYS A 11 6.02 -6.98 -5.50
N VAL A 12 6.17 -5.89 -6.24
CA VAL A 12 7.36 -5.05 -6.09
C VAL A 12 7.19 -4.09 -4.91
N PHE A 13 5.95 -3.77 -4.57
CA PHE A 13 5.69 -2.88 -3.45
C PHE A 13 6.16 -3.50 -2.14
N ASP A 14 6.04 -4.82 -2.05
CA ASP A 14 6.44 -5.51 -0.84
C ASP A 14 7.96 -5.76 -0.82
N LYS A 15 8.73 -4.71 -0.56
CA LYS A 15 10.19 -4.86 -0.54
C LYS A 15 10.56 -6.09 0.30
N ASP A 16 9.91 -6.26 1.43
CA ASP A 16 10.19 -7.40 2.30
C ASP A 16 9.67 -8.68 1.68
N GLN A 17 8.94 -8.55 0.59
CA GLN A 17 8.39 -9.71 -0.09
C GLN A 17 7.58 -10.56 0.88
N ASN A 18 6.94 -9.91 1.85
CA ASN A 18 6.13 -10.65 2.84
C ASN A 18 4.72 -10.89 2.33
N GLY A 19 4.45 -10.49 1.09
CA GLY A 19 3.12 -10.68 0.51
C GLY A 19 2.15 -9.64 1.05
N TYR A 20 2.59 -8.87 2.06
CA TYR A 20 1.74 -7.83 2.66
C TYR A 20 2.48 -6.49 2.66
N ILE A 21 1.79 -5.41 2.29
CA ILE A 21 2.44 -4.10 2.28
C ILE A 21 2.38 -3.52 3.70
N SER A 22 3.56 -3.20 4.25
CA SER A 22 3.64 -2.64 5.60
C SER A 22 3.81 -1.13 5.56
N ALA A 23 3.60 -0.47 6.70
CA ALA A 23 3.74 0.98 6.74
C ALA A 23 5.13 1.38 6.23
N SER A 24 6.16 0.68 6.67
CA SER A 24 7.51 0.97 6.23
C SER A 24 7.61 0.89 4.71
N GLU A 25 6.95 -0.10 4.11
CA GLU A 25 6.98 -0.24 2.68
C GLU A 25 6.11 0.84 2.02
N LEU A 26 4.96 1.13 2.62
CA LEU A 26 4.06 2.14 2.06
C LEU A 26 4.77 3.50 1.97
N ARG A 27 5.44 3.88 3.05
CA ARG A 27 6.15 5.16 3.06
C ARG A 27 7.37 5.08 2.14
N HIS A 28 8.08 3.96 2.17
CA HIS A 28 9.26 3.80 1.34
C HIS A 28 8.88 4.01 -0.12
N VAL A 29 7.77 3.39 -0.53
CA VAL A 29 7.31 3.54 -1.90
C VAL A 29 6.92 4.99 -2.18
N MET A 30 6.23 5.60 -1.23
CA MET A 30 5.81 6.99 -1.40
C MET A 30 7.03 7.90 -1.56
N ILE A 31 8.06 7.67 -0.74
CA ILE A 31 9.27 8.47 -0.84
C ILE A 31 9.95 8.25 -2.19
N ASN A 32 10.03 6.99 -2.60
CA ASN A 32 10.65 6.67 -3.88
C ASN A 32 9.86 7.30 -5.02
N LEU A 33 8.54 7.41 -4.83
CA LEU A 33 7.69 7.99 -5.84
C LEU A 33 7.77 9.52 -5.81
N GLY A 34 8.56 10.05 -4.90
CA GLY A 34 8.71 11.50 -4.79
C GLY A 34 7.57 12.09 -3.96
N GLU A 35 6.85 11.25 -3.24
CA GLU A 35 5.73 11.70 -2.40
C GLU A 35 6.04 11.40 -0.94
N LYS A 36 5.80 12.38 -0.06
CA LYS A 36 6.07 12.20 1.37
C LYS A 36 4.92 12.78 2.19
N LEU A 37 4.17 11.92 2.87
CA LEU A 37 3.05 12.37 3.69
C LEU A 37 3.43 12.35 5.16
N THR A 38 2.73 13.12 5.98
CA THR A 38 3.06 13.17 7.40
C THR A 38 2.84 11.79 8.02
N ASP A 39 3.44 11.54 9.18
CA ASP A 39 3.28 10.24 9.83
C ASP A 39 1.81 9.97 10.15
N GLU A 40 1.09 11.01 10.55
CA GLU A 40 -0.33 10.86 10.86
C GLU A 40 -1.12 10.54 9.60
N GLU A 41 -0.67 11.03 8.46
CA GLU A 41 -1.36 10.76 7.20
C GLU A 41 -1.17 9.29 6.81
N VAL A 42 0.06 8.81 6.89
CA VAL A 42 0.34 7.42 6.55
C VAL A 42 -0.41 6.48 7.48
N GLU A 43 -0.32 6.74 8.79
CA GLU A 43 -1.02 5.90 9.75
C GLU A 43 -2.51 5.92 9.48
N GLN A 44 -3.05 7.08 9.12
CA GLN A 44 -4.47 7.19 8.83
C GLN A 44 -4.83 6.34 7.61
N MET A 45 -4.06 6.46 6.54
CA MET A 45 -4.33 5.70 5.34
C MET A 45 -4.16 4.21 5.61
N ILE A 46 -3.12 3.85 6.36
CA ILE A 46 -2.90 2.44 6.69
C ILE A 46 -4.05 1.93 7.54
N LYS A 47 -4.43 2.72 8.54
CA LYS A 47 -5.53 2.35 9.42
C LYS A 47 -6.86 2.36 8.67
N GLU A 48 -7.04 3.39 7.84
CA GLU A 48 -8.27 3.51 7.07
C GLU A 48 -8.30 2.48 5.93
N ALA A 49 -7.14 2.23 5.35
CA ALA A 49 -7.06 1.27 4.25
C ALA A 49 -7.26 -0.15 4.75
N ASP A 50 -6.81 -0.42 5.96
CA ASP A 50 -6.92 -1.76 6.52
C ASP A 50 -8.36 -2.14 6.80
N LEU A 51 -8.88 -3.06 6.00
CA LEU A 51 -10.25 -3.51 6.18
C LEU A 51 -10.32 -4.71 7.13
N ASP A 52 -9.28 -5.52 7.14
CA ASP A 52 -9.26 -6.70 7.99
C ASP A 52 -8.96 -6.35 9.45
N GLY A 53 -8.53 -5.13 9.70
CA GLY A 53 -8.23 -4.72 11.05
C GLY A 53 -6.97 -5.42 11.58
N ASP A 54 -6.09 -5.82 10.67
CA ASP A 54 -4.85 -6.50 11.08
C ASP A 54 -3.71 -5.48 11.19
N GLY A 55 -3.91 -4.30 10.62
CA GLY A 55 -2.89 -3.25 10.67
C GLY A 55 -1.98 -3.34 9.47
N GLN A 56 -2.27 -4.30 8.60
CA GLN A 56 -1.47 -4.52 7.40
C GLN A 56 -2.29 -4.30 6.15
N VAL A 57 -1.70 -3.64 5.16
CA VAL A 57 -2.41 -3.41 3.91
C VAL A 57 -2.21 -4.63 3.00
N ASN A 58 -3.26 -5.41 2.79
CA ASN A 58 -3.14 -6.60 1.94
C ASN A 58 -3.59 -6.28 0.52
N TYR A 59 -3.47 -7.24 -0.39
CA TYR A 59 -3.85 -7.01 -1.78
C TYR A 59 -5.28 -6.45 -1.86
N GLU A 60 -6.21 -7.02 -1.08
CA GLU A 60 -7.59 -6.55 -1.12
C GLU A 60 -7.68 -5.08 -0.73
N GLU A 61 -7.06 -4.71 0.37
CA GLU A 61 -7.09 -3.33 0.80
C GLU A 61 -6.31 -2.47 -0.17
N PHE A 62 -5.19 -2.97 -0.65
CA PHE A 62 -4.38 -2.20 -1.58
C PHE A 62 -5.15 -1.95 -2.87
N VAL A 63 -5.63 -3.03 -3.49
CA VAL A 63 -6.37 -2.90 -4.73
C VAL A 63 -7.60 -2.03 -4.50
N LYS A 64 -8.29 -2.29 -3.41
CA LYS A 64 -9.47 -1.52 -3.07
C LYS A 64 -9.09 -0.06 -2.87
N MET A 65 -8.07 0.18 -2.06
CA MET A 65 -7.60 1.55 -1.82
C MET A 65 -7.14 2.16 -3.12
N MET A 66 -6.48 1.34 -3.92
CA MET A 66 -5.99 1.82 -5.20
C MET A 66 -7.15 2.20 -6.11
N MET A 67 -8.21 1.40 -6.07
CA MET A 67 -9.39 1.68 -6.88
C MET A 67 -10.00 3.01 -6.47
N THR A 68 -10.01 3.27 -5.16
CA THR A 68 -10.58 4.51 -4.66
C THR A 68 -9.84 5.72 -5.22
N VAL A 69 -8.62 5.93 -4.74
CA VAL A 69 -7.81 7.04 -5.23
C VAL A 69 -7.48 6.87 -6.71
N ARG A 70 -7.09 5.67 -7.09
CA ARG A 70 -6.75 5.40 -8.49
C ARG A 70 -5.90 6.53 -9.06
N ASP A 1 -1.72 -5.80 -18.72
CA ASP A 1 -3.15 -5.57 -18.35
C ASP A 1 -3.22 -4.95 -16.97
N ALA A 2 -4.34 -4.29 -16.66
CA ALA A 2 -4.49 -3.67 -15.36
C ALA A 2 -4.30 -4.70 -14.26
N GLU A 3 -4.98 -5.84 -14.38
CA GLU A 3 -4.86 -6.90 -13.38
C GLU A 3 -3.44 -7.46 -13.38
N GLU A 4 -2.84 -7.55 -14.55
CA GLU A 4 -1.47 -8.05 -14.64
C GLU A 4 -0.53 -7.06 -13.96
N GLU A 5 -0.35 -5.89 -14.56
CA GLU A 5 0.52 -4.89 -14.00
C GLU A 5 0.25 -4.72 -12.50
N LEU A 6 -1.04 -4.78 -12.12
CA LEU A 6 -1.38 -4.63 -10.71
C LEU A 6 -0.72 -5.73 -9.88
N LYS A 7 -0.80 -6.96 -10.34
CA LYS A 7 -0.20 -8.07 -9.62
C LYS A 7 1.31 -7.88 -9.53
N GLU A 8 1.90 -7.39 -10.61
CA GLU A 8 3.35 -7.16 -10.62
C GLU A 8 3.70 -6.03 -9.66
N ALA A 9 3.05 -4.89 -9.82
CA ALA A 9 3.31 -3.76 -8.95
C ALA A 9 3.23 -4.18 -7.49
N PHE A 10 2.20 -4.95 -7.16
CA PHE A 10 2.03 -5.44 -5.80
C PHE A 10 3.27 -6.22 -5.36
N LYS A 11 3.74 -7.10 -6.22
CA LYS A 11 4.93 -7.88 -5.92
C LYS A 11 6.14 -6.98 -5.68
N VAL A 12 6.19 -5.86 -6.40
CA VAL A 12 7.28 -4.91 -6.24
C VAL A 12 7.16 -4.17 -4.90
N PHE A 13 5.93 -3.77 -4.57
CA PHE A 13 5.70 -3.05 -3.32
C PHE A 13 6.13 -3.89 -2.13
N ASP A 14 5.91 -5.19 -2.22
CA ASP A 14 6.27 -6.07 -1.12
C ASP A 14 7.78 -6.21 -0.99
N LYS A 15 8.42 -5.19 -0.40
CA LYS A 15 9.87 -5.23 -0.24
C LYS A 15 10.28 -6.50 0.49
N ASP A 16 9.63 -6.77 1.62
CA ASP A 16 9.95 -7.97 2.39
C ASP A 16 9.43 -9.21 1.68
N GLN A 17 8.79 -9.01 0.54
CA GLN A 17 8.24 -10.13 -0.23
C GLN A 17 7.48 -11.08 0.71
N ASN A 18 6.85 -10.52 1.74
CA ASN A 18 6.11 -11.36 2.70
C ASN A 18 4.68 -11.58 2.25
N GLY A 19 4.27 -10.92 1.17
CA GLY A 19 2.91 -11.06 0.66
C GLY A 19 2.01 -9.94 1.17
N TYR A 20 2.48 -9.22 2.19
CA TYR A 20 1.71 -8.12 2.78
C TYR A 20 2.49 -6.82 2.71
N ILE A 21 1.85 -5.74 2.27
CA ILE A 21 2.54 -4.46 2.20
C ILE A 21 2.51 -3.81 3.59
N SER A 22 3.69 -3.45 4.10
CA SER A 22 3.78 -2.83 5.42
C SER A 22 3.76 -1.31 5.31
N ALA A 23 3.28 -0.62 6.34
CA ALA A 23 3.23 0.83 6.31
C ALA A 23 4.61 1.39 5.94
N SER A 24 5.66 0.77 6.48
CA SER A 24 7.02 1.22 6.19
C SER A 24 7.31 1.10 4.69
N GLU A 25 6.86 0.00 4.07
CA GLU A 25 7.08 -0.20 2.66
C GLU A 25 6.35 0.88 1.85
N LEU A 26 5.14 1.23 2.28
CA LEU A 26 4.36 2.25 1.58
C LEU A 26 5.09 3.59 1.64
N ARG A 27 5.65 3.90 2.81
CA ARG A 27 6.36 5.16 2.97
C ARG A 27 7.55 5.22 2.02
N HIS A 28 8.34 4.16 1.97
CA HIS A 28 9.49 4.12 1.09
C HIS A 28 9.06 4.46 -0.34
N VAL A 29 7.94 3.90 -0.77
CA VAL A 29 7.43 4.17 -2.10
C VAL A 29 7.05 5.65 -2.23
N MET A 30 6.42 6.20 -1.20
CA MET A 30 6.01 7.59 -1.24
C MET A 30 7.22 8.49 -1.43
N ILE A 31 8.30 8.21 -0.71
CA ILE A 31 9.51 9.00 -0.84
C ILE A 31 10.11 8.79 -2.24
N ASN A 32 10.12 7.55 -2.69
CA ASN A 32 10.67 7.24 -4.00
C ASN A 32 9.93 8.01 -5.07
N LEU A 33 8.64 8.22 -4.86
CA LEU A 33 7.83 8.97 -5.81
C LEU A 33 7.99 10.48 -5.62
N GLY A 34 8.77 10.85 -4.63
CA GLY A 34 9.01 12.27 -4.36
C GLY A 34 7.87 12.86 -3.53
N GLU A 35 7.10 11.99 -2.88
CA GLU A 35 5.98 12.42 -2.04
C GLU A 35 6.20 11.97 -0.59
N LYS A 36 5.97 12.86 0.37
CA LYS A 36 6.16 12.54 1.78
C LYS A 36 5.00 13.09 2.61
N LEU A 37 4.23 12.21 3.24
CA LEU A 37 3.10 12.63 4.07
C LEU A 37 3.45 12.46 5.53
N THR A 38 2.76 13.19 6.40
CA THR A 38 3.05 13.09 7.83
C THR A 38 2.68 11.69 8.32
N ASP A 39 3.19 11.31 9.49
CA ASP A 39 2.90 9.98 10.03
C ASP A 39 1.40 9.82 10.26
N GLU A 40 0.75 10.88 10.76
CA GLU A 40 -0.68 10.82 11.03
C GLU A 40 -1.45 10.53 9.74
N GLU A 41 -0.98 11.07 8.63
CA GLU A 41 -1.64 10.82 7.35
C GLU A 41 -1.40 9.39 6.90
N VAL A 42 -0.15 8.95 6.95
CA VAL A 42 0.17 7.59 6.55
C VAL A 42 -0.51 6.59 7.47
N GLU A 43 -0.42 6.81 8.77
CA GLU A 43 -1.05 5.92 9.73
C GLU A 43 -2.56 5.90 9.52
N GLN A 44 -3.13 7.06 9.26
CA GLN A 44 -4.56 7.15 9.02
C GLN A 44 -4.94 6.41 7.73
N MET A 45 -4.17 6.62 6.68
CA MET A 45 -4.45 5.97 5.42
C MET A 45 -4.41 4.46 5.56
N ILE A 46 -3.43 3.96 6.31
CA ILE A 46 -3.31 2.53 6.52
C ILE A 46 -4.54 2.01 7.26
N LYS A 47 -4.94 2.74 8.29
CA LYS A 47 -6.11 2.37 9.08
C LYS A 47 -7.38 2.41 8.23
N GLU A 48 -7.51 3.46 7.43
CA GLU A 48 -8.67 3.60 6.57
C GLU A 48 -8.68 2.55 5.48
N ALA A 49 -7.50 2.24 4.96
CA ALA A 49 -7.39 1.25 3.89
C ALA A 49 -7.54 -0.17 4.42
N ASP A 50 -7.14 -0.37 5.66
CA ASP A 50 -7.21 -1.69 6.27
C ASP A 50 -8.65 -2.05 6.62
N LEU A 51 -9.18 -3.04 5.92
CA LEU A 51 -10.55 -3.49 6.18
C LEU A 51 -10.63 -4.40 7.39
N ASP A 52 -9.54 -5.12 7.68
CA ASP A 52 -9.51 -6.03 8.82
C ASP A 52 -8.55 -5.57 9.90
N GLY A 53 -8.08 -4.33 9.81
CA GLY A 53 -7.16 -3.81 10.81
C GLY A 53 -6.13 -4.87 11.22
N ASP A 54 -5.64 -5.63 10.24
CA ASP A 54 -4.64 -6.66 10.54
C ASP A 54 -3.31 -6.02 10.90
N GLY A 55 -3.16 -4.75 10.55
CA GLY A 55 -1.93 -4.02 10.85
C GLY A 55 -1.13 -3.82 9.57
N GLN A 56 -1.50 -4.56 8.54
CA GLN A 56 -0.81 -4.49 7.26
C GLN A 56 -1.79 -4.35 6.12
N VAL A 57 -1.38 -3.65 5.06
CA VAL A 57 -2.25 -3.49 3.91
C VAL A 57 -2.14 -4.75 3.04
N ASN A 58 -3.26 -5.44 2.84
CA ASN A 58 -3.25 -6.67 2.02
C ASN A 58 -3.66 -6.34 0.59
N TYR A 59 -3.57 -7.32 -0.29
CA TYR A 59 -3.93 -7.09 -1.70
C TYR A 59 -5.33 -6.49 -1.83
N GLU A 60 -6.30 -7.07 -1.14
CA GLU A 60 -7.67 -6.57 -1.21
C GLU A 60 -7.73 -5.09 -0.80
N GLU A 61 -7.06 -4.75 0.28
CA GLU A 61 -7.05 -3.37 0.73
C GLU A 61 -6.23 -2.53 -0.24
N PHE A 62 -5.14 -3.09 -0.75
CA PHE A 62 -4.29 -2.35 -1.67
C PHE A 62 -5.08 -2.01 -2.93
N VAL A 63 -5.61 -3.04 -3.59
CA VAL A 63 -6.37 -2.83 -4.81
C VAL A 63 -7.53 -1.88 -4.52
N LYS A 64 -8.21 -2.13 -3.42
CA LYS A 64 -9.33 -1.30 -3.02
C LYS A 64 -8.85 0.13 -2.78
N MET A 65 -7.78 0.25 -2.00
CA MET A 65 -7.21 1.57 -1.71
C MET A 65 -6.71 2.19 -3.00
N MET A 66 -6.12 1.36 -3.84
CA MET A 66 -5.61 1.83 -5.11
C MET A 66 -6.74 2.39 -5.96
N MET A 67 -7.88 1.69 -5.94
CA MET A 67 -9.04 2.14 -6.70
C MET A 67 -9.56 3.47 -6.16
N THR A 68 -9.59 3.58 -4.83
CA THR A 68 -10.08 4.80 -4.20
C THR A 68 -9.32 6.01 -4.72
N VAL A 69 -8.17 5.77 -5.33
CA VAL A 69 -7.36 6.86 -5.87
C VAL A 69 -8.18 7.70 -6.83
N ARG A 70 -8.88 7.06 -7.74
CA ARG A 70 -9.71 7.79 -8.70
C ARG A 70 -10.60 6.83 -9.48
N ASP A 1 -1.70 -6.58 -18.71
CA ASP A 1 -3.10 -6.58 -18.21
C ASP A 1 -3.18 -5.81 -16.90
N ALA A 2 -4.39 -5.35 -16.55
CA ALA A 2 -4.55 -4.60 -15.31
C ALA A 2 -4.04 -5.43 -14.13
N GLU A 3 -4.49 -6.67 -14.05
CA GLU A 3 -4.07 -7.54 -12.95
C GLU A 3 -2.58 -7.85 -13.05
N GLU A 4 -2.10 -8.08 -14.27
CA GLU A 4 -0.68 -8.36 -14.45
C GLU A 4 0.13 -7.17 -13.96
N GLU A 5 0.07 -6.06 -14.69
CA GLU A 5 0.82 -4.87 -14.30
C GLU A 5 0.59 -4.56 -12.82
N LEU A 6 -0.65 -4.65 -12.37
CA LEU A 6 -0.95 -4.37 -10.97
C LEU A 6 -0.24 -5.39 -10.07
N LYS A 7 -0.31 -6.66 -10.44
CA LYS A 7 0.34 -7.69 -9.63
C LYS A 7 1.84 -7.42 -9.55
N GLU A 8 2.41 -6.87 -10.61
CA GLU A 8 3.85 -6.56 -10.62
C GLU A 8 4.14 -5.43 -9.64
N ALA A 9 3.39 -4.33 -9.76
CA ALA A 9 3.60 -3.20 -8.87
C ALA A 9 3.55 -3.67 -7.41
N PHE A 10 2.56 -4.46 -7.08
CA PHE A 10 2.42 -4.98 -5.72
C PHE A 10 3.69 -5.73 -5.34
N LYS A 11 4.22 -6.54 -6.27
CA LYS A 11 5.43 -7.31 -6.00
C LYS A 11 6.59 -6.38 -5.68
N VAL A 12 6.61 -5.21 -6.31
CA VAL A 12 7.69 -4.24 -6.07
C VAL A 12 7.58 -3.66 -4.65
N PHE A 13 6.38 -3.27 -4.26
CA PHE A 13 6.18 -2.71 -2.92
C PHE A 13 6.43 -3.76 -1.87
N ASP A 14 6.08 -5.01 -2.18
CA ASP A 14 6.26 -6.10 -1.23
C ASP A 14 7.76 -6.43 -1.07
N LYS A 15 8.54 -5.44 -0.62
CA LYS A 15 9.97 -5.67 -0.46
C LYS A 15 10.22 -6.91 0.40
N ASP A 16 9.52 -7.00 1.53
CA ASP A 16 9.69 -8.15 2.42
C ASP A 16 9.16 -9.40 1.74
N GLN A 17 8.52 -9.23 0.59
CA GLN A 17 7.96 -10.37 -0.12
C GLN A 17 7.10 -11.22 0.82
N ASN A 18 6.52 -10.60 1.83
CA ASN A 18 5.70 -11.33 2.79
C ASN A 18 4.25 -11.45 2.30
N GLY A 19 3.99 -10.99 1.09
CA GLY A 19 2.64 -11.07 0.54
C GLY A 19 1.76 -9.94 1.06
N TYR A 20 2.28 -9.17 2.02
CA TYR A 20 1.53 -8.06 2.61
C TYR A 20 2.36 -6.78 2.58
N ILE A 21 1.77 -5.66 2.17
CA ILE A 21 2.52 -4.40 2.14
C ILE A 21 2.51 -3.78 3.54
N SER A 22 3.69 -3.44 4.06
CA SER A 22 3.79 -2.85 5.40
C SER A 22 3.83 -1.33 5.32
N ALA A 23 3.43 -0.66 6.39
CA ALA A 23 3.44 0.80 6.39
C ALA A 23 4.81 1.32 5.95
N SER A 24 5.87 0.69 6.44
CA SER A 24 7.22 1.11 6.08
C SER A 24 7.43 1.00 4.56
N GLU A 25 6.87 -0.04 3.95
CA GLU A 25 7.01 -0.21 2.53
C GLU A 25 6.24 0.88 1.78
N LEU A 26 5.06 1.24 2.27
CA LEU A 26 4.26 2.28 1.64
C LEU A 26 5.00 3.62 1.68
N ARG A 27 5.62 3.91 2.81
CA ARG A 27 6.37 5.16 2.94
C ARG A 27 7.50 5.20 1.91
N HIS A 28 8.22 4.11 1.77
CA HIS A 28 9.31 4.05 0.81
C HIS A 28 8.76 4.35 -0.59
N VAL A 29 7.62 3.78 -0.91
CA VAL A 29 7.00 4.02 -2.21
C VAL A 29 6.64 5.50 -2.36
N MET A 30 6.04 6.07 -1.33
CA MET A 30 5.66 7.48 -1.37
C MET A 30 6.90 8.35 -1.58
N ILE A 31 7.98 8.04 -0.87
CA ILE A 31 9.21 8.81 -1.02
C ILE A 31 9.74 8.65 -2.45
N ASN A 32 9.73 7.43 -2.97
CA ASN A 32 10.20 7.19 -4.33
C ASN A 32 9.33 7.94 -5.32
N LEU A 33 8.04 8.05 -5.02
CA LEU A 33 7.13 8.76 -5.91
C LEU A 33 7.36 10.27 -5.84
N GLY A 34 8.24 10.69 -4.94
CA GLY A 34 8.53 12.12 -4.80
C GLY A 34 7.52 12.79 -3.88
N GLU A 35 6.82 11.98 -3.09
CA GLU A 35 5.83 12.50 -2.13
C GLU A 35 6.12 11.96 -0.73
N LYS A 36 5.91 12.78 0.29
CA LYS A 36 6.16 12.36 1.67
C LYS A 36 5.06 12.89 2.59
N LEU A 37 4.37 11.98 3.28
CA LEU A 37 3.29 12.37 4.19
C LEU A 37 3.73 12.12 5.63
N THR A 38 3.12 12.82 6.58
CA THR A 38 3.49 12.63 7.98
C THR A 38 3.02 11.25 8.45
N ASP A 39 3.49 10.80 9.61
CA ASP A 39 3.10 9.49 10.12
C ASP A 39 1.60 9.44 10.37
N GLU A 40 1.05 10.51 10.95
CA GLU A 40 -0.36 10.56 11.24
C GLU A 40 -1.18 10.29 9.98
N GLU A 41 -0.71 10.79 8.83
CA GLU A 41 -1.41 10.56 7.59
C GLU A 41 -1.22 9.11 7.13
N VAL A 42 0.03 8.65 7.14
CA VAL A 42 0.31 7.28 6.74
C VAL A 42 -0.38 6.30 7.68
N GLU A 43 -0.24 6.53 8.98
CA GLU A 43 -0.87 5.64 9.95
C GLU A 43 -2.39 5.61 9.73
N GLN A 44 -2.96 6.75 9.37
CA GLN A 44 -4.39 6.81 9.11
C GLN A 44 -4.74 6.09 7.82
N MET A 45 -3.86 6.19 6.82
CA MET A 45 -4.11 5.53 5.55
C MET A 45 -4.14 4.01 5.73
N ILE A 46 -3.18 3.49 6.48
CA ILE A 46 -3.13 2.06 6.73
C ILE A 46 -4.38 1.61 7.47
N LYS A 47 -4.70 2.33 8.54
CA LYS A 47 -5.88 2.01 9.34
C LYS A 47 -7.14 2.18 8.51
N GLU A 48 -7.22 3.26 7.75
CA GLU A 48 -8.38 3.52 6.91
C GLU A 48 -8.46 2.52 5.77
N ALA A 49 -7.30 2.17 5.23
CA ALA A 49 -7.26 1.21 4.12
C ALA A 49 -7.49 -0.21 4.61
N ASP A 50 -7.09 -0.48 5.85
CA ASP A 50 -7.24 -1.82 6.40
C ASP A 50 -8.69 -2.09 6.79
N LEU A 51 -9.28 -3.09 6.17
CA LEU A 51 -10.66 -3.44 6.47
C LEU A 51 -10.76 -4.18 7.81
N ASP A 52 -9.69 -4.85 8.20
CA ASP A 52 -9.69 -5.61 9.45
C ASP A 52 -8.71 -5.00 10.47
N GLY A 53 -8.34 -3.74 10.27
CA GLY A 53 -7.41 -3.11 11.20
C GLY A 53 -6.30 -4.08 11.63
N ASP A 54 -5.81 -4.90 10.70
CA ASP A 54 -4.75 -5.85 11.03
C ASP A 54 -3.40 -5.13 11.12
N GLY A 55 -3.34 -3.94 10.54
CA GLY A 55 -2.11 -3.16 10.57
C GLY A 55 -1.32 -3.37 9.28
N GLN A 56 -1.76 -4.35 8.50
CA GLN A 56 -1.10 -4.67 7.25
C GLN A 56 -2.04 -4.45 6.08
N VAL A 57 -1.55 -3.77 5.03
CA VAL A 57 -2.37 -3.54 3.86
C VAL A 57 -2.31 -4.78 2.97
N ASN A 58 -3.45 -5.43 2.74
CA ASN A 58 -3.48 -6.63 1.89
C ASN A 58 -3.86 -6.25 0.46
N TYR A 59 -3.73 -7.18 -0.47
CA TYR A 59 -4.06 -6.90 -1.87
C TYR A 59 -5.46 -6.32 -2.00
N GLU A 60 -6.45 -6.93 -1.32
CA GLU A 60 -7.82 -6.43 -1.41
C GLU A 60 -7.91 -4.97 -1.01
N GLU A 61 -7.26 -4.63 0.09
CA GLU A 61 -7.29 -3.25 0.53
C GLU A 61 -6.49 -2.37 -0.43
N PHE A 62 -5.39 -2.90 -0.94
CA PHE A 62 -4.57 -2.12 -1.85
C PHE A 62 -5.36 -1.80 -3.11
N VAL A 63 -5.84 -2.85 -3.76
CA VAL A 63 -6.61 -2.66 -4.99
C VAL A 63 -7.80 -1.77 -4.72
N LYS A 64 -8.46 -2.01 -3.59
CA LYS A 64 -9.60 -1.21 -3.21
C LYS A 64 -9.18 0.24 -2.99
N MET A 65 -8.13 0.43 -2.20
CA MET A 65 -7.62 1.78 -1.95
C MET A 65 -7.13 2.39 -3.25
N MET A 66 -6.51 1.54 -4.07
CA MET A 66 -6.00 2.00 -5.33
C MET A 66 -7.14 2.49 -6.21
N MET A 67 -8.26 1.75 -6.19
CA MET A 67 -9.42 2.13 -6.97
C MET A 67 -9.94 3.48 -6.51
N THR A 68 -9.90 3.71 -5.20
CA THR A 68 -10.38 4.97 -4.64
C THR A 68 -9.57 6.14 -5.19
N VAL A 69 -8.33 6.26 -4.76
CA VAL A 69 -7.46 7.33 -5.22
C VAL A 69 -7.21 7.20 -6.72
N ARG A 70 -6.92 5.99 -7.17
CA ARG A 70 -6.66 5.76 -8.59
C ARG A 70 -5.57 6.70 -9.09
N ASP A 1 -4.49 -5.62 -18.53
CA ASP A 1 -3.19 -4.93 -18.31
C ASP A 1 -3.18 -4.28 -16.92
N ALA A 2 -4.22 -3.53 -16.61
CA ALA A 2 -4.29 -2.87 -15.31
C ALA A 2 -4.14 -3.90 -14.19
N GLU A 3 -4.88 -5.00 -14.29
CA GLU A 3 -4.80 -6.04 -13.28
C GLU A 3 -3.42 -6.69 -13.29
N GLU A 4 -2.82 -6.79 -14.47
CA GLU A 4 -1.50 -7.38 -14.57
C GLU A 4 -0.48 -6.46 -13.91
N GLU A 5 -0.22 -5.32 -14.52
CA GLU A 5 0.74 -4.36 -13.96
C GLU A 5 0.47 -4.16 -12.48
N LEU A 6 -0.80 -4.12 -12.09
CA LEU A 6 -1.13 -3.93 -10.68
C LEU A 6 -0.57 -5.09 -9.84
N LYS A 7 -0.74 -6.31 -10.32
CA LYS A 7 -0.25 -7.46 -9.59
C LYS A 7 1.27 -7.40 -9.49
N GLU A 8 1.92 -6.93 -10.55
CA GLU A 8 3.37 -6.83 -10.55
C GLU A 8 3.82 -5.79 -9.54
N ALA A 9 3.26 -4.58 -9.64
CA ALA A 9 3.63 -3.52 -8.72
C ALA A 9 3.47 -4.00 -7.28
N PHE A 10 2.37 -4.68 -7.00
CA PHE A 10 2.12 -5.19 -5.65
C PHE A 10 3.28 -6.10 -5.23
N LYS A 11 3.71 -6.98 -6.12
CA LYS A 11 4.82 -7.86 -5.82
C LYS A 11 6.10 -7.07 -5.58
N VAL A 12 6.24 -5.93 -6.25
CA VAL A 12 7.43 -5.09 -6.08
C VAL A 12 7.29 -4.20 -4.85
N PHE A 13 6.06 -3.93 -4.45
CA PHE A 13 5.81 -3.09 -3.28
C PHE A 13 6.22 -3.81 -2.01
N ASP A 14 6.03 -5.11 -1.98
CA ASP A 14 6.37 -5.90 -0.80
C ASP A 14 7.88 -6.07 -0.67
N LYS A 15 8.54 -5.07 -0.10
CA LYS A 15 10.00 -5.16 0.08
C LYS A 15 10.34 -6.43 0.85
N ASP A 16 9.67 -6.66 1.97
CA ASP A 16 9.92 -7.85 2.77
C ASP A 16 9.40 -9.09 2.05
N GLN A 17 8.71 -8.87 0.94
CA GLN A 17 8.17 -9.98 0.17
C GLN A 17 7.42 -10.95 1.09
N ASN A 18 6.79 -10.41 2.13
CA ASN A 18 6.05 -11.25 3.08
C ASN A 18 4.61 -11.47 2.62
N GLY A 19 4.24 -10.88 1.49
CA GLY A 19 2.89 -11.03 0.96
C GLY A 19 1.96 -9.94 1.49
N TYR A 20 2.47 -9.10 2.39
CA TYR A 20 1.69 -8.01 2.98
C TYR A 20 2.46 -6.70 2.91
N ILE A 21 1.77 -5.61 2.54
CA ILE A 21 2.46 -4.32 2.48
C ILE A 21 2.42 -3.67 3.86
N SER A 22 3.59 -3.25 4.35
CA SER A 22 3.68 -2.63 5.68
C SER A 22 3.75 -1.11 5.56
N ALA A 23 3.33 -0.41 6.60
CA ALA A 23 3.35 1.05 6.57
C ALA A 23 4.74 1.54 6.18
N SER A 24 5.78 0.91 6.72
CA SER A 24 7.15 1.30 6.40
C SER A 24 7.41 1.15 4.90
N GLU A 25 6.94 0.06 4.30
CA GLU A 25 7.15 -0.15 2.90
C GLU A 25 6.41 0.92 2.09
N LEU A 26 5.23 1.31 2.54
CA LEU A 26 4.45 2.32 1.84
C LEU A 26 5.21 3.66 1.87
N ARG A 27 5.79 3.97 3.01
CA ARG A 27 6.54 5.22 3.15
C ARG A 27 7.70 5.25 2.15
N HIS A 28 8.44 4.16 2.08
CA HIS A 28 9.56 4.09 1.15
C HIS A 28 9.07 4.33 -0.28
N VAL A 29 7.94 3.73 -0.62
CA VAL A 29 7.39 3.92 -1.96
C VAL A 29 7.05 5.38 -2.18
N MET A 30 6.40 6.01 -1.20
CA MET A 30 6.02 7.41 -1.33
C MET A 30 7.27 8.26 -1.58
N ILE A 31 8.36 7.94 -0.89
CA ILE A 31 9.60 8.68 -1.08
C ILE A 31 10.13 8.46 -2.49
N ASN A 32 10.08 7.20 -2.95
CA ASN A 32 10.56 6.88 -4.29
C ASN A 32 9.74 7.62 -5.33
N LEU A 33 8.44 7.75 -5.08
CA LEU A 33 7.56 8.44 -6.00
C LEU A 33 7.76 9.95 -5.93
N GLY A 34 8.64 10.39 -5.06
CA GLY A 34 8.90 11.81 -4.91
C GLY A 34 7.82 12.49 -4.06
N GLU A 35 7.04 11.67 -3.35
CA GLU A 35 5.97 12.18 -2.48
C GLU A 35 6.27 11.82 -1.03
N LYS A 36 6.03 12.77 -0.12
CA LYS A 36 6.29 12.53 1.31
C LYS A 36 5.16 13.15 2.14
N LEU A 37 4.36 12.29 2.76
CA LEU A 37 3.25 12.75 3.59
C LEU A 37 3.59 12.58 5.07
N THR A 38 2.79 13.17 5.95
CA THR A 38 3.05 13.03 7.38
C THR A 38 2.68 11.62 7.84
N ASP A 39 3.20 11.21 8.99
CA ASP A 39 2.89 9.87 9.49
C ASP A 39 1.40 9.73 9.75
N GLU A 40 0.78 10.77 10.31
CA GLU A 40 -0.64 10.72 10.58
C GLU A 40 -1.43 10.41 9.33
N GLU A 41 -0.97 10.89 8.18
CA GLU A 41 -1.66 10.62 6.93
C GLU A 41 -1.42 9.18 6.50
N VAL A 42 -0.16 8.76 6.50
CA VAL A 42 0.18 7.39 6.12
C VAL A 42 -0.44 6.40 7.10
N GLU A 43 -0.32 6.69 8.39
CA GLU A 43 -0.88 5.82 9.41
C GLU A 43 -2.39 5.80 9.31
N GLN A 44 -3.00 6.96 9.08
CA GLN A 44 -4.44 7.03 8.95
C GLN A 44 -4.90 6.30 7.70
N MET A 45 -4.19 6.48 6.59
CA MET A 45 -4.54 5.81 5.36
C MET A 45 -4.34 4.31 5.50
N ILE A 46 -3.24 3.92 6.15
CA ILE A 46 -2.96 2.51 6.33
C ILE A 46 -4.08 1.86 7.15
N LYS A 47 -4.22 2.30 8.39
CA LYS A 47 -5.23 1.75 9.27
C LYS A 47 -6.60 1.79 8.62
N GLU A 48 -6.84 2.87 7.89
CA GLU A 48 -8.12 3.05 7.20
C GLU A 48 -8.20 2.13 5.99
N ALA A 49 -7.08 1.92 5.35
CA ALA A 49 -7.03 1.05 4.16
C ALA A 49 -7.28 -0.41 4.53
N ASP A 50 -6.84 -0.79 5.72
CA ASP A 50 -7.01 -2.17 6.17
C ASP A 50 -8.43 -2.46 6.57
N LEU A 51 -9.04 -3.44 5.92
CA LEU A 51 -10.41 -3.82 6.23
C LEU A 51 -10.47 -4.82 7.38
N ASP A 52 -9.40 -5.57 7.58
CA ASP A 52 -9.36 -6.59 8.63
C ASP A 52 -8.65 -6.08 9.88
N GLY A 53 -8.40 -4.78 9.94
CA GLY A 53 -7.72 -4.22 11.11
C GLY A 53 -6.52 -5.07 11.51
N ASP A 54 -5.97 -5.82 10.57
CA ASP A 54 -4.80 -6.66 10.86
C ASP A 54 -3.56 -5.80 11.06
N GLY A 55 -3.64 -4.55 10.60
CA GLY A 55 -2.52 -3.62 10.73
C GLY A 55 -1.69 -3.63 9.46
N GLN A 56 -2.03 -4.53 8.55
CA GLN A 56 -1.31 -4.67 7.31
C GLN A 56 -2.24 -4.49 6.12
N VAL A 57 -1.73 -3.85 5.07
CA VAL A 57 -2.54 -3.66 3.87
C VAL A 57 -2.37 -4.88 2.98
N ASN A 58 -3.47 -5.62 2.76
CA ASN A 58 -3.42 -6.81 1.90
C ASN A 58 -3.76 -6.44 0.46
N TYR A 59 -3.56 -7.36 -0.46
CA TYR A 59 -3.83 -7.08 -1.87
C TYR A 59 -5.24 -6.51 -2.05
N GLU A 60 -6.24 -7.15 -1.45
CA GLU A 60 -7.62 -6.67 -1.58
C GLU A 60 -7.74 -5.24 -1.08
N GLU A 61 -7.10 -4.94 0.04
CA GLU A 61 -7.17 -3.60 0.58
C GLU A 61 -6.38 -2.65 -0.31
N PHE A 62 -5.24 -3.12 -0.82
CA PHE A 62 -4.43 -2.27 -1.67
C PHE A 62 -5.20 -1.89 -2.94
N VAL A 63 -5.67 -2.90 -3.65
CA VAL A 63 -6.42 -2.66 -4.88
C VAL A 63 -7.64 -1.80 -4.56
N LYS A 64 -8.29 -2.10 -3.45
CA LYS A 64 -9.45 -1.35 -3.04
C LYS A 64 -9.07 0.10 -2.80
N MET A 65 -8.01 0.30 -2.02
CA MET A 65 -7.53 1.64 -1.72
C MET A 65 -7.11 2.32 -3.01
N MET A 66 -6.52 1.52 -3.89
CA MET A 66 -6.07 2.04 -5.16
C MET A 66 -7.26 2.50 -5.98
N MET A 67 -8.36 1.76 -5.91
CA MET A 67 -9.56 2.13 -6.64
C MET A 67 -10.10 3.45 -6.11
N THR A 68 -10.05 3.63 -4.81
CA THR A 68 -10.54 4.86 -4.19
C THR A 68 -9.99 6.08 -4.94
N VAL A 69 -8.99 5.86 -5.78
CA VAL A 69 -8.40 6.93 -6.55
C VAL A 69 -9.29 7.32 -7.72
N ARG A 70 -10.39 6.58 -7.89
CA ARG A 70 -11.31 6.87 -8.98
C ARG A 70 -11.75 8.33 -8.93
N ASP A 1 -4.40 -7.28 -18.15
CA ASP A 1 -3.18 -6.42 -17.96
C ASP A 1 -3.26 -5.71 -16.61
N ALA A 2 -4.41 -5.13 -16.29
CA ALA A 2 -4.55 -4.43 -15.02
C ALA A 2 -4.18 -5.35 -13.87
N GLU A 3 -4.72 -6.57 -13.88
CA GLU A 3 -4.42 -7.54 -12.83
C GLU A 3 -2.93 -7.86 -12.81
N GLU A 4 -2.30 -7.81 -13.98
CA GLU A 4 -0.87 -8.08 -14.05
C GLU A 4 -0.11 -6.92 -13.44
N GLU A 5 -0.17 -5.77 -14.09
CA GLU A 5 0.53 -4.59 -13.57
C GLU A 5 0.32 -4.46 -12.07
N LEU A 6 -0.91 -4.68 -11.60
CA LEU A 6 -1.19 -4.57 -10.18
C LEU A 6 -0.39 -5.60 -9.40
N LYS A 7 -0.36 -6.83 -9.90
CA LYS A 7 0.39 -7.89 -9.21
C LYS A 7 1.88 -7.54 -9.18
N GLU A 8 2.40 -7.02 -10.29
CA GLU A 8 3.80 -6.65 -10.35
C GLU A 8 4.08 -5.51 -9.37
N ALA A 9 3.32 -4.44 -9.50
CA ALA A 9 3.52 -3.29 -8.62
C ALA A 9 3.46 -3.76 -7.16
N PHE A 10 2.45 -4.55 -6.83
CA PHE A 10 2.33 -5.06 -5.47
C PHE A 10 3.59 -5.81 -5.08
N LYS A 11 4.11 -6.63 -5.98
CA LYS A 11 5.33 -7.39 -5.69
C LYS A 11 6.49 -6.44 -5.41
N VAL A 12 6.50 -5.28 -6.07
CA VAL A 12 7.58 -4.33 -5.85
C VAL A 12 7.48 -3.70 -4.45
N PHE A 13 6.28 -3.26 -4.08
CA PHE A 13 6.08 -2.66 -2.77
C PHE A 13 6.37 -3.67 -1.68
N ASP A 14 6.04 -4.93 -1.94
CA ASP A 14 6.26 -5.97 -0.95
C ASP A 14 7.74 -6.31 -0.83
N LYS A 15 8.56 -5.31 -0.48
CA LYS A 15 9.99 -5.55 -0.35
C LYS A 15 10.26 -6.81 0.45
N ASP A 16 9.54 -6.99 1.55
CA ASP A 16 9.71 -8.16 2.39
C ASP A 16 9.13 -9.39 1.69
N GLN A 17 8.47 -9.17 0.57
CA GLN A 17 7.88 -10.27 -0.17
C GLN A 17 7.07 -11.17 0.78
N ASN A 18 6.44 -10.58 1.78
CA ASN A 18 5.66 -11.36 2.75
C ASN A 18 4.21 -11.49 2.30
N GLY A 19 3.89 -10.96 1.12
CA GLY A 19 2.52 -11.05 0.61
C GLY A 19 1.66 -9.89 1.11
N TYR A 20 2.21 -9.11 2.05
CA TYR A 20 1.47 -7.96 2.60
C TYR A 20 2.35 -6.72 2.59
N ILE A 21 1.80 -5.58 2.18
CA ILE A 21 2.59 -4.35 2.16
C ILE A 21 2.57 -3.72 3.57
N SER A 22 3.76 -3.44 4.10
CA SER A 22 3.87 -2.86 5.45
C SER A 22 3.87 -1.33 5.37
N ALA A 23 3.51 -0.67 6.47
CA ALA A 23 3.50 0.79 6.48
C ALA A 23 4.85 1.32 6.01
N SER A 24 5.93 0.71 6.48
CA SER A 24 7.27 1.14 6.09
C SER A 24 7.44 1.04 4.57
N GLU A 25 6.92 -0.02 3.97
CA GLU A 25 7.02 -0.18 2.53
C GLU A 25 6.18 0.88 1.82
N LEU A 26 5.00 1.19 2.36
CA LEU A 26 4.13 2.20 1.76
C LEU A 26 4.87 3.54 1.68
N ARG A 27 5.60 3.86 2.74
CA ARG A 27 6.35 5.11 2.77
C ARG A 27 7.41 5.10 1.66
N HIS A 28 8.09 3.97 1.50
CA HIS A 28 9.11 3.86 0.46
C HIS A 28 8.50 4.21 -0.89
N VAL A 29 7.22 3.90 -1.05
CA VAL A 29 6.54 4.21 -2.30
C VAL A 29 6.26 5.71 -2.38
N MET A 30 5.78 6.29 -1.28
CA MET A 30 5.47 7.71 -1.27
C MET A 30 6.72 8.55 -1.52
N ILE A 31 7.79 8.24 -0.81
CA ILE A 31 9.04 8.98 -0.99
C ILE A 31 9.59 8.72 -2.39
N ASN A 32 9.54 7.46 -2.82
CA ASN A 32 10.04 7.11 -4.15
C ASN A 32 9.29 7.91 -5.21
N LEU A 33 8.01 8.15 -4.96
CA LEU A 33 7.20 8.92 -5.91
C LEU A 33 7.45 10.42 -5.75
N GLY A 34 8.31 10.79 -4.81
CA GLY A 34 8.61 12.20 -4.60
C GLY A 34 7.57 12.85 -3.70
N GLU A 35 6.85 12.02 -2.93
CA GLU A 35 5.82 12.53 -2.03
C GLU A 35 6.16 12.15 -0.58
N LYS A 36 6.00 13.08 0.35
CA LYS A 36 6.31 12.80 1.76
C LYS A 36 5.14 13.24 2.65
N LEU A 37 4.49 12.27 3.26
CA LEU A 37 3.35 12.57 4.15
C LEU A 37 3.75 12.32 5.60
N THR A 38 3.08 12.98 6.54
CA THR A 38 3.41 12.79 7.95
C THR A 38 3.11 11.35 8.36
N ASP A 39 3.71 10.88 9.46
CA ASP A 39 3.47 9.51 9.90
C ASP A 39 2.00 9.31 10.25
N GLU A 40 1.37 10.34 10.80
CA GLU A 40 -0.04 10.25 11.17
C GLU A 40 -0.91 10.05 9.92
N GLU A 41 -0.51 10.67 8.81
CA GLU A 41 -1.27 10.52 7.58
C GLU A 41 -1.09 9.12 7.03
N VAL A 42 0.14 8.63 6.99
CA VAL A 42 0.40 7.29 6.49
C VAL A 42 -0.30 6.26 7.35
N GLU A 43 -0.12 6.36 8.67
CA GLU A 43 -0.75 5.42 9.58
C GLU A 43 -2.26 5.41 9.37
N GLN A 44 -2.82 6.59 9.09
CA GLN A 44 -4.26 6.69 8.85
C GLN A 44 -4.65 5.97 7.57
N MET A 45 -3.80 6.06 6.54
CA MET A 45 -4.08 5.41 5.28
C MET A 45 -4.08 3.90 5.47
N ILE A 46 -3.13 3.38 6.23
CA ILE A 46 -3.07 1.94 6.47
C ILE A 46 -4.33 1.50 7.22
N LYS A 47 -4.67 2.21 8.27
CA LYS A 47 -5.86 1.88 9.06
C LYS A 47 -7.12 2.04 8.21
N GLU A 48 -7.19 3.13 7.46
CA GLU A 48 -8.34 3.38 6.62
C GLU A 48 -8.41 2.39 5.47
N ALA A 49 -7.25 2.03 4.94
CA ALA A 49 -7.19 1.09 3.83
C ALA A 49 -7.42 -0.33 4.31
N ASP A 50 -7.01 -0.62 5.54
CA ASP A 50 -7.18 -1.96 6.09
C ASP A 50 -8.61 -2.23 6.51
N LEU A 51 -9.20 -3.26 5.94
CA LEU A 51 -10.58 -3.61 6.28
C LEU A 51 -10.65 -4.38 7.58
N ASP A 52 -9.56 -5.05 7.95
CA ASP A 52 -9.54 -5.84 9.18
C ASP A 52 -8.61 -5.22 10.22
N GLY A 53 -8.29 -3.93 10.07
CA GLY A 53 -7.42 -3.28 11.03
C GLY A 53 -6.28 -4.21 11.48
N ASP A 54 -5.79 -5.05 10.57
CA ASP A 54 -4.70 -5.96 10.91
C ASP A 54 -3.38 -5.20 10.97
N GLY A 55 -3.34 -4.02 10.36
CA GLY A 55 -2.13 -3.21 10.35
C GLY A 55 -1.36 -3.43 9.06
N GLN A 56 -1.78 -4.45 8.30
CA GLN A 56 -1.12 -4.78 7.05
C GLN A 56 -2.06 -4.56 5.87
N VAL A 57 -1.56 -3.86 4.86
CA VAL A 57 -2.38 -3.62 3.68
C VAL A 57 -2.37 -4.87 2.81
N ASN A 58 -3.54 -5.46 2.55
CA ASN A 58 -3.59 -6.67 1.71
C ASN A 58 -3.92 -6.30 0.27
N TYR A 59 -3.70 -7.24 -0.66
CA TYR A 59 -3.96 -6.96 -2.06
C TYR A 59 -5.32 -6.28 -2.25
N GLU A 60 -6.37 -6.85 -1.67
CA GLU A 60 -7.71 -6.27 -1.82
C GLU A 60 -7.75 -4.84 -1.31
N GLU A 61 -7.15 -4.61 -0.16
CA GLU A 61 -7.14 -3.27 0.41
C GLU A 61 -6.35 -2.33 -0.48
N PHE A 62 -5.21 -2.79 -0.99
CA PHE A 62 -4.41 -1.95 -1.86
C PHE A 62 -5.20 -1.62 -3.12
N VAL A 63 -5.77 -2.65 -3.75
CA VAL A 63 -6.55 -2.44 -4.95
C VAL A 63 -7.71 -1.52 -4.64
N LYS A 64 -8.38 -1.77 -3.53
CA LYS A 64 -9.50 -0.95 -3.12
C LYS A 64 -9.03 0.48 -2.87
N MET A 65 -7.97 0.63 -2.10
CA MET A 65 -7.41 1.96 -1.82
C MET A 65 -6.93 2.58 -3.10
N MET A 66 -6.30 1.77 -3.93
CA MET A 66 -5.79 2.26 -5.20
C MET A 66 -6.94 2.59 -6.13
N MET A 67 -7.96 1.74 -6.15
CA MET A 67 -9.11 1.97 -6.99
C MET A 67 -9.84 3.23 -6.55
N THR A 68 -9.93 3.43 -5.24
CA THR A 68 -10.62 4.60 -4.71
C THR A 68 -10.02 5.88 -5.29
N VAL A 69 -8.82 6.22 -4.84
CA VAL A 69 -8.14 7.42 -5.34
C VAL A 69 -7.79 7.25 -6.81
N ARG A 70 -6.80 6.40 -7.09
CA ARG A 70 -6.38 6.16 -8.46
C ARG A 70 -5.43 4.97 -8.54
N ASP A 1 -4.10 -6.27 -18.38
CA ASP A 1 -2.84 -5.55 -18.01
C ASP A 1 -2.92 -5.06 -16.58
N ALA A 2 -4.05 -4.47 -16.22
CA ALA A 2 -4.21 -3.96 -14.86
C ALA A 2 -3.92 -5.07 -13.85
N GLU A 3 -4.51 -6.22 -14.06
CA GLU A 3 -4.31 -7.35 -13.15
C GLU A 3 -2.83 -7.70 -13.07
N GLU A 4 -2.13 -7.57 -14.20
CA GLU A 4 -0.69 -7.84 -14.22
C GLU A 4 0.04 -6.71 -13.50
N GLU A 5 -0.03 -5.51 -14.07
CA GLU A 5 0.63 -4.35 -13.47
C GLU A 5 0.41 -4.33 -11.96
N LEU A 6 -0.82 -4.55 -11.53
CA LEU A 6 -1.13 -4.55 -10.10
C LEU A 6 -0.35 -5.66 -9.39
N LYS A 7 -0.31 -6.84 -9.99
CA LYS A 7 0.42 -7.95 -9.39
C LYS A 7 1.92 -7.63 -9.34
N GLU A 8 2.45 -7.08 -10.43
CA GLU A 8 3.87 -6.74 -10.47
C GLU A 8 4.15 -5.57 -9.52
N ALA A 9 3.36 -4.51 -9.64
CA ALA A 9 3.54 -3.35 -8.79
C ALA A 9 3.49 -3.75 -7.33
N PHE A 10 2.47 -4.53 -6.97
CA PHE A 10 2.33 -4.99 -5.60
C PHE A 10 3.58 -5.76 -5.18
N LYS A 11 4.08 -6.59 -6.06
CA LYS A 11 5.27 -7.38 -5.77
C LYS A 11 6.46 -6.47 -5.49
N VAL A 12 6.50 -5.32 -6.15
CA VAL A 12 7.59 -4.37 -5.94
C VAL A 12 7.52 -3.76 -4.54
N PHE A 13 6.32 -3.34 -4.13
CA PHE A 13 6.13 -2.75 -2.81
C PHE A 13 6.37 -3.78 -1.72
N ASP A 14 6.02 -5.03 -2.01
CA ASP A 14 6.20 -6.10 -1.03
C ASP A 14 7.67 -6.47 -0.90
N LYS A 15 8.48 -5.48 -0.51
CA LYS A 15 9.92 -5.73 -0.38
C LYS A 15 10.15 -6.96 0.50
N ASP A 16 9.44 -7.04 1.62
CA ASP A 16 9.59 -8.16 2.53
C ASP A 16 9.05 -9.43 1.89
N GLN A 17 8.37 -9.27 0.77
CA GLN A 17 7.79 -10.40 0.07
C GLN A 17 6.94 -11.24 1.01
N ASN A 18 6.38 -10.60 2.03
CA ASN A 18 5.55 -11.30 3.01
C ASN A 18 4.10 -11.40 2.56
N GLY A 19 3.83 -10.94 1.34
CA GLY A 19 2.47 -10.99 0.81
C GLY A 19 1.62 -9.85 1.34
N TYR A 20 2.18 -9.05 2.25
CA TYR A 20 1.47 -7.92 2.84
C TYR A 20 2.32 -6.66 2.78
N ILE A 21 1.73 -5.53 2.40
CA ILE A 21 2.48 -4.28 2.34
C ILE A 21 2.47 -3.65 3.73
N SER A 22 3.66 -3.28 4.22
CA SER A 22 3.77 -2.67 5.55
C SER A 22 3.86 -1.16 5.45
N ALA A 23 3.55 -0.48 6.55
CA ALA A 23 3.59 0.98 6.54
C ALA A 23 4.95 1.45 6.03
N SER A 24 6.02 0.77 6.45
CA SER A 24 7.36 1.13 6.03
C SER A 24 7.45 1.10 4.51
N GLU A 25 6.83 0.10 3.89
CA GLU A 25 6.85 -0.01 2.44
C GLU A 25 5.96 1.06 1.81
N LEU A 26 4.82 1.35 2.44
CA LEU A 26 3.88 2.34 1.91
C LEU A 26 4.56 3.71 1.81
N ARG A 27 5.29 4.08 2.85
CA ARG A 27 5.97 5.37 2.84
C ARG A 27 7.12 5.33 1.84
N HIS A 28 7.83 4.20 1.78
CA HIS A 28 8.95 4.06 0.86
C HIS A 28 8.46 4.30 -0.56
N VAL A 29 7.30 3.75 -0.89
CA VAL A 29 6.75 3.92 -2.22
C VAL A 29 6.38 5.39 -2.45
N MET A 30 5.77 6.01 -1.44
CA MET A 30 5.38 7.41 -1.56
C MET A 30 6.60 8.28 -1.80
N ILE A 31 7.68 8.00 -1.08
CA ILE A 31 8.91 8.78 -1.25
C ILE A 31 9.48 8.56 -2.65
N ASN A 32 9.48 7.30 -3.09
CA ASN A 32 9.99 6.97 -4.41
C ASN A 32 9.20 7.71 -5.49
N LEU A 33 7.91 7.92 -5.23
CA LEU A 33 7.05 8.62 -6.18
C LEU A 33 7.19 10.14 -6.02
N GLY A 34 7.99 10.55 -5.07
CA GLY A 34 8.20 11.99 -4.82
C GLY A 34 7.14 12.53 -3.88
N GLU A 35 6.50 11.65 -3.12
CA GLU A 35 5.47 12.04 -2.18
C GLU A 35 5.89 11.67 -0.76
N LYS A 36 5.79 12.62 0.17
CA LYS A 36 6.18 12.38 1.56
C LYS A 36 5.14 12.96 2.51
N LEU A 37 4.50 12.08 3.28
CA LEU A 37 3.48 12.50 4.24
C LEU A 37 3.96 12.24 5.66
N THR A 38 3.34 12.87 6.64
CA THR A 38 3.76 12.68 8.03
C THR A 38 3.37 11.27 8.48
N ASP A 39 3.89 10.84 9.62
CA ASP A 39 3.58 9.51 10.11
C ASP A 39 2.09 9.38 10.42
N GLU A 40 1.51 10.45 10.96
CA GLU A 40 0.10 10.44 11.29
C GLU A 40 -0.75 10.30 10.02
N GLU A 41 -0.29 10.89 8.93
CA GLU A 41 -0.99 10.80 7.66
C GLU A 41 -0.90 9.39 7.09
N VAL A 42 0.31 8.83 7.09
CA VAL A 42 0.52 7.50 6.58
C VAL A 42 -0.23 6.49 7.45
N GLU A 43 -0.06 6.62 8.76
CA GLU A 43 -0.73 5.71 9.69
C GLU A 43 -2.23 5.76 9.46
N GLN A 44 -2.75 6.95 9.16
CA GLN A 44 -4.18 7.11 8.92
C GLN A 44 -4.59 6.34 7.67
N MET A 45 -3.77 6.42 6.62
CA MET A 45 -4.06 5.74 5.38
C MET A 45 -4.00 4.23 5.58
N ILE A 46 -2.99 3.76 6.31
CA ILE A 46 -2.84 2.33 6.56
C ILE A 46 -4.04 1.83 7.37
N LYS A 47 -4.39 2.59 8.40
CA LYS A 47 -5.52 2.25 9.25
C LYS A 47 -6.83 2.34 8.49
N GLU A 48 -6.96 3.39 7.69
CA GLU A 48 -8.17 3.60 6.91
C GLU A 48 -8.27 2.58 5.78
N ALA A 49 -7.12 2.24 5.22
CA ALA A 49 -7.09 1.28 4.11
C ALA A 49 -7.25 -0.15 4.61
N ASP A 50 -6.79 -0.40 5.83
CA ASP A 50 -6.88 -1.74 6.39
C ASP A 50 -8.29 -2.13 6.74
N LEU A 51 -8.85 -2.99 5.92
CA LEU A 51 -10.21 -3.46 6.13
C LEU A 51 -10.24 -4.68 7.06
N ASP A 52 -9.17 -5.47 7.04
CA ASP A 52 -9.11 -6.69 7.87
C ASP A 52 -8.77 -6.36 9.32
N GLY A 53 -8.35 -5.13 9.58
CA GLY A 53 -8.00 -4.74 10.93
C GLY A 53 -6.72 -5.42 11.40
N ASP A 54 -5.89 -5.86 10.45
CA ASP A 54 -4.63 -6.52 10.81
C ASP A 54 -3.50 -5.50 10.94
N GLY A 55 -3.74 -4.30 10.45
CA GLY A 55 -2.76 -3.22 10.54
C GLY A 55 -1.85 -3.25 9.32
N GLN A 56 -2.18 -4.13 8.38
CA GLN A 56 -1.40 -4.30 7.17
C GLN A 56 -2.26 -4.09 5.94
N VAL A 57 -1.67 -3.51 4.91
CA VAL A 57 -2.40 -3.28 3.66
C VAL A 57 -2.17 -4.47 2.74
N ASN A 58 -3.21 -5.27 2.53
CA ASN A 58 -3.11 -6.44 1.65
C ASN A 58 -3.55 -6.07 0.25
N TYR A 59 -3.43 -7.02 -0.68
CA TYR A 59 -3.79 -6.77 -2.07
C TYR A 59 -5.22 -6.24 -2.16
N GLU A 60 -6.13 -6.85 -1.40
CA GLU A 60 -7.54 -6.43 -1.44
C GLU A 60 -7.68 -4.98 -0.99
N GLU A 61 -7.03 -4.62 0.11
CA GLU A 61 -7.13 -3.25 0.58
C GLU A 61 -6.37 -2.32 -0.35
N PHE A 62 -5.23 -2.79 -0.86
CA PHE A 62 -4.43 -1.99 -1.77
C PHE A 62 -5.20 -1.71 -3.06
N VAL A 63 -5.68 -2.77 -3.71
CA VAL A 63 -6.41 -2.61 -4.95
C VAL A 63 -7.65 -1.77 -4.70
N LYS A 64 -8.35 -2.06 -3.61
CA LYS A 64 -9.54 -1.32 -3.25
C LYS A 64 -9.20 0.15 -3.04
N MET A 65 -8.18 0.40 -2.24
CA MET A 65 -7.74 1.78 -1.97
C MET A 65 -7.26 2.41 -3.26
N MET A 66 -6.60 1.60 -4.07
CA MET A 66 -6.09 2.07 -5.34
C MET A 66 -7.25 2.46 -6.25
N MET A 67 -8.32 1.67 -6.22
CA MET A 67 -9.49 1.95 -7.04
C MET A 67 -10.10 3.27 -6.62
N THR A 68 -10.04 3.56 -5.32
CA THR A 68 -10.60 4.81 -4.81
C THR A 68 -9.94 6.01 -5.48
N VAL A 69 -8.67 6.26 -5.13
CA VAL A 69 -7.93 7.38 -5.70
C VAL A 69 -7.64 7.13 -7.18
N ARG A 70 -7.76 5.87 -7.59
CA ARG A 70 -7.51 5.50 -8.98
C ARG A 70 -6.09 5.89 -9.39
N ASP A 1 -4.57 -6.96 -17.86
CA ASP A 1 -3.61 -5.82 -17.72
C ASP A 1 -3.65 -5.28 -16.30
N ALA A 2 -4.67 -4.52 -15.96
CA ALA A 2 -4.77 -3.96 -14.62
C ALA A 2 -4.49 -5.05 -13.59
N GLU A 3 -5.10 -6.22 -13.76
CA GLU A 3 -4.90 -7.31 -12.84
C GLU A 3 -3.43 -7.70 -12.78
N GLU A 4 -2.74 -7.55 -13.90
CA GLU A 4 -1.31 -7.86 -13.93
C GLU A 4 -0.54 -6.74 -13.24
N GLU A 5 -0.61 -5.54 -13.81
CA GLU A 5 0.09 -4.40 -13.23
C GLU A 5 -0.17 -4.34 -11.72
N LEU A 6 -1.43 -4.49 -11.31
CA LEU A 6 -1.75 -4.47 -9.90
C LEU A 6 -1.04 -5.60 -9.17
N LYS A 7 -1.08 -6.80 -9.75
CA LYS A 7 -0.42 -7.95 -9.14
C LYS A 7 1.09 -7.73 -9.10
N GLU A 8 1.64 -7.25 -10.21
CA GLU A 8 3.08 -7.01 -10.28
C GLU A 8 3.45 -5.84 -9.37
N ALA A 9 2.76 -4.72 -9.53
CA ALA A 9 3.05 -3.55 -8.71
C ALA A 9 3.01 -3.94 -7.25
N PHE A 10 2.02 -4.74 -6.86
CA PHE A 10 1.90 -5.18 -5.49
C PHE A 10 3.16 -5.95 -5.08
N LYS A 11 3.64 -6.81 -5.96
CA LYS A 11 4.85 -7.59 -5.67
C LYS A 11 6.04 -6.66 -5.44
N VAL A 12 6.05 -5.52 -6.12
CA VAL A 12 7.14 -4.55 -5.96
C VAL A 12 7.02 -3.85 -4.60
N PHE A 13 5.80 -3.49 -4.21
CA PHE A 13 5.59 -2.80 -2.94
C PHE A 13 6.04 -3.69 -1.78
N ASP A 14 5.83 -4.99 -1.93
CA ASP A 14 6.20 -5.92 -0.87
C ASP A 14 7.71 -6.09 -0.79
N LYS A 15 8.40 -5.04 -0.31
CA LYS A 15 9.85 -5.09 -0.21
C LYS A 15 10.26 -6.37 0.54
N ASP A 16 9.60 -6.64 1.66
CA ASP A 16 9.92 -7.82 2.45
C ASP A 16 9.33 -9.05 1.80
N GLN A 17 8.77 -8.88 0.60
CA GLN A 17 8.18 -10.01 -0.12
C GLN A 17 7.47 -10.96 0.84
N ASN A 18 6.91 -10.42 1.92
CA ASN A 18 6.24 -11.26 2.92
C ASN A 18 4.81 -11.56 2.51
N GLY A 19 4.36 -10.94 1.42
CA GLY A 19 3.00 -11.15 0.94
C GLY A 19 2.06 -10.04 1.40
N TYR A 20 2.56 -9.16 2.27
CA TYR A 20 1.76 -8.05 2.79
C TYR A 20 2.56 -6.75 2.75
N ILE A 21 1.92 -5.64 2.36
CA ILE A 21 2.63 -4.36 2.30
C ILE A 21 2.58 -3.72 3.69
N SER A 22 3.75 -3.31 4.20
CA SER A 22 3.82 -2.69 5.53
C SER A 22 3.82 -1.17 5.40
N ALA A 23 3.39 -0.48 6.46
CA ALA A 23 3.34 0.97 6.42
C ALA A 23 4.71 1.52 6.03
N SER A 24 5.77 0.94 6.58
CA SER A 24 7.13 1.40 6.25
C SER A 24 7.38 1.26 4.75
N GLU A 25 6.97 0.14 4.17
CA GLU A 25 7.17 -0.07 2.76
C GLU A 25 6.41 0.99 1.95
N LEU A 26 5.21 1.33 2.41
CA LEU A 26 4.40 2.32 1.72
C LEU A 26 5.12 3.68 1.73
N ARG A 27 5.71 4.02 2.87
CA ARG A 27 6.40 5.29 2.98
C ARG A 27 7.59 5.31 2.03
N HIS A 28 8.39 4.25 2.03
CA HIS A 28 9.55 4.19 1.15
C HIS A 28 9.13 4.48 -0.27
N VAL A 29 7.96 3.98 -0.65
CA VAL A 29 7.45 4.23 -2.00
C VAL A 29 7.19 5.72 -2.19
N MET A 30 6.61 6.36 -1.18
CA MET A 30 6.33 7.78 -1.28
C MET A 30 7.61 8.57 -1.51
N ILE A 31 8.67 8.21 -0.80
CA ILE A 31 9.94 8.91 -0.97
C ILE A 31 10.45 8.70 -2.39
N ASN A 32 10.42 7.44 -2.84
CA ASN A 32 10.88 7.12 -4.19
C ASN A 32 10.07 7.91 -5.21
N LEU A 33 8.79 8.11 -4.90
CA LEU A 33 7.92 8.85 -5.81
C LEU A 33 8.17 10.35 -5.69
N GLY A 34 9.05 10.73 -4.79
CA GLY A 34 9.38 12.14 -4.60
C GLY A 34 8.28 12.86 -3.81
N GLU A 35 7.43 12.07 -3.14
CA GLU A 35 6.33 12.62 -2.34
C GLU A 35 6.55 12.28 -0.87
N LYS A 36 6.25 13.22 0.01
CA LYS A 36 6.42 13.01 1.46
C LYS A 36 5.16 13.43 2.21
N LEU A 37 4.39 12.44 2.69
CA LEU A 37 3.16 12.72 3.42
C LEU A 37 3.44 12.71 4.92
N THR A 38 2.50 13.22 5.71
CA THR A 38 2.69 13.24 7.15
C THR A 38 2.60 11.82 7.71
N ASP A 39 3.27 11.55 8.83
CA ASP A 39 3.24 10.22 9.42
C ASP A 39 1.81 9.86 9.83
N GLU A 40 1.11 10.81 10.42
CA GLU A 40 -0.26 10.57 10.86
C GLU A 40 -1.16 10.30 9.65
N GLU A 41 -0.85 10.91 8.51
CA GLU A 41 -1.64 10.69 7.32
C GLU A 41 -1.44 9.26 6.82
N VAL A 42 -0.19 8.82 6.81
CA VAL A 42 0.11 7.47 6.34
C VAL A 42 -0.52 6.44 7.27
N GLU A 43 -0.38 6.65 8.57
CA GLU A 43 -0.96 5.73 9.54
C GLU A 43 -2.47 5.64 9.37
N GLN A 44 -3.10 6.79 9.16
CA GLN A 44 -4.55 6.82 8.96
C GLN A 44 -4.93 6.08 7.69
N MET A 45 -4.17 6.28 6.62
CA MET A 45 -4.46 5.61 5.36
C MET A 45 -4.30 4.11 5.52
N ILE A 46 -3.24 3.69 6.20
CA ILE A 46 -3.01 2.26 6.41
C ILE A 46 -4.14 1.66 7.23
N LYS A 47 -4.50 2.35 8.30
CA LYS A 47 -5.59 1.90 9.16
C LYS A 47 -6.92 1.92 8.41
N GLU A 48 -7.15 2.99 7.65
CA GLU A 48 -8.38 3.13 6.89
C GLU A 48 -8.42 2.15 5.74
N ALA A 49 -7.26 1.91 5.14
CA ALA A 49 -7.18 0.99 4.01
C ALA A 49 -7.32 -0.45 4.46
N ASP A 50 -6.86 -0.74 5.67
CA ASP A 50 -6.93 -2.10 6.19
C ASP A 50 -8.36 -2.52 6.46
N LEU A 51 -8.87 -3.41 5.63
CA LEU A 51 -10.22 -3.90 5.79
C LEU A 51 -10.28 -5.12 6.72
N ASP A 52 -9.22 -5.92 6.71
CA ASP A 52 -9.18 -7.12 7.53
C ASP A 52 -8.89 -6.79 8.99
N GLY A 53 -8.50 -5.55 9.27
CA GLY A 53 -8.20 -5.16 10.65
C GLY A 53 -6.94 -5.86 11.16
N ASP A 54 -6.00 -6.15 10.27
CA ASP A 54 -4.75 -6.81 10.67
C ASP A 54 -3.62 -5.79 10.79
N GLY A 55 -3.85 -4.59 10.26
CA GLY A 55 -2.85 -3.53 10.32
C GLY A 55 -1.95 -3.59 9.10
N GLN A 56 -2.19 -4.59 8.25
CA GLN A 56 -1.40 -4.78 7.05
C GLN A 56 -2.25 -4.54 5.80
N VAL A 57 -1.66 -3.86 4.82
CA VAL A 57 -2.38 -3.62 3.59
C VAL A 57 -2.25 -4.85 2.70
N ASN A 58 -3.36 -5.54 2.46
CA ASN A 58 -3.33 -6.74 1.60
C ASN A 58 -3.74 -6.39 0.18
N TYR A 59 -3.61 -7.34 -0.73
CA TYR A 59 -3.95 -7.09 -2.14
C TYR A 59 -5.33 -6.45 -2.27
N GLU A 60 -6.33 -7.01 -1.60
CA GLU A 60 -7.68 -6.46 -1.66
C GLU A 60 -7.72 -5.02 -1.17
N GLU A 61 -7.06 -4.75 -0.05
CA GLU A 61 -7.04 -3.40 0.48
C GLU A 61 -6.23 -2.50 -0.43
N PHE A 62 -5.11 -3.01 -0.93
CA PHE A 62 -4.26 -2.22 -1.82
C PHE A 62 -5.07 -1.85 -3.06
N VAL A 63 -5.72 -2.84 -3.66
CA VAL A 63 -6.53 -2.59 -4.84
C VAL A 63 -7.64 -1.61 -4.49
N LYS A 64 -8.32 -1.87 -3.37
CA LYS A 64 -9.40 -1.01 -2.92
C LYS A 64 -8.86 0.40 -2.66
N MET A 65 -7.74 0.47 -1.95
CA MET A 65 -7.12 1.75 -1.64
C MET A 65 -6.70 2.43 -2.93
N MET A 66 -6.18 1.62 -3.84
CA MET A 66 -5.73 2.14 -5.13
C MET A 66 -6.93 2.67 -5.91
N MET A 67 -8.06 1.99 -5.79
CA MET A 67 -9.27 2.42 -6.48
C MET A 67 -9.71 3.79 -5.98
N THR A 68 -9.59 4.00 -4.67
CA THR A 68 -9.98 5.27 -4.08
C THR A 68 -9.37 6.43 -4.86
N VAL A 69 -8.36 6.13 -5.67
CA VAL A 69 -7.70 7.15 -6.48
C VAL A 69 -8.48 7.41 -7.76
N ARG A 70 -9.54 6.63 -7.98
CA ARG A 70 -10.36 6.80 -9.18
C ARG A 70 -11.61 7.63 -8.85
N ASP A 1 -4.50 -6.61 -18.78
CA ASP A 1 -3.10 -6.34 -18.34
C ASP A 1 -3.11 -5.55 -17.02
N ALA A 2 -4.22 -4.89 -16.72
CA ALA A 2 -4.30 -4.12 -15.48
C ALA A 2 -3.97 -5.02 -14.29
N GLU A 3 -4.58 -6.19 -14.24
CA GLU A 3 -4.34 -7.11 -13.15
C GLU A 3 -2.88 -7.56 -13.13
N GLU A 4 -2.25 -7.55 -14.30
CA GLU A 4 -0.84 -7.95 -14.38
C GLU A 4 0.02 -6.84 -13.77
N GLU A 5 0.07 -5.70 -14.45
CA GLU A 5 0.89 -4.59 -13.97
C GLU A 5 0.65 -4.37 -12.47
N LEU A 6 -0.60 -4.42 -12.04
CA LEU A 6 -0.90 -4.23 -10.62
C LEU A 6 -0.24 -5.31 -9.78
N LYS A 7 -0.34 -6.56 -10.23
CA LYS A 7 0.28 -7.65 -9.50
C LYS A 7 1.79 -7.46 -9.41
N GLU A 8 2.39 -6.93 -10.48
CA GLU A 8 3.82 -6.69 -10.48
C GLU A 8 4.18 -5.57 -9.51
N ALA A 9 3.47 -4.44 -9.62
CA ALA A 9 3.74 -3.32 -8.74
C ALA A 9 3.66 -3.78 -7.27
N PHE A 10 2.62 -4.53 -6.95
CA PHE A 10 2.46 -5.05 -5.60
C PHE A 10 3.70 -5.85 -5.20
N LYS A 11 4.20 -6.68 -6.13
CA LYS A 11 5.38 -7.49 -5.86
C LYS A 11 6.58 -6.59 -5.53
N VAL A 12 6.63 -5.41 -6.14
CA VAL A 12 7.74 -4.50 -5.89
C VAL A 12 7.65 -3.92 -4.47
N PHE A 13 6.46 -3.49 -4.08
CA PHE A 13 6.28 -2.92 -2.75
C PHE A 13 6.51 -3.99 -1.68
N ASP A 14 6.13 -5.23 -2.00
CA ASP A 14 6.30 -6.32 -1.05
C ASP A 14 7.79 -6.66 -0.86
N LYS A 15 8.57 -5.68 -0.42
CA LYS A 15 10.00 -5.92 -0.23
C LYS A 15 10.21 -7.18 0.60
N ASP A 16 9.49 -7.30 1.71
CA ASP A 16 9.63 -8.47 2.56
C ASP A 16 9.07 -9.70 1.87
N GLN A 17 8.43 -9.49 0.73
CA GLN A 17 7.85 -10.60 -0.02
C GLN A 17 6.99 -11.48 0.92
N ASN A 18 6.35 -10.86 1.91
CA ASN A 18 5.55 -11.61 2.86
C ASN A 18 4.08 -11.65 2.42
N GLY A 19 3.79 -11.17 1.21
CA GLY A 19 2.43 -11.17 0.70
C GLY A 19 1.64 -9.98 1.25
N TYR A 20 2.23 -9.26 2.20
CA TYR A 20 1.56 -8.10 2.81
C TYR A 20 2.48 -6.88 2.75
N ILE A 21 1.95 -5.72 2.35
CA ILE A 21 2.78 -4.51 2.30
C ILE A 21 2.80 -3.88 3.69
N SER A 22 4.00 -3.66 4.23
CA SER A 22 4.15 -3.06 5.57
C SER A 22 4.11 -1.54 5.48
N ALA A 23 3.74 -0.88 6.58
CA ALA A 23 3.68 0.58 6.58
C ALA A 23 5.01 1.16 6.10
N SER A 24 6.12 0.60 6.58
CA SER A 24 7.44 1.07 6.17
C SER A 24 7.60 0.95 4.64
N GLU A 25 7.08 -0.13 4.07
CA GLU A 25 7.19 -0.32 2.63
C GLU A 25 6.33 0.71 1.90
N LEU A 26 5.14 1.01 2.43
CA LEU A 26 4.27 1.99 1.80
C LEU A 26 4.94 3.37 1.79
N ARG A 27 5.57 3.73 2.90
CA ARG A 27 6.26 5.01 2.98
C ARG A 27 7.32 5.11 1.88
N HIS A 28 8.11 4.04 1.72
CA HIS A 28 9.14 4.04 0.68
C HIS A 28 8.50 4.31 -0.68
N VAL A 29 7.35 3.71 -0.91
CA VAL A 29 6.65 3.90 -2.18
C VAL A 29 6.27 5.38 -2.34
N MET A 30 5.70 5.97 -1.30
CA MET A 30 5.31 7.37 -1.37
C MET A 30 6.53 8.25 -1.67
N ILE A 31 7.64 7.97 -0.99
CA ILE A 31 8.86 8.75 -1.24
C ILE A 31 9.31 8.56 -2.68
N ASN A 32 9.27 7.32 -3.16
CA ASN A 32 9.69 7.03 -4.53
C ASN A 32 8.78 7.75 -5.52
N LEU A 33 7.50 7.81 -5.19
CA LEU A 33 6.54 8.49 -6.07
C LEU A 33 6.77 10.00 -6.08
N GLY A 34 7.69 10.46 -5.26
CA GLY A 34 7.99 11.89 -5.20
C GLY A 34 7.02 12.62 -4.27
N GLU A 35 6.32 11.85 -3.42
CA GLU A 35 5.37 12.42 -2.47
C GLU A 35 5.76 12.01 -1.05
N LYS A 36 5.66 12.94 -0.10
CA LYS A 36 6.01 12.65 1.29
C LYS A 36 4.90 13.10 2.22
N LEU A 37 4.24 12.15 2.88
CA LEU A 37 3.15 12.48 3.81
C LEU A 37 3.62 12.25 5.24
N THR A 38 3.00 12.95 6.19
CA THR A 38 3.40 12.80 7.60
C THR A 38 3.02 11.39 8.08
N ASP A 39 3.57 10.96 9.21
CA ASP A 39 3.26 9.63 9.72
C ASP A 39 1.77 9.51 10.05
N GLU A 40 1.20 10.57 10.63
CA GLU A 40 -0.22 10.57 10.97
C GLU A 40 -1.07 10.27 9.74
N GLU A 41 -0.66 10.79 8.58
CA GLU A 41 -1.40 10.55 7.36
C GLU A 41 -1.23 9.10 6.91
N VAL A 42 0.01 8.63 6.89
CA VAL A 42 0.28 7.26 6.49
C VAL A 42 -0.37 6.28 7.46
N GLU A 43 -0.20 6.52 8.76
CA GLU A 43 -0.78 5.64 9.76
C GLU A 43 -2.30 5.67 9.66
N GLN A 44 -2.86 6.86 9.42
CA GLN A 44 -4.31 6.98 9.29
C GLN A 44 -4.79 6.32 7.99
N MET A 45 -4.01 6.48 6.92
CA MET A 45 -4.40 5.92 5.64
C MET A 45 -4.41 4.40 5.71
N ILE A 46 -3.40 3.83 6.37
CA ILE A 46 -3.33 2.38 6.51
C ILE A 46 -4.52 1.87 7.34
N LYS A 47 -4.76 2.54 8.46
CA LYS A 47 -5.87 2.18 9.33
C LYS A 47 -7.20 2.34 8.61
N GLU A 48 -7.34 3.44 7.87
CA GLU A 48 -8.55 3.70 7.12
C GLU A 48 -8.67 2.75 5.95
N ALA A 49 -7.53 2.38 5.37
CA ALA A 49 -7.53 1.48 4.22
C ALA A 49 -7.56 0.03 4.67
N ASP A 50 -7.00 -0.24 5.85
CA ASP A 50 -6.96 -1.61 6.36
C ASP A 50 -8.37 -2.16 6.56
N LEU A 51 -8.88 -2.84 5.56
CA LEU A 51 -10.21 -3.41 5.65
C LEU A 51 -10.25 -4.62 6.59
N ASP A 52 -9.18 -5.40 6.58
CA ASP A 52 -9.12 -6.61 7.42
C ASP A 52 -8.86 -6.25 8.88
N GLY A 53 -8.52 -5.00 9.15
CA GLY A 53 -8.25 -4.58 10.53
C GLY A 53 -6.99 -5.27 11.07
N ASP A 54 -6.03 -5.57 10.20
CA ASP A 54 -4.80 -6.23 10.63
C ASP A 54 -3.68 -5.20 10.77
N GLY A 55 -3.93 -3.99 10.28
CA GLY A 55 -2.94 -2.93 10.36
C GLY A 55 -1.96 -3.03 9.21
N GLN A 56 -2.19 -3.99 8.33
CA GLN A 56 -1.33 -4.21 7.19
C GLN A 56 -2.07 -3.92 5.89
N VAL A 57 -1.36 -3.33 4.92
CA VAL A 57 -1.98 -3.04 3.64
C VAL A 57 -1.75 -4.23 2.71
N ASN A 58 -2.77 -5.08 2.55
CA ASN A 58 -2.63 -6.27 1.69
C ASN A 58 -3.22 -5.99 0.31
N TYR A 59 -3.26 -7.01 -0.54
CA TYR A 59 -3.78 -6.83 -1.89
C TYR A 59 -5.19 -6.23 -1.87
N GLU A 60 -6.07 -6.77 -1.03
CA GLU A 60 -7.45 -6.29 -0.99
C GLU A 60 -7.52 -4.82 -0.60
N GLU A 61 -6.88 -4.47 0.49
CA GLU A 61 -6.89 -3.09 0.94
C GLU A 61 -6.14 -2.21 -0.04
N PHE A 62 -5.03 -2.72 -0.58
CA PHE A 62 -4.25 -1.94 -1.53
C PHE A 62 -5.11 -1.64 -2.76
N VAL A 63 -5.71 -2.69 -3.31
CA VAL A 63 -6.54 -2.51 -4.49
C VAL A 63 -7.69 -1.55 -4.16
N LYS A 64 -8.32 -1.78 -3.03
CA LYS A 64 -9.42 -0.93 -2.60
C LYS A 64 -8.91 0.49 -2.39
N MET A 65 -7.82 0.63 -1.64
CA MET A 65 -7.24 1.94 -1.40
C MET A 65 -6.76 2.54 -2.71
N MET A 66 -6.17 1.69 -3.53
CA MET A 66 -5.66 2.14 -4.80
C MET A 66 -6.81 2.68 -5.66
N MET A 67 -7.96 2.00 -5.60
CA MET A 67 -9.11 2.43 -6.36
C MET A 67 -9.63 3.76 -5.84
N THR A 68 -9.63 3.91 -4.53
CA THR A 68 -10.10 5.14 -3.90
C THR A 68 -9.35 6.35 -4.46
N VAL A 69 -8.19 6.08 -5.06
CA VAL A 69 -7.38 7.16 -5.63
C VAL A 69 -8.20 8.00 -6.59
N ARG A 70 -8.94 7.35 -7.49
CA ARG A 70 -9.77 8.07 -8.44
C ARG A 70 -10.78 8.94 -7.71
N ASP A 1 -4.28 -7.79 -17.97
CA ASP A 1 -3.21 -6.75 -18.02
C ASP A 1 -3.25 -5.89 -16.76
N ALA A 2 -4.43 -5.40 -16.42
CA ALA A 2 -4.57 -4.57 -15.24
C ALA A 2 -4.05 -5.31 -14.01
N GLU A 3 -4.48 -6.56 -13.84
CA GLU A 3 -4.05 -7.35 -12.70
C GLU A 3 -2.56 -7.65 -12.79
N GLU A 4 -2.07 -7.83 -14.01
CA GLU A 4 -0.66 -8.11 -14.20
C GLU A 4 0.16 -6.96 -13.61
N GLU A 5 0.15 -5.82 -14.28
CA GLU A 5 0.90 -4.67 -13.80
C GLU A 5 0.69 -4.47 -12.31
N LEU A 6 -0.56 -4.54 -11.85
CA LEU A 6 -0.84 -4.36 -10.43
C LEU A 6 -0.16 -5.46 -9.62
N LYS A 7 -0.24 -6.69 -10.10
CA LYS A 7 0.38 -7.81 -9.40
C LYS A 7 1.88 -7.62 -9.33
N GLU A 8 2.46 -7.11 -10.41
CA GLU A 8 3.90 -6.88 -10.44
C GLU A 8 4.27 -5.72 -9.51
N ALA A 9 3.57 -4.61 -9.66
CA ALA A 9 3.84 -3.45 -8.82
C ALA A 9 3.76 -3.84 -7.35
N PHE A 10 2.70 -4.55 -6.98
CA PHE A 10 2.53 -4.99 -5.60
C PHE A 10 3.75 -5.79 -5.15
N LYS A 11 4.22 -6.68 -6.01
CA LYS A 11 5.38 -7.49 -5.69
C LYS A 11 6.62 -6.61 -5.48
N VAL A 12 6.66 -5.49 -6.17
CA VAL A 12 7.80 -4.57 -6.04
C VAL A 12 7.76 -3.86 -4.67
N PHE A 13 6.60 -3.36 -4.30
CA PHE A 13 6.46 -2.67 -3.03
C PHE A 13 6.67 -3.61 -1.87
N ASP A 14 6.26 -4.86 -2.05
CA ASP A 14 6.40 -5.84 -0.99
C ASP A 14 7.80 -6.43 -0.94
N LYS A 15 8.80 -5.56 -0.82
CA LYS A 15 10.19 -6.03 -0.77
C LYS A 15 10.29 -7.28 0.13
N ASP A 16 9.51 -7.28 1.21
CA ASP A 16 9.51 -8.41 2.13
C ASP A 16 8.92 -9.65 1.47
N GLN A 17 8.16 -9.43 0.40
CA GLN A 17 7.55 -10.54 -0.32
C GLN A 17 6.72 -11.40 0.63
N ASN A 18 6.13 -10.78 1.65
CA ASN A 18 5.32 -11.51 2.63
C ASN A 18 3.85 -11.54 2.22
N GLY A 19 3.55 -11.04 1.03
CA GLY A 19 2.18 -11.03 0.53
C GLY A 19 1.39 -9.84 1.10
N TYR A 20 2.03 -9.07 1.99
CA TYR A 20 1.39 -7.91 2.60
C TYR A 20 2.32 -6.70 2.57
N ILE A 21 1.80 -5.53 2.24
CA ILE A 21 2.63 -4.33 2.21
C ILE A 21 2.64 -3.71 3.61
N SER A 22 3.84 -3.47 4.15
CA SER A 22 3.98 -2.90 5.49
C SER A 22 4.13 -1.38 5.41
N ALA A 23 3.92 -0.70 6.54
CA ALA A 23 4.05 0.75 6.56
C ALA A 23 5.40 1.16 5.99
N SER A 24 6.46 0.46 6.40
CA SER A 24 7.80 0.76 5.90
C SER A 24 7.85 0.66 4.37
N GLU A 25 7.15 -0.32 3.82
CA GLU A 25 7.12 -0.49 2.38
C GLU A 25 6.19 0.56 1.75
N LEU A 26 5.05 0.83 2.40
CA LEU A 26 4.10 1.80 1.86
C LEU A 26 4.75 3.20 1.79
N ARG A 27 5.42 3.59 2.86
CA ARG A 27 6.07 4.89 2.89
C ARG A 27 7.19 4.93 1.85
N HIS A 28 7.97 3.85 1.76
CA HIS A 28 9.05 3.79 0.81
C HIS A 28 8.53 4.10 -0.59
N VAL A 29 7.35 3.58 -0.89
CA VAL A 29 6.74 3.84 -2.19
C VAL A 29 6.39 5.32 -2.32
N MET A 30 5.90 5.92 -1.23
CA MET A 30 5.52 7.32 -1.27
C MET A 30 6.75 8.19 -1.57
N ILE A 31 7.86 7.90 -0.90
CA ILE A 31 9.08 8.65 -1.13
C ILE A 31 9.55 8.45 -2.57
N ASN A 32 9.53 7.20 -3.02
CA ASN A 32 9.96 6.90 -4.38
C ASN A 32 9.06 7.62 -5.37
N LEU A 33 7.79 7.74 -5.03
CA LEU A 33 6.84 8.41 -5.91
C LEU A 33 7.00 9.93 -5.84
N GLY A 34 7.87 10.38 -4.96
CA GLY A 34 8.12 11.81 -4.83
C GLY A 34 7.07 12.45 -3.91
N GLU A 35 6.37 11.61 -3.15
CA GLU A 35 5.34 12.10 -2.23
C GLU A 35 5.75 11.79 -0.79
N LYS A 36 5.61 12.77 0.10
CA LYS A 36 5.99 12.59 1.51
C LYS A 36 4.87 13.11 2.42
N LEU A 37 4.18 12.19 3.10
CA LEU A 37 3.09 12.57 4.01
C LEU A 37 3.52 12.37 5.44
N THR A 38 2.82 12.98 6.37
CA THR A 38 3.17 12.84 7.78
C THR A 38 2.82 11.44 8.25
N ASP A 39 3.36 11.02 9.39
CA ASP A 39 3.09 9.68 9.91
C ASP A 39 1.60 9.53 10.22
N GLU A 40 1.00 10.59 10.75
CA GLU A 40 -0.42 10.55 11.09
C GLU A 40 -1.26 10.30 9.84
N GLU A 41 -0.81 10.82 8.71
CA GLU A 41 -1.54 10.61 7.46
C GLU A 41 -1.37 9.18 6.97
N VAL A 42 -0.13 8.71 6.93
CA VAL A 42 0.13 7.34 6.48
C VAL A 42 -0.56 6.34 7.41
N GLU A 43 -0.40 6.53 8.72
CA GLU A 43 -1.01 5.64 9.69
C GLU A 43 -2.53 5.67 9.53
N GLN A 44 -3.07 6.86 9.28
CA GLN A 44 -4.51 6.99 9.10
C GLN A 44 -4.96 6.33 7.80
N MET A 45 -4.19 6.51 6.74
CA MET A 45 -4.53 5.92 5.47
C MET A 45 -4.47 4.40 5.55
N ILE A 46 -3.44 3.87 6.19
CA ILE A 46 -3.30 2.43 6.33
C ILE A 46 -4.45 1.89 7.20
N LYS A 47 -4.70 2.58 8.30
CA LYS A 47 -5.77 2.17 9.21
C LYS A 47 -7.12 2.29 8.53
N GLU A 48 -7.30 3.36 7.78
CA GLU A 48 -8.55 3.59 7.07
C GLU A 48 -8.68 2.62 5.90
N ALA A 49 -7.54 2.30 5.29
CA ALA A 49 -7.55 1.39 4.14
C ALA A 49 -7.55 -0.06 4.60
N ASP A 50 -7.00 -0.32 5.78
CA ASP A 50 -6.95 -1.68 6.29
C ASP A 50 -8.32 -2.17 6.71
N LEU A 51 -8.84 -3.14 5.98
CA LEU A 51 -10.14 -3.70 6.30
C LEU A 51 -10.04 -4.87 7.28
N ASP A 52 -8.87 -5.51 7.32
CA ASP A 52 -8.67 -6.66 8.21
C ASP A 52 -8.32 -6.22 9.62
N GLY A 53 -8.15 -4.92 9.83
CA GLY A 53 -7.82 -4.43 11.16
C GLY A 53 -6.43 -4.87 11.59
N ASP A 54 -5.79 -5.73 10.79
CA ASP A 54 -4.46 -6.22 11.12
C ASP A 54 -3.46 -5.07 11.09
N GLY A 55 -3.87 -3.95 10.51
CA GLY A 55 -3.00 -2.78 10.42
C GLY A 55 -2.04 -2.93 9.27
N GLN A 56 -2.30 -3.91 8.42
CA GLN A 56 -1.44 -4.18 7.27
C GLN A 56 -2.17 -3.86 5.97
N VAL A 57 -1.43 -3.32 5.01
CA VAL A 57 -2.03 -3.01 3.71
C VAL A 57 -1.89 -4.23 2.81
N ASN A 58 -2.98 -4.95 2.58
CA ASN A 58 -2.94 -6.14 1.74
C ASN A 58 -3.40 -5.80 0.32
N TYR A 59 -3.26 -6.75 -0.60
CA TYR A 59 -3.64 -6.50 -1.98
C TYR A 59 -5.07 -5.98 -2.07
N GLU A 60 -6.00 -6.60 -1.33
CA GLU A 60 -7.40 -6.18 -1.36
C GLU A 60 -7.54 -4.73 -0.92
N GLU A 61 -6.88 -4.37 0.17
CA GLU A 61 -6.97 -3.00 0.65
C GLU A 61 -6.19 -2.08 -0.29
N PHE A 62 -5.06 -2.56 -0.79
CA PHE A 62 -4.26 -1.75 -1.70
C PHE A 62 -5.04 -1.44 -2.96
N VAL A 63 -5.53 -2.49 -3.62
CA VAL A 63 -6.28 -2.30 -4.85
C VAL A 63 -7.51 -1.45 -4.57
N LYS A 64 -8.18 -1.75 -3.48
CA LYS A 64 -9.37 -1.00 -3.10
C LYS A 64 -9.01 0.45 -2.83
N MET A 65 -7.99 0.65 -2.02
CA MET A 65 -7.52 2.01 -1.70
C MET A 65 -7.02 2.66 -2.96
N MET A 66 -6.35 1.87 -3.77
CA MET A 66 -5.80 2.37 -5.02
C MET A 66 -6.92 2.92 -5.89
N MET A 67 -8.09 2.27 -5.83
CA MET A 67 -9.22 2.73 -6.60
C MET A 67 -9.82 3.99 -5.98
N THR A 68 -9.98 3.96 -4.66
CA THR A 68 -10.55 5.11 -3.96
C THR A 68 -9.94 6.41 -4.44
N VAL A 69 -8.79 6.31 -5.08
CA VAL A 69 -8.10 7.49 -5.58
C VAL A 69 -9.00 8.28 -6.51
N ARG A 70 -9.71 7.59 -7.40
CA ARG A 70 -10.62 8.27 -8.31
C ARG A 70 -11.57 7.26 -8.95
#